data_5IIO
#
_entry.id   5IIO
#
_cell.length_a   191.423
_cell.length_b   98.980
_cell.length_c   105.034
_cell.angle_alpha   90.00
_cell.angle_beta   90.00
_cell.angle_gamma   90.00
#
_symmetry.space_group_name_H-M   'P 21 21 2'
#
loop_
_entity.id
_entity.type
_entity.pdbx_description
1 polymer "DNA (5'-D(*CP*GP*GP*CP*(8OG)P*GP*TP*AP*CP*TP*G)-3')"
2 polymer "DNA (5'-D(*CP*AP*GP*TP*AP*C)-3')"
3 polymer "DNA (5'-D(P*GP*CP*CP*G)-3')"
4 polymer 'DNA polymerase lambda'
5 non-polymer 'SODIUM ION'
6 water water
#
loop_
_entity_poly.entity_id
_entity_poly.type
_entity_poly.pdbx_seq_one_letter_code
_entity_poly.pdbx_strand_id
1 'polydeoxyribonucleotide' (DC)(DG)(DG)(DC)(8OG)(DG)(DT)(DA)(DC)(DT)(DG) B,F,J,N
2 'polydeoxyribonucleotide' (DC)(DA)(DG)(DT)(DA)(DC) C,G,K,O
3 'polydeoxyribonucleotide' (DG)(DC)(DC)(DG) D,H,L,P
4 'polypeptide(L)'
;AQPSSQKATNHNLHITEKLEVLAKAYSVQGDKWRALGYAKAINALKSFHKPVTSYQEACSIPGIGKRMAEKIIEILESGH
LRKLDHISESVPVLELFSNIWGAGTKTAQMWYQQGFRSLEDIRSQASLTTQQAIGLKHYSDFLERMPREEATEIEQTVQK
AAQAFNSGLLCVACGSYRRGKATCGDVDVLITHPDGRSHRGIFSRLLDSLRQEGFLTDDLVSQEENGQQQKYLGVCRLPG
PGRRHRRLDIIVVPYSEFACALLYFTGSAHFNRSMRALAKTKGMSLSEHALSTAVVRNTHGCKVGPGRVLPTPTEKDVFR
LLGLPYREPAERDW
;
A,E,I,M
#
loop_
_chem_comp.id
_chem_comp.type
_chem_comp.name
_chem_comp.formula
8OG DNA linking 8-OXO-2'-DEOXY-GUANOSINE-5'-MONOPHOSPHATE 'C10 H14 N5 O8 P'
DA DNA linking 2'-DEOXYADENOSINE-5'-MONOPHOSPHATE 'C10 H14 N5 O6 P'
DC DNA linking 2'-DEOXYCYTIDINE-5'-MONOPHOSPHATE 'C9 H14 N3 O7 P'
DG DNA linking 2'-DEOXYGUANOSINE-5'-MONOPHOSPHATE 'C10 H14 N5 O7 P'
DT DNA linking THYMIDINE-5'-MONOPHOSPHATE 'C10 H15 N2 O8 P'
NA non-polymer 'SODIUM ION' 'Na 1'
#
# COMPACT_ATOMS: atom_id res chain seq x y z
P 8OG A 5 -13.66 -17.92 -13.07
OP1 8OG A 5 -13.76 -16.56 -12.40
OP2 8OG A 5 -14.12 -17.91 -14.51
O5' 8OG A 5 -12.18 -18.47 -12.92
C5' 8OG A 5 -11.95 -19.79 -13.36
C4' 8OG A 5 -10.75 -19.82 -14.25
O4' 8OG A 5 -11.00 -18.90 -15.58
C3' 8OG A 5 -9.71 -19.37 -13.63
O3' 8OG A 5 -8.71 -20.41 -13.94
C2' 8OG A 5 -9.36 -18.00 -14.29
C1' 8OG A 5 -9.88 -18.24 -15.72
N9 8OG A 5 -10.13 -17.05 -16.47
C8 8OG A 5 -9.75 -16.96 -17.89
N7 8OG A 5 -10.18 -15.63 -18.35
C5 8OG A 5 -10.77 -15.00 -17.24
C6 8OG A 5 -11.38 -13.65 -17.15
O6 8OG A 5 -11.39 -12.93 -18.13
N1 8OG A 5 -11.91 -13.22 -15.92
C2 8OG A 5 -11.87 -14.10 -14.77
N2 8OG A 5 -12.42 -13.68 -13.53
N3 8OG A 5 -11.31 -15.41 -14.88
C4 8OG A 5 -10.75 -15.84 -16.13
O8 8OG A 5 -9.21 -17.85 -18.50
P 8OG D 5 -8.46 3.53 37.86
OP1 8OG D 5 -9.49 2.59 37.24
OP2 8OG D 5 -8.80 3.93 39.29
O5' 8OG D 5 -6.99 2.96 37.79
C5' 8OG D 5 -5.94 3.69 38.37
C4' 8OG D 5 -5.10 2.89 39.32
O4' 8OG D 5 -6.03 2.40 40.55
C3' 8OG D 5 -4.54 1.83 38.80
O3' 8OG D 5 -3.13 1.89 39.25
C2' 8OG D 5 -5.28 0.61 39.44
C1' 8OG D 5 -5.61 1.20 40.83
N9 8OG D 5 -6.68 0.60 41.53
C8 8OG D 5 -6.63 0.37 42.98
N7 8OG D 5 -7.92 -0.23 43.36
C5 8OG D 5 -8.68 -0.31 42.19
C6 8OG D 5 -10.06 -0.83 42.02
O6 8OG D 5 -10.68 -1.25 43.00
N1 8OG D 5 -10.63 -0.80 40.72
C2 8OG D 5 -9.88 -0.28 39.60
N2 8OG D 5 -10.43 -0.26 38.29
N3 8OG D 5 -8.53 0.22 39.79
C4 8OG D 5 -7.96 0.19 41.09
O8 8OG D 5 -5.69 0.61 43.69
P 8OG G 5 9.43 20.50 13.72
OP1 8OG G 5 9.83 21.83 14.29
OP2 8OG G 5 9.39 20.50 12.21
O5' 8OG G 5 10.42 19.41 14.32
C5' 8OG G 5 10.28 18.02 14.10
C4' 8OG G 5 11.66 17.47 13.81
O4' 8OG G 5 12.19 18.06 12.41
C3' 8OG G 5 12.56 17.73 14.73
O3' 8OG G 5 13.27 16.43 14.99
C2' 8OG G 5 13.55 18.74 14.07
C1' 8OG G 5 13.47 18.31 12.60
N9 8OG G 5 13.92 19.28 11.63
C8 8OG G 5 14.74 18.94 10.46
N7 8OG G 5 14.94 20.20 9.70
C5 8OG G 5 14.26 21.20 10.43
C6 8OG G 5 14.14 22.65 10.12
O6 8OG G 5 14.67 23.14 9.13
N1 8OG G 5 13.39 23.48 10.98
C2 8OG G 5 12.76 22.90 12.14
N2 8OG G 5 12.03 23.75 13.01
N3 8OG G 5 12.88 21.50 12.45
C4 8OG G 5 13.64 20.65 11.56
O8 8OG G 5 15.16 17.83 10.16
P 8OG J 5 18.58 -26.25 -18.48
OP1 8OG J 5 18.45 -27.02 -19.76
OP2 8OG J 5 19.33 -24.96 -18.61
O5' 8OG J 5 17.15 -26.10 -17.83
C5' 8OG J 5 16.97 -25.33 -16.67
C4' 8OG J 5 15.70 -24.54 -16.84
O4' 8OG J 5 15.99 -23.30 -17.82
C3' 8OG J 5 14.67 -25.21 -17.36
O3' 8OG J 5 13.52 -24.76 -16.55
C2' 8OG J 5 14.54 -24.67 -18.82
C1' 8OG J 5 14.96 -23.20 -18.62
N9 8OG J 5 15.36 -22.47 -19.81
C8 8OG J 5 15.09 -21.04 -20.07
N7 8OG J 5 15.69 -20.71 -21.37
C5 8OG J 5 16.28 -21.88 -21.84
C6 8OG J 5 17.04 -22.16 -23.09
O6 8OG J 5 17.22 -21.27 -23.90
N1 8OG J 5 17.55 -23.46 -23.34
C2 8OG J 5 17.33 -24.49 -22.36
N2 8OG J 5 17.80 -25.81 -22.55
N3 8OG J 5 16.59 -24.22 -21.16
C4 8OG J 5 16.08 -22.92 -20.92
O8 8OG J 5 14.49 -20.29 -19.34
N ALA M 8 -37.85 -11.57 -20.83
CA ALA M 8 -38.50 -12.01 -19.60
C ALA M 8 -38.92 -10.81 -18.75
N THR M 9 -39.56 -11.09 -17.61
CA THR M 9 -40.09 -10.04 -16.75
C THR M 9 -39.91 -10.38 -15.27
N ASN M 10 -39.52 -9.38 -14.48
CA ASN M 10 -39.26 -9.58 -13.07
C ASN M 10 -40.55 -9.56 -12.24
N HIS M 11 -40.86 -10.70 -11.63
CA HIS M 11 -42.05 -10.80 -10.78
C HIS M 11 -41.68 -10.62 -9.31
N ASN M 12 -40.39 -10.38 -9.06
CA ASN M 12 -39.88 -10.29 -7.70
C ASN M 12 -39.12 -8.99 -7.45
N LEU M 13 -39.71 -7.87 -7.88
CA LEU M 13 -38.99 -6.61 -7.97
C LEU M 13 -38.51 -6.09 -6.64
N HIS M 14 -39.43 -5.97 -5.70
CA HIS M 14 -39.09 -5.42 -4.40
C HIS M 14 -38.02 -6.27 -3.70
N ILE M 15 -38.00 -7.56 -4.00
CA ILE M 15 -36.99 -8.48 -3.50
C ILE M 15 -35.62 -8.21 -4.13
N THR M 16 -35.54 -8.26 -5.45
CA THR M 16 -34.26 -8.08 -6.14
C THR M 16 -33.68 -6.69 -5.98
N GLU M 17 -34.53 -5.71 -5.75
CA GLU M 17 -34.08 -4.36 -5.48
C GLU M 17 -33.31 -4.35 -4.18
N LYS M 18 -33.86 -5.00 -3.17
CA LYS M 18 -33.20 -5.05 -1.89
C LYS M 18 -31.89 -5.85 -2.00
N LEU M 19 -31.93 -7.00 -2.66
CA LEU M 19 -30.73 -7.83 -2.78
C LEU M 19 -29.60 -7.09 -3.49
N GLU M 20 -29.95 -6.30 -4.51
CA GLU M 20 -28.96 -5.52 -5.26
C GLU M 20 -28.24 -4.51 -4.37
N VAL M 21 -28.94 -3.97 -3.38
CA VAL M 21 -28.30 -3.08 -2.42
C VAL M 21 -27.21 -3.79 -1.64
N LEU M 22 -27.56 -4.96 -1.11
CA LEU M 22 -26.61 -5.79 -0.41
C LEU M 22 -25.44 -6.22 -1.32
N ALA M 23 -25.78 -6.60 -2.56
CA ALA M 23 -24.76 -7.08 -3.48
C ALA M 23 -23.72 -5.99 -3.74
N LYS M 24 -24.18 -4.77 -3.95
CA LYS M 24 -23.28 -3.67 -4.29
C LYS M 24 -22.41 -3.30 -3.10
N ALA M 25 -22.96 -3.47 -1.90
CA ALA M 25 -22.21 -3.20 -0.68
C ALA M 25 -21.02 -4.16 -0.58
N TYR M 26 -21.29 -5.44 -0.78
CA TYR M 26 -20.22 -6.45 -0.73
C TYR M 26 -19.15 -6.17 -1.78
N SER M 27 -19.59 -5.76 -2.96
CA SER M 27 -18.68 -5.50 -4.08
C SER M 27 -17.70 -4.39 -3.76
N VAL M 28 -18.20 -3.23 -3.36
CA VAL M 28 -17.32 -2.09 -3.10
C VAL M 28 -16.47 -2.29 -1.85
N GLN M 29 -16.88 -3.19 -0.97
CA GLN M 29 -16.07 -3.56 0.17
C GLN M 29 -15.05 -4.64 -0.19
N GLY M 30 -15.13 -5.14 -1.41
CA GLY M 30 -14.11 -6.03 -1.91
C GLY M 30 -14.40 -7.50 -1.72
N ASP M 31 -15.58 -7.80 -1.19
CA ASP M 31 -16.01 -9.18 -1.05
C ASP M 31 -16.57 -9.68 -2.39
N LYS M 32 -15.68 -9.92 -3.35
CA LYS M 32 -16.10 -10.18 -4.72
C LYS M 32 -16.81 -11.52 -4.89
N TRP M 33 -16.40 -12.53 -4.14
CA TRP M 33 -17.00 -13.85 -4.28
C TRP M 33 -18.42 -13.84 -3.76
N ARG M 34 -18.62 -13.18 -2.63
CA ARG M 34 -19.95 -13.05 -2.07
C ARG M 34 -20.82 -12.25 -3.03
N ALA M 35 -20.26 -11.19 -3.61
CA ALA M 35 -21.02 -10.37 -4.57
C ALA M 35 -21.41 -11.21 -5.78
N LEU M 36 -20.49 -12.06 -6.24
CA LEU M 36 -20.75 -12.94 -7.37
C LEU M 36 -21.97 -13.82 -7.11
N GLY M 37 -21.95 -14.47 -5.96
CA GLY M 37 -23.05 -15.33 -5.55
C GLY M 37 -24.37 -14.58 -5.50
N TYR M 38 -24.33 -13.33 -5.09
CA TYR M 38 -25.54 -12.50 -5.09
C TYR M 38 -26.00 -12.23 -6.52
N ALA M 39 -25.06 -11.92 -7.41
CA ALA M 39 -25.39 -11.65 -8.81
C ALA M 39 -26.13 -12.83 -9.46
N LYS M 40 -25.61 -14.04 -9.30
CA LYS M 40 -26.26 -15.24 -9.80
C LYS M 40 -27.70 -15.38 -9.29
N ALA M 41 -27.86 -15.22 -7.97
CA ALA M 41 -29.18 -15.35 -7.36
C ALA M 41 -30.14 -14.26 -7.84
N ILE M 42 -29.60 -13.07 -8.05
CA ILE M 42 -30.41 -11.93 -8.46
C ILE M 42 -30.90 -12.14 -9.89
N ASN M 43 -30.07 -12.75 -10.72
CA ASN M 43 -30.46 -13.05 -12.09
C ASN M 43 -31.62 -14.04 -12.10
N ALA M 44 -31.40 -15.16 -11.42
CA ALA M 44 -32.37 -16.22 -11.31
C ALA M 44 -33.75 -15.72 -10.87
N LEU M 45 -33.78 -14.76 -9.97
CA LEU M 45 -35.05 -14.24 -9.45
C LEU M 45 -35.86 -13.48 -10.50
N LYS M 46 -35.17 -12.67 -11.30
CA LYS M 46 -35.84 -11.87 -12.31
C LYS M 46 -36.42 -12.75 -13.42
N SER M 47 -35.58 -13.64 -13.95
CA SER M 47 -36.04 -14.60 -14.95
C SER M 47 -36.65 -15.83 -14.27
N PHE M 48 -37.78 -15.63 -13.59
CA PHE M 48 -38.49 -16.72 -12.92
C PHE M 48 -39.99 -16.61 -13.18
N HIS M 49 -40.60 -17.72 -13.58
CA HIS M 49 -41.98 -17.75 -14.08
C HIS M 49 -43.01 -17.06 -13.20
N LYS M 50 -42.72 -16.95 -11.91
CA LYS M 50 -43.69 -16.52 -10.93
C LYS M 50 -43.03 -15.61 -9.90
N PRO M 51 -43.82 -14.86 -9.11
CA PRO M 51 -43.22 -14.37 -7.86
C PRO M 51 -42.85 -15.56 -6.97
N VAL M 52 -41.90 -15.37 -6.07
CA VAL M 52 -41.54 -16.47 -5.18
C VAL M 52 -42.47 -16.43 -3.98
N THR M 53 -43.06 -17.55 -3.64
CA THR M 53 -43.99 -17.53 -2.53
C THR M 53 -43.59 -18.41 -1.36
N SER M 54 -42.54 -19.22 -1.52
CA SER M 54 -42.08 -20.03 -0.38
C SER M 54 -40.57 -20.29 -0.38
N TYR M 55 -40.06 -20.60 0.80
CA TYR M 55 -38.66 -20.95 1.00
C TYR M 55 -38.27 -22.15 0.15
N GLN M 56 -39.09 -23.20 0.19
CA GLN M 56 -38.82 -24.41 -0.59
C GLN M 56 -38.71 -24.09 -2.07
N GLU M 57 -39.64 -23.28 -2.57
CA GLU M 57 -39.59 -22.89 -3.97
C GLU M 57 -38.31 -22.10 -4.23
N ALA M 58 -37.94 -21.23 -3.31
CA ALA M 58 -36.72 -20.44 -3.52
C ALA M 58 -35.50 -21.34 -3.64
N CYS M 59 -35.40 -22.35 -2.78
CA CYS M 59 -34.24 -23.25 -2.78
C CYS M 59 -34.19 -24.17 -4.01
N SER M 60 -35.30 -24.32 -4.71
CA SER M 60 -35.33 -25.20 -5.88
C SER M 60 -34.59 -24.55 -7.03
N ILE M 61 -34.42 -23.24 -6.94
CA ILE M 61 -33.77 -22.48 -7.99
C ILE M 61 -32.26 -22.61 -7.89
N PRO M 62 -31.63 -23.08 -8.97
CA PRO M 62 -30.18 -23.12 -9.08
C PRO M 62 -29.59 -21.73 -8.84
N GLY M 63 -28.72 -21.58 -7.85
CA GLY M 63 -28.15 -20.28 -7.56
C GLY M 63 -28.71 -19.66 -6.29
N ILE M 64 -29.67 -20.36 -5.67
CA ILE M 64 -30.27 -19.91 -4.42
C ILE M 64 -30.23 -21.04 -3.38
N GLY M 65 -29.44 -20.85 -2.32
CA GLY M 65 -29.38 -21.84 -1.25
C GLY M 65 -30.09 -21.33 -0.01
N LYS M 66 -29.87 -21.99 1.11
CA LYS M 66 -30.48 -21.59 2.38
C LYS M 66 -30.36 -20.09 2.67
N ARG M 67 -29.16 -19.56 2.59
CA ARG M 67 -28.91 -18.20 3.05
C ARG M 67 -29.64 -17.18 2.19
N MET M 68 -29.64 -17.40 0.87
CA MET M 68 -30.29 -16.45 -0.01
C MET M 68 -31.81 -16.57 0.12
N ALA M 69 -32.30 -17.81 0.15
CA ALA M 69 -33.73 -18.05 0.35
C ALA M 69 -34.24 -17.39 1.64
N GLU M 70 -33.51 -17.53 2.74
CA GLU M 70 -33.87 -16.86 3.99
C GLU M 70 -34.14 -15.38 3.80
N LYS M 71 -33.28 -14.72 3.03
CA LYS M 71 -33.38 -13.27 2.85
C LYS M 71 -34.56 -12.93 1.95
N ILE M 72 -34.70 -13.72 0.90
CA ILE M 72 -35.80 -13.61 -0.04
C ILE M 72 -37.13 -13.67 0.68
N ILE M 73 -37.33 -14.71 1.49
CA ILE M 73 -38.56 -14.88 2.22
C ILE M 73 -38.77 -13.80 3.29
N GLU M 74 -37.68 -13.32 3.89
CA GLU M 74 -37.81 -12.22 4.84
C GLU M 74 -38.39 -10.98 4.15
N ILE M 75 -37.88 -10.70 2.96
CA ILE M 75 -38.36 -9.58 2.19
C ILE M 75 -39.81 -9.79 1.78
N LEU M 76 -40.07 -10.96 1.19
CA LEU M 76 -41.40 -11.35 0.77
C LEU M 76 -42.46 -11.14 1.85
N GLU M 77 -42.13 -11.53 3.08
CA GLU M 77 -43.12 -11.47 4.14
C GLU M 77 -43.19 -10.10 4.81
N SER M 78 -42.04 -9.51 5.12
CA SER M 78 -42.00 -8.28 5.92
C SER M 78 -41.89 -7.02 5.07
N GLY M 79 -41.59 -7.19 3.78
CA GLY M 79 -41.30 -6.06 2.92
C GLY M 79 -39.92 -5.41 3.14
N HIS M 80 -39.21 -5.83 4.19
CA HIS M 80 -37.90 -5.25 4.48
C HIS M 80 -36.79 -6.31 4.64
N LEU M 81 -35.55 -5.86 4.51
CA LEU M 81 -34.38 -6.69 4.76
C LEU M 81 -33.50 -5.99 5.79
N ARG M 82 -33.45 -6.57 6.99
CA ARG M 82 -32.81 -5.91 8.13
C ARG M 82 -31.32 -5.65 7.91
N LYS M 83 -30.67 -6.55 7.17
CA LYS M 83 -29.22 -6.48 7.00
C LYS M 83 -28.83 -5.17 6.31
N LEU M 84 -29.79 -4.58 5.59
CA LEU M 84 -29.54 -3.29 4.96
C LEU M 84 -29.34 -2.20 6.01
N ASP M 85 -29.95 -2.36 7.17
CA ASP M 85 -29.84 -1.36 8.23
C ASP M 85 -28.52 -1.44 9.00
N HIS M 86 -27.70 -2.42 8.68
CA HIS M 86 -26.39 -2.55 9.31
C HIS M 86 -25.25 -2.46 8.29
N ILE M 87 -25.51 -1.75 7.19
CA ILE M 87 -24.51 -1.60 6.15
C ILE M 87 -23.67 -0.35 6.42
N SER M 88 -22.35 -0.53 6.44
CA SER M 88 -21.43 0.57 6.74
C SER M 88 -21.79 1.84 6.00
N GLU M 89 -21.55 2.96 6.66
CA GLU M 89 -21.88 4.27 6.12
C GLU M 89 -20.86 4.69 5.06
N SER M 90 -19.76 3.94 5.02
CA SER M 90 -18.69 4.16 4.08
C SER M 90 -19.04 3.73 2.65
N VAL M 91 -20.01 2.84 2.54
CA VAL M 91 -20.30 2.21 1.25
C VAL M 91 -20.55 3.22 0.10
N PRO M 92 -21.39 4.25 0.32
CA PRO M 92 -21.58 5.17 -0.81
C PRO M 92 -20.30 5.89 -1.27
N VAL M 93 -19.38 6.12 -0.34
CA VAL M 93 -18.12 6.80 -0.69
C VAL M 93 -17.16 5.82 -1.35
N LEU M 94 -17.15 4.57 -0.88
CA LEU M 94 -16.30 3.56 -1.49
C LEU M 94 -16.74 3.36 -2.95
N GLU M 95 -18.04 3.40 -3.20
CA GLU M 95 -18.55 3.24 -4.54
C GLU M 95 -18.13 4.43 -5.41
N LEU M 96 -18.19 5.62 -4.82
CA LEU M 96 -17.77 6.84 -5.52
C LEU M 96 -16.32 6.75 -5.96
N PHE M 97 -15.48 6.31 -5.03
CA PHE M 97 -14.05 6.24 -5.29
C PHE M 97 -13.71 5.16 -6.32
N SER M 98 -14.41 4.03 -6.25
CA SER M 98 -14.09 2.92 -7.12
C SER M 98 -14.76 3.06 -8.50
N ASN M 99 -15.56 4.11 -8.67
CA ASN M 99 -16.10 4.47 -9.98
C ASN M 99 -15.04 5.17 -10.80
N ILE M 100 -13.91 5.43 -10.18
CA ILE M 100 -12.75 5.97 -10.87
C ILE M 100 -11.97 4.85 -11.55
N TRP M 101 -11.83 4.94 -12.86
CA TRP M 101 -11.13 3.91 -13.60
C TRP M 101 -9.70 3.78 -13.09
N GLY M 102 -9.31 2.58 -12.68
CA GLY M 102 -7.97 2.34 -12.18
C GLY M 102 -7.93 2.28 -10.65
N ALA M 103 -9.01 2.68 -10.00
CA ALA M 103 -9.12 2.52 -8.55
C ALA M 103 -10.17 1.45 -8.21
N GLY M 104 -9.75 0.40 -7.51
CA GLY M 104 -10.66 -0.63 -7.04
C GLY M 104 -10.88 -0.49 -5.55
N THR M 105 -11.28 -1.57 -4.90
CA THR M 105 -11.65 -1.51 -3.49
C THR M 105 -10.47 -1.21 -2.56
N LYS M 106 -9.28 -1.70 -2.87
CA LYS M 106 -8.15 -1.44 -1.97
C LYS M 106 -7.81 0.04 -1.96
N THR M 107 -7.75 0.65 -3.13
CA THR M 107 -7.47 2.06 -3.24
C THR M 107 -8.59 2.86 -2.59
N ALA M 108 -9.82 2.41 -2.78
CA ALA M 108 -10.99 3.11 -2.21
C ALA M 108 -10.95 3.06 -0.68
N GLN M 109 -10.67 1.89 -0.11
CA GLN M 109 -10.47 1.78 1.33
C GLN M 109 -9.37 2.73 1.81
N MET M 110 -8.19 2.67 1.18
CA MET M 110 -7.06 3.51 1.58
C MET M 110 -7.44 4.99 1.61
N TRP M 111 -8.10 5.47 0.57
CA TRP M 111 -8.51 6.86 0.53
C TRP M 111 -9.54 7.19 1.62
N TYR M 112 -10.43 6.23 1.92
CA TYR M 112 -11.46 6.48 2.91
C TYR M 112 -10.82 6.57 4.28
N GLN M 113 -9.86 5.68 4.55
CA GLN M 113 -9.15 5.69 5.81
C GLN M 113 -8.33 6.96 5.98
N GLN M 114 -7.89 7.55 4.87
CA GLN M 114 -7.19 8.82 4.93
C GLN M 114 -8.15 9.98 5.16
N GLY M 115 -9.44 9.67 5.30
CA GLY M 115 -10.43 10.67 5.58
C GLY M 115 -11.05 11.36 4.38
N PHE M 116 -10.71 10.92 3.17
CA PHE M 116 -11.32 11.51 1.97
C PHE M 116 -12.77 11.08 1.80
N ARG M 117 -13.61 11.98 1.29
CA ARG M 117 -15.02 11.70 1.24
C ARG M 117 -15.62 12.07 -0.11
N SER M 118 -14.87 12.83 -0.90
CA SER M 118 -15.43 13.40 -2.13
C SER M 118 -14.41 13.35 -3.26
N LEU M 119 -14.88 13.55 -4.49
CA LEU M 119 -13.96 13.54 -5.62
C LEU M 119 -13.02 14.71 -5.50
N GLU M 120 -13.54 15.84 -5.02
CA GLU M 120 -12.71 17.01 -4.78
C GLU M 120 -11.60 16.71 -3.78
N ASP M 121 -11.93 15.99 -2.72
CA ASP M 121 -10.91 15.48 -1.79
C ASP M 121 -9.82 14.71 -2.54
N ILE M 122 -10.24 13.79 -3.40
CA ILE M 122 -9.31 12.97 -4.17
C ILE M 122 -8.48 13.88 -5.06
N ARG M 123 -9.15 14.79 -5.74
CA ARG M 123 -8.47 15.62 -6.72
C ARG M 123 -7.44 16.57 -6.09
N SER M 124 -7.68 16.96 -4.84
CA SER M 124 -6.80 17.90 -4.12
C SER M 124 -5.69 17.23 -3.34
N GLN M 125 -5.96 16.07 -2.76
CA GLN M 125 -5.05 15.52 -1.76
C GLN M 125 -4.67 14.06 -1.94
N ALA M 126 -5.34 13.35 -2.84
CA ALA M 126 -5.02 11.94 -3.00
C ALA M 126 -3.84 11.74 -3.94
N SER M 127 -2.98 10.78 -3.62
CA SER M 127 -1.98 10.37 -4.58
C SER M 127 -2.72 9.57 -5.65
N LEU M 128 -2.42 9.81 -6.91
CA LEU M 128 -3.17 9.20 -8.02
C LEU M 128 -2.21 8.58 -9.01
N THR M 129 -2.48 7.34 -9.41
CA THR M 129 -1.68 6.75 -10.50
C THR M 129 -1.97 7.52 -11.79
N THR M 130 -1.11 7.33 -12.79
CA THR M 130 -1.34 7.93 -14.09
C THR M 130 -2.72 7.54 -14.64
N GLN M 131 -3.09 6.28 -14.48
CA GLN M 131 -4.38 5.80 -15.00
C GLN M 131 -5.54 6.40 -14.21
N GLN M 132 -5.41 6.45 -12.88
CA GLN M 132 -6.45 6.98 -12.02
C GLN M 132 -6.68 8.46 -12.26
N ALA M 133 -5.63 9.19 -12.61
CA ALA M 133 -5.79 10.62 -12.87
C ALA M 133 -6.64 10.84 -14.10
N ILE M 134 -6.45 9.98 -15.10
CA ILE M 134 -7.25 10.06 -16.32
C ILE M 134 -8.68 9.67 -16.01
N GLY M 135 -8.83 8.62 -15.20
CA GLY M 135 -10.15 8.16 -14.80
C GLY M 135 -10.87 9.20 -13.96
N LEU M 136 -10.10 9.92 -13.15
CA LEU M 136 -10.68 11.01 -12.36
C LEU M 136 -11.11 12.16 -13.25
N LYS M 137 -10.21 12.56 -14.15
CA LYS M 137 -10.45 13.68 -15.06
C LYS M 137 -11.70 13.47 -15.91
N HIS M 138 -11.98 12.22 -16.27
CA HIS M 138 -13.11 11.92 -17.12
C HIS M 138 -14.25 11.23 -16.37
N TYR M 139 -14.30 11.43 -15.06
CA TYR M 139 -15.25 10.73 -14.19
C TYR M 139 -16.68 10.74 -14.69
N SER M 140 -17.21 11.92 -14.97
CA SER M 140 -18.61 12.02 -15.34
C SER M 140 -18.84 11.42 -16.73
N ASP M 141 -17.96 11.70 -17.68
CA ASP M 141 -18.12 11.11 -19.01
C ASP M 141 -18.11 9.57 -18.94
N PHE M 142 -17.22 9.00 -18.13
CA PHE M 142 -17.06 7.55 -18.11
C PHE M 142 -18.21 6.86 -17.40
N LEU M 143 -18.94 7.61 -16.59
CA LEU M 143 -19.99 7.01 -15.80
C LEU M 143 -21.25 6.83 -16.64
N GLU M 144 -21.40 7.65 -17.66
CA GLU M 144 -22.60 7.55 -18.47
C GLU M 144 -22.42 6.52 -19.60
N ARG M 145 -23.51 5.89 -19.96
CA ARG M 145 -23.52 4.96 -21.07
C ARG M 145 -23.87 5.73 -22.33
N MET M 146 -23.13 5.50 -23.41
CA MET M 146 -23.38 6.23 -24.64
C MET M 146 -24.47 5.52 -25.44
N PRO M 147 -25.20 6.25 -26.31
CA PRO M 147 -26.16 5.59 -27.19
C PRO M 147 -25.40 4.68 -28.15
N ARG M 148 -25.94 3.53 -28.54
CA ARG M 148 -25.20 2.63 -29.43
C ARG M 148 -24.87 3.33 -30.75
N GLU M 149 -25.67 4.32 -31.13
CA GLU M 149 -25.39 5.10 -32.32
C GLU M 149 -23.99 5.73 -32.27
N GLU M 150 -23.61 6.25 -31.11
CA GLU M 150 -22.30 6.86 -30.93
C GLU M 150 -21.22 5.79 -30.93
N ALA M 151 -21.50 4.63 -30.33
CA ALA M 151 -20.55 3.51 -30.41
C ALA M 151 -20.27 3.14 -31.88
N THR M 152 -21.32 3.14 -32.71
CA THR M 152 -21.16 2.84 -34.13
C THR M 152 -20.20 3.85 -34.78
N GLU M 153 -20.37 5.13 -34.49
CA GLU M 153 -19.46 6.13 -35.04
C GLU M 153 -18.02 5.90 -34.57
N ILE M 154 -17.88 5.53 -33.31
CA ILE M 154 -16.56 5.22 -32.77
C ILE M 154 -15.93 4.04 -33.52
N GLU M 155 -16.68 2.95 -33.71
CA GLU M 155 -16.19 1.81 -34.48
C GLU M 155 -15.82 2.22 -35.91
N GLN M 156 -16.68 3.02 -36.55
CA GLN M 156 -16.40 3.48 -37.92
C GLN M 156 -15.12 4.31 -38.00
N THR M 157 -14.86 5.09 -36.97
CA THR M 157 -13.66 5.90 -36.96
C THR M 157 -12.41 5.04 -36.93
N VAL M 158 -12.42 4.03 -36.08
CA VAL M 158 -11.29 3.11 -35.95
C VAL M 158 -11.14 2.30 -37.25
N GLN M 159 -12.26 1.83 -37.78
CA GLN M 159 -12.25 0.98 -38.97
C GLN M 159 -11.71 1.73 -40.18
N LYS M 160 -12.18 2.97 -40.34
CA LYS M 160 -11.70 3.78 -41.45
C LYS M 160 -10.20 4.05 -41.34
N ALA M 161 -9.69 4.32 -40.15
CA ALA M 161 -8.26 4.55 -40.04
C ALA M 161 -7.42 3.26 -40.27
N ALA M 162 -7.96 2.11 -39.89
CA ALA M 162 -7.30 0.80 -40.11
C ALA M 162 -7.29 0.40 -41.57
N GLN M 163 -8.45 0.52 -42.22
CA GLN M 163 -8.57 0.13 -43.60
C GLN M 163 -7.76 1.01 -44.54
N ALA M 164 -7.34 2.18 -44.07
CA ALA M 164 -6.42 3.02 -44.82
C ALA M 164 -5.09 2.30 -45.01
N PHE M 165 -4.73 1.42 -44.08
CA PHE M 165 -3.46 0.70 -44.18
C PHE M 165 -3.66 -0.57 -44.98
N ASN M 166 -4.78 -1.24 -44.74
CA ASN M 166 -5.10 -2.45 -45.48
C ASN M 166 -6.60 -2.60 -45.56
N SER M 167 -7.14 -2.57 -46.77
CA SER M 167 -8.59 -2.51 -46.97
C SER M 167 -9.24 -3.84 -46.63
N GLY M 168 -8.43 -4.88 -46.51
CA GLY M 168 -8.95 -6.20 -46.21
C GLY M 168 -9.11 -6.47 -44.72
N LEU M 169 -8.78 -5.50 -43.88
CA LEU M 169 -8.90 -5.72 -42.44
C LEU M 169 -10.37 -5.85 -42.07
N LEU M 170 -10.64 -6.77 -41.15
CA LEU M 170 -11.99 -6.99 -40.63
C LEU M 170 -12.10 -6.37 -39.23
N CYS M 171 -13.08 -5.48 -39.04
CA CYS M 171 -13.21 -4.68 -37.83
C CYS M 171 -14.61 -4.86 -37.25
N VAL M 172 -14.72 -5.12 -35.94
CA VAL M 172 -16.03 -5.36 -35.34
C VAL M 172 -16.06 -4.89 -33.88
N ALA M 173 -17.08 -4.10 -33.54
CA ALA M 173 -17.27 -3.65 -32.16
C ALA M 173 -17.93 -4.75 -31.40
N CYS M 174 -17.42 -5.04 -30.21
CA CYS M 174 -17.92 -6.19 -29.46
C CYS M 174 -18.74 -5.73 -28.24
N GLY M 175 -18.60 -6.43 -27.12
CA GLY M 175 -19.21 -6.00 -25.87
C GLY M 175 -20.73 -5.88 -25.93
N SER M 176 -21.28 -5.04 -25.09
CA SER M 176 -22.72 -4.84 -25.04
C SER M 176 -23.27 -4.34 -26.40
N TYR M 177 -22.45 -3.61 -27.16
CA TYR M 177 -22.87 -3.16 -28.49
C TYR M 177 -23.23 -4.33 -29.39
N ARG M 178 -22.33 -5.30 -29.49
CA ARG M 178 -22.58 -6.44 -30.33
C ARG M 178 -23.74 -7.24 -29.73
N ARG M 179 -23.93 -7.18 -28.42
CA ARG M 179 -25.07 -7.88 -27.84
C ARG M 179 -26.39 -7.09 -28.05
N GLY M 180 -26.32 -5.97 -28.75
CA GLY M 180 -27.51 -5.26 -29.20
C GLY M 180 -28.11 -4.30 -28.20
N LYS M 181 -27.33 -3.89 -27.19
CA LYS M 181 -27.88 -2.97 -26.19
C LYS M 181 -28.08 -1.58 -26.76
N ALA M 182 -29.14 -0.92 -26.29
CA ALA M 182 -29.44 0.47 -26.64
C ALA M 182 -28.33 1.43 -26.26
N THR M 183 -27.67 1.18 -25.13
CA THR M 183 -26.57 2.04 -24.69
C THR M 183 -25.38 1.16 -24.27
N CYS M 184 -24.17 1.74 -24.24
CA CYS M 184 -22.92 0.96 -24.09
C CYS M 184 -21.99 1.71 -23.15
N GLY M 185 -21.34 1.01 -22.22
CA GLY M 185 -20.44 1.67 -21.27
C GLY M 185 -19.09 2.01 -21.90
N ASP M 186 -18.73 1.27 -22.92
CA ASP M 186 -17.49 1.47 -23.64
C ASP M 186 -17.60 0.80 -25.01
N VAL M 187 -16.55 0.90 -25.80
CA VAL M 187 -16.49 0.26 -27.10
C VAL M 187 -15.22 -0.55 -27.16
N ASP M 188 -15.32 -1.80 -27.60
CA ASP M 188 -14.17 -2.65 -27.87
C ASP M 188 -14.11 -2.97 -29.36
N VAL M 189 -13.13 -2.44 -30.08
CA VAL M 189 -13.03 -2.75 -31.51
C VAL M 189 -11.98 -3.82 -31.77
N LEU M 190 -12.44 -4.96 -32.27
CA LEU M 190 -11.61 -6.12 -32.56
C LEU M 190 -11.24 -6.13 -34.04
N ILE M 191 -9.96 -6.31 -34.31
CA ILE M 191 -9.43 -6.21 -35.68
C ILE M 191 -8.60 -7.43 -36.04
N THR M 192 -8.89 -8.02 -37.20
CA THR M 192 -8.10 -9.13 -37.71
C THR M 192 -7.95 -9.00 -39.23
N HIS M 193 -7.26 -9.95 -39.86
CA HIS M 193 -7.24 -10.00 -41.32
C HIS M 193 -7.43 -11.45 -41.79
N PRO M 194 -8.38 -11.69 -42.70
CA PRO M 194 -8.64 -13.06 -43.17
C PRO M 194 -7.42 -13.77 -43.78
N ASP M 195 -6.40 -13.04 -44.23
CA ASP M 195 -5.29 -13.74 -44.87
C ASP M 195 -4.30 -14.32 -43.86
N GLY M 196 -4.57 -14.12 -42.57
CA GLY M 196 -3.76 -14.70 -41.53
C GLY M 196 -2.47 -13.99 -41.18
N ARG M 197 -2.11 -12.95 -41.92
CA ARG M 197 -0.80 -12.34 -41.76
C ARG M 197 -0.81 -10.82 -41.73
N SER M 198 -1.74 -10.23 -42.46
CA SER M 198 -1.66 -8.81 -42.72
C SER M 198 -2.19 -7.97 -41.56
N HIS M 199 -2.57 -8.59 -40.45
CA HIS M 199 -2.85 -7.82 -39.21
C HIS M 199 -1.57 -7.32 -38.54
N ARG M 200 -0.43 -7.95 -38.87
CA ARG M 200 0.83 -7.62 -38.19
C ARG M 200 1.33 -6.25 -38.61
N GLY M 201 1.86 -5.49 -37.67
CA GLY M 201 2.30 -4.13 -37.98
C GLY M 201 1.21 -3.04 -37.87
N ILE M 202 -0.04 -3.47 -37.93
CA ILE M 202 -1.16 -2.53 -37.95
C ILE M 202 -1.36 -1.75 -36.65
N PHE M 203 -1.35 -2.46 -35.53
CA PHE M 203 -1.65 -1.86 -34.23
C PHE M 203 -0.95 -0.54 -33.97
N SER M 204 0.38 -0.49 -34.09
CA SER M 204 1.11 0.74 -33.79
C SER M 204 0.77 1.89 -34.72
N ARG M 205 0.72 1.60 -36.02
CA ARG M 205 0.36 2.59 -37.03
C ARG M 205 -1.06 3.10 -36.86
N LEU M 206 -1.96 2.22 -36.47
CA LEU M 206 -3.35 2.60 -36.23
C LEU M 206 -3.46 3.57 -35.05
N LEU M 207 -2.77 3.27 -33.94
CA LEU M 207 -2.88 4.17 -32.79
C LEU M 207 -2.25 5.51 -33.14
N ASP M 208 -1.17 5.46 -33.90
CA ASP M 208 -0.51 6.66 -34.33
C ASP M 208 -1.42 7.55 -35.17
N SER M 209 -2.08 6.95 -36.14
CA SER M 209 -3.02 7.66 -37.00
C SER M 209 -4.19 8.24 -36.18
N LEU M 210 -4.75 7.44 -35.27
CA LEU M 210 -5.87 7.93 -34.45
C LEU M 210 -5.40 9.05 -33.51
N ARG M 211 -4.14 8.99 -33.09
CA ARG M 211 -3.54 10.04 -32.29
C ARG M 211 -3.40 11.32 -33.07
N GLN M 212 -2.78 11.21 -34.25
CA GLN M 212 -2.49 12.37 -35.07
C GLN M 212 -3.76 13.12 -35.44
N GLU M 213 -4.87 12.42 -35.67
CA GLU M 213 -6.09 13.12 -36.04
C GLU M 213 -6.92 13.51 -34.83
N GLY M 214 -6.36 13.38 -33.62
CA GLY M 214 -6.98 13.93 -32.42
C GLY M 214 -8.08 13.09 -31.77
N PHE M 215 -8.35 11.91 -32.33
CA PHE M 215 -9.42 11.04 -31.85
C PHE M 215 -9.08 10.42 -30.49
N LEU M 216 -7.86 9.90 -30.35
CA LEU M 216 -7.39 9.40 -29.06
C LEU M 216 -6.93 10.56 -28.21
N THR M 217 -7.52 10.71 -27.03
CA THR M 217 -7.19 11.81 -26.14
C THR M 217 -6.30 11.43 -24.96
N ASP M 218 -6.40 10.18 -24.50
CA ASP M 218 -5.55 9.68 -23.41
C ASP M 218 -5.36 8.19 -23.59
N ASP M 219 -4.23 7.68 -23.13
CA ASP M 219 -3.95 6.26 -23.12
C ASP M 219 -3.98 5.76 -21.69
N LEU M 220 -4.70 4.67 -21.43
CA LEU M 220 -4.68 4.04 -20.12
C LEU M 220 -3.62 2.94 -20.10
N VAL M 221 -3.67 2.07 -21.12
CA VAL M 221 -2.58 1.12 -21.38
C VAL M 221 -2.31 1.17 -22.87
N SER M 222 -1.17 1.70 -23.27
CA SER M 222 -0.96 2.02 -24.67
C SER M 222 -0.69 0.75 -25.47
N GLN M 223 -0.13 -0.27 -24.82
CA GLN M 223 0.05 -1.55 -25.47
C GLN M 223 0.12 -2.68 -24.45
N GLU M 224 -0.74 -3.66 -24.62
CA GLU M 224 -0.66 -4.89 -23.87
C GLU M 224 -0.47 -6.03 -24.87
N GLU M 225 0.62 -6.77 -24.71
N GLU M 225 0.61 -6.80 -24.71
CA GLU M 225 0.87 -7.95 -25.54
CA GLU M 225 0.86 -7.94 -25.58
C GLU M 225 0.47 -9.22 -24.79
C GLU M 225 0.53 -9.25 -24.86
N ASN M 226 -0.48 -9.94 -25.36
CA ASN M 226 -0.93 -11.21 -24.81
C ASN M 226 -0.85 -12.26 -25.91
N GLY M 227 0.22 -13.05 -25.90
CA GLY M 227 0.51 -13.95 -27.01
C GLY M 227 0.62 -13.12 -28.28
N GLN M 228 -0.11 -13.48 -29.33
CA GLN M 228 -0.11 -12.71 -30.57
C GLN M 228 -1.21 -11.64 -30.64
N GLN M 229 -1.91 -11.42 -29.54
CA GLN M 229 -2.90 -10.34 -29.49
C GLN M 229 -2.28 -9.06 -28.95
N GLN M 230 -2.61 -7.92 -29.58
CA GLN M 230 -2.25 -6.61 -29.08
C GLN M 230 -3.49 -5.85 -28.67
N LYS M 231 -3.43 -5.28 -27.47
CA LYS M 231 -4.58 -4.60 -26.90
C LYS M 231 -4.22 -3.19 -26.42
N TYR M 232 -5.06 -2.24 -26.82
CA TYR M 232 -4.96 -0.86 -26.41
C TYR M 232 -6.14 -0.56 -25.52
N LEU M 233 -5.90 0.12 -24.39
CA LEU M 233 -6.96 0.64 -23.56
C LEU M 233 -6.77 2.15 -23.43
N GLY M 234 -7.79 2.91 -23.78
CA GLY M 234 -7.66 4.36 -23.76
C GLY M 234 -8.97 5.10 -23.84
N VAL M 235 -8.88 6.31 -24.35
CA VAL M 235 -9.97 7.28 -24.29
C VAL M 235 -10.05 7.97 -25.62
N CYS M 236 -11.24 8.07 -26.17
CA CYS M 236 -11.39 8.73 -27.46
C CYS M 236 -12.45 9.79 -27.34
N ARG M 237 -12.55 10.65 -28.35
CA ARG M 237 -13.63 11.63 -28.39
C ARG M 237 -13.91 11.96 -29.83
N LEU M 238 -15.15 11.75 -30.26
CA LEU M 238 -15.47 11.99 -31.67
C LEU M 238 -15.34 13.48 -31.97
N PRO M 239 -15.06 13.84 -33.25
CA PRO M 239 -15.01 15.26 -33.59
C PRO M 239 -16.38 15.92 -33.42
N GLY M 240 -16.38 17.24 -33.21
CA GLY M 240 -17.63 17.98 -33.16
C GLY M 240 -17.79 18.61 -31.80
N PRO M 241 -18.73 19.54 -31.66
CA PRO M 241 -18.94 20.14 -30.34
C PRO M 241 -19.93 19.28 -29.55
N GLY M 242 -19.89 19.35 -28.23
CA GLY M 242 -20.81 18.56 -27.42
C GLY M 242 -20.49 17.07 -27.34
N ARG M 243 -19.32 16.65 -27.82
CA ARG M 243 -18.93 15.25 -27.71
C ARG M 243 -18.29 14.94 -26.34
N ARG M 244 -18.65 13.80 -25.77
CA ARG M 244 -18.04 13.32 -24.52
C ARG M 244 -16.83 12.43 -24.80
N HIS M 245 -15.93 12.34 -23.81
CA HIS M 245 -14.84 11.36 -23.83
C HIS M 245 -15.40 9.98 -23.55
N ARG M 246 -14.94 8.98 -24.30
CA ARG M 246 -15.45 7.62 -24.15
C ARG M 246 -14.32 6.61 -24.00
N ARG M 247 -14.59 5.56 -23.25
CA ARG M 247 -13.62 4.47 -23.10
C ARG M 247 -13.57 3.62 -24.38
N LEU M 248 -12.38 3.46 -24.93
CA LEU M 248 -12.21 2.69 -26.15
C LEU M 248 -11.07 1.70 -25.99
N ASP M 249 -11.34 0.45 -26.35
CA ASP M 249 -10.33 -0.58 -26.38
C ASP M 249 -10.15 -1.05 -27.84
N ILE M 250 -8.92 -1.29 -28.27
CA ILE M 250 -8.68 -1.79 -29.61
C ILE M 250 -7.82 -3.04 -29.49
N ILE M 251 -8.28 -4.14 -30.08
CA ILE M 251 -7.56 -5.41 -30.01
C ILE M 251 -7.29 -5.94 -31.41
N VAL M 252 -6.04 -6.24 -31.69
CA VAL M 252 -5.67 -6.78 -33.00
C VAL M 252 -5.22 -8.21 -32.77
N VAL M 253 -5.80 -9.14 -33.52
CA VAL M 253 -5.54 -10.56 -33.31
C VAL M 253 -5.34 -11.28 -34.64
N PRO M 254 -4.59 -12.40 -34.61
CA PRO M 254 -4.46 -13.22 -35.81
C PRO M 254 -5.77 -13.90 -36.14
N TYR M 255 -6.03 -14.13 -37.43
CA TYR M 255 -7.29 -14.70 -37.88
C TYR M 255 -7.65 -16.01 -37.18
N SER M 256 -6.66 -16.83 -36.86
CA SER M 256 -6.95 -18.12 -36.26
C SER M 256 -7.52 -18.01 -34.84
N GLU M 257 -7.28 -16.89 -34.15
CA GLU M 257 -7.86 -16.65 -32.82
C GLU M 257 -9.10 -15.72 -32.87
N PHE M 258 -9.53 -15.34 -34.06
CA PHE M 258 -10.57 -14.32 -34.19
C PHE M 258 -11.90 -14.77 -33.57
N ALA M 259 -12.31 -16.01 -33.85
CA ALA M 259 -13.58 -16.52 -33.34
C ALA M 259 -13.59 -16.54 -31.82
N CYS M 260 -12.52 -17.03 -31.20
CA CYS M 260 -12.47 -17.03 -29.73
C CYS M 260 -12.28 -15.64 -29.14
N ALA M 261 -11.52 -14.77 -29.82
CA ALA M 261 -11.44 -13.38 -29.32
C ALA M 261 -12.80 -12.70 -29.39
N LEU M 262 -13.48 -12.92 -30.50
CA LEU M 262 -14.80 -12.34 -30.75
C LEU M 262 -15.77 -12.73 -29.65
N LEU M 263 -15.77 -14.01 -29.34
CA LEU M 263 -16.62 -14.55 -28.30
C LEU M 263 -16.32 -13.91 -26.95
N TYR M 264 -15.04 -13.89 -26.61
CA TYR M 264 -14.61 -13.37 -25.32
C TYR M 264 -14.94 -11.87 -25.14
N PHE M 265 -14.66 -11.06 -26.14
CA PHE M 265 -14.88 -9.63 -25.99
C PHE M 265 -16.34 -9.23 -26.20
N THR M 266 -17.13 -10.15 -26.73
CA THR M 266 -18.56 -9.91 -26.85
C THR M 266 -19.21 -10.19 -25.51
N GLY M 267 -18.65 -11.14 -24.78
CA GLY M 267 -19.16 -11.46 -23.46
C GLY M 267 -20.62 -11.92 -23.48
N SER M 268 -21.41 -11.57 -22.46
CA SER M 268 -20.96 -10.80 -21.28
C SER M 268 -19.92 -11.52 -20.41
N ALA M 269 -19.39 -10.83 -19.39
CA ALA M 269 -18.51 -11.46 -18.41
C ALA M 269 -19.15 -12.71 -17.81
N HIS M 270 -20.44 -12.64 -17.49
CA HIS M 270 -21.12 -13.78 -16.89
C HIS M 270 -21.23 -14.96 -17.89
N PHE M 271 -21.55 -14.65 -19.15
CA PHE M 271 -21.59 -15.67 -20.20
C PHE M 271 -20.22 -16.32 -20.40
N ASN M 272 -19.15 -15.54 -20.38
CA ASN M 272 -17.80 -16.10 -20.52
C ASN M 272 -17.51 -17.08 -19.40
N ARG M 273 -17.88 -16.69 -18.17
CA ARG M 273 -17.61 -17.53 -17.01
C ARG M 273 -18.34 -18.87 -17.13
N SER M 274 -19.58 -18.84 -17.63
CA SER M 274 -20.34 -20.08 -17.75
C SER M 274 -19.81 -20.93 -18.90
N MET M 275 -19.25 -20.30 -19.93
CA MET M 275 -18.67 -21.08 -21.01
C MET M 275 -17.34 -21.76 -20.59
N ARG M 276 -16.54 -21.07 -19.81
CA ARG M 276 -15.33 -21.67 -19.23
C ARG M 276 -15.70 -22.86 -18.34
N ALA M 277 -16.76 -22.70 -17.55
CA ALA M 277 -17.18 -23.80 -16.67
C ALA M 277 -17.59 -24.99 -17.51
N LEU M 278 -18.35 -24.75 -18.57
CA LEU M 278 -18.80 -25.83 -19.43
C LEU M 278 -17.64 -26.54 -20.13
N ALA M 279 -16.66 -25.76 -20.61
CA ALA M 279 -15.49 -26.33 -21.26
C ALA M 279 -14.73 -27.24 -20.30
N LYS M 280 -14.60 -26.78 -19.07
CA LYS M 280 -13.96 -27.54 -18.00
C LYS M 280 -14.62 -28.91 -17.86
N THR M 281 -15.95 -28.96 -17.87
CA THR M 281 -16.66 -30.22 -17.72
C THR M 281 -16.34 -31.17 -18.88
N LYS M 282 -15.94 -30.61 -20.01
CA LYS M 282 -15.61 -31.44 -21.16
C LYS M 282 -14.11 -31.63 -21.27
N GLY M 283 -13.38 -31.26 -20.23
CA GLY M 283 -11.93 -31.39 -20.23
C GLY M 283 -11.29 -30.47 -21.25
N MET M 284 -11.83 -29.27 -21.36
CA MET M 284 -11.31 -28.27 -22.29
C MET M 284 -11.09 -26.97 -21.53
N SER M 285 -10.40 -26.03 -22.16
CA SER M 285 -10.31 -24.68 -21.63
C SER M 285 -10.71 -23.72 -22.74
N LEU M 286 -11.24 -22.57 -22.37
CA LEU M 286 -11.66 -21.59 -23.36
C LEU M 286 -11.13 -20.24 -22.93
N SER M 287 -10.31 -19.64 -23.78
CA SER M 287 -9.78 -18.31 -23.55
C SER M 287 -10.10 -17.41 -24.74
N GLU M 288 -9.54 -16.20 -24.70
CA GLU M 288 -9.68 -15.27 -25.82
C GLU M 288 -8.82 -15.69 -27.00
N HIS M 289 -7.92 -16.66 -26.80
CA HIS M 289 -7.09 -17.21 -27.88
C HIS M 289 -7.70 -18.43 -28.56
N ALA M 290 -8.27 -19.32 -27.77
CA ALA M 290 -8.52 -20.66 -28.29
C ALA M 290 -9.39 -21.48 -27.38
N LEU M 291 -10.14 -22.37 -28.01
CA LEU M 291 -10.70 -23.55 -27.36
C LEU M 291 -9.62 -24.63 -27.40
N SER M 292 -9.25 -25.16 -26.25
CA SER M 292 -8.13 -26.10 -26.15
C SER M 292 -8.46 -27.33 -25.31
N THR M 293 -7.78 -28.45 -25.56
CA THR M 293 -7.83 -29.56 -24.61
C THR M 293 -7.14 -29.13 -23.33
N ALA M 294 -7.58 -29.69 -22.19
CA ALA M 294 -7.05 -29.26 -20.91
C ALA M 294 -5.54 -29.49 -20.81
N VAL M 295 -4.87 -28.62 -20.07
CA VAL M 295 -3.42 -28.66 -19.91
C VAL M 295 -2.95 -29.94 -19.25
N VAL M 296 -1.65 -30.18 -19.33
CA VAL M 296 -1.10 -31.40 -18.77
C VAL M 296 -0.66 -31.19 -17.32
N ARG M 297 -1.21 -32.01 -16.42
CA ARG M 297 -0.89 -31.93 -14.99
C ARG M 297 -0.08 -33.15 -14.57
N ASN M 298 1.03 -32.90 -13.88
CA ASN M 298 1.96 -33.95 -13.49
C ASN M 298 1.46 -34.80 -12.32
N THR M 299 2.39 -35.57 -11.74
CA THR M 299 2.08 -36.45 -10.63
C THR M 299 1.47 -35.69 -9.45
N HIS M 300 1.97 -34.48 -9.22
CA HIS M 300 1.55 -33.69 -8.08
C HIS M 300 0.43 -32.73 -8.46
N GLY M 301 -0.07 -32.90 -9.68
CA GLY M 301 -1.25 -32.18 -10.13
C GLY M 301 -1.02 -30.73 -10.53
N CYS M 302 0.19 -30.44 -10.99
CA CYS M 302 0.54 -29.09 -11.40
C CYS M 302 0.71 -29.02 -12.91
N LYS M 303 0.23 -27.94 -13.51
CA LYS M 303 0.30 -27.76 -14.95
C LYS M 303 1.75 -27.73 -15.42
N VAL M 304 2.07 -28.59 -16.38
CA VAL M 304 3.41 -28.65 -16.94
C VAL M 304 3.44 -27.99 -18.33
N GLY M 305 2.55 -28.44 -19.21
CA GLY M 305 2.49 -27.90 -20.55
C GLY M 305 1.08 -27.52 -20.96
N PRO M 306 0.95 -26.61 -21.93
CA PRO M 306 -0.36 -26.19 -22.43
C PRO M 306 -1.05 -27.33 -23.16
N GLY M 307 -2.35 -27.21 -23.36
CA GLY M 307 -3.08 -28.21 -24.10
C GLY M 307 -2.97 -27.93 -25.57
N ARG M 308 -3.65 -28.72 -26.39
CA ARG M 308 -3.60 -28.47 -27.81
C ARG M 308 -4.85 -27.73 -28.26
N VAL M 309 -4.65 -26.75 -29.13
CA VAL M 309 -5.75 -25.96 -29.67
C VAL M 309 -6.69 -26.80 -30.53
N LEU M 310 -8.00 -26.67 -30.29
CA LEU M 310 -9.01 -27.15 -31.25
C LEU M 310 -9.42 -25.99 -32.16
N PRO M 311 -9.00 -26.04 -33.43
CA PRO M 311 -9.25 -24.92 -34.35
C PRO M 311 -10.74 -24.63 -34.50
N THR M 312 -11.08 -23.35 -34.45
CA THR M 312 -12.44 -22.88 -34.48
C THR M 312 -12.48 -21.67 -35.39
N PRO M 313 -12.80 -21.88 -36.67
CA PRO M 313 -12.86 -20.76 -37.62
C PRO M 313 -13.94 -19.73 -37.28
N THR M 314 -15.04 -20.16 -36.68
CA THR M 314 -16.15 -19.24 -36.42
C THR M 314 -16.66 -19.48 -35.03
N GLU M 315 -17.36 -18.49 -34.48
CA GLU M 315 -17.98 -18.69 -33.17
C GLU M 315 -18.79 -19.96 -33.13
N LYS M 316 -19.56 -20.23 -34.20
CA LYS M 316 -20.37 -21.45 -34.26
C LYS M 316 -19.55 -22.70 -34.03
N ASP M 317 -18.33 -22.72 -34.56
CA ASP M 317 -17.42 -23.86 -34.37
C ASP M 317 -17.13 -24.11 -32.90
N VAL M 318 -16.96 -23.04 -32.12
CA VAL M 318 -16.73 -23.17 -30.69
C VAL M 318 -17.92 -23.84 -29.98
N PHE M 319 -19.14 -23.34 -30.24
CA PHE M 319 -20.36 -23.92 -29.65
C PHE M 319 -20.50 -25.40 -30.08
N ARG M 320 -20.28 -25.68 -31.36
CA ARG M 320 -20.36 -27.06 -31.87
C ARG M 320 -19.43 -28.00 -31.10
N LEU M 321 -18.17 -27.61 -30.95
CA LEU M 321 -17.21 -28.51 -30.30
C LEU M 321 -17.52 -28.67 -28.83
N LEU M 322 -18.24 -27.70 -28.27
CA LEU M 322 -18.66 -27.79 -26.89
C LEU M 322 -20.00 -28.52 -26.71
N GLY M 323 -20.60 -28.94 -27.84
CA GLY M 323 -21.89 -29.61 -27.83
C GLY M 323 -23.01 -28.70 -27.38
N LEU M 324 -22.96 -27.46 -27.85
CA LEU M 324 -23.91 -26.43 -27.47
C LEU M 324 -24.65 -25.90 -28.66
N PRO M 325 -25.93 -25.58 -28.48
CA PRO M 325 -26.66 -24.83 -29.52
C PRO M 325 -26.06 -23.45 -29.64
N TYR M 326 -25.88 -22.96 -30.86
CA TYR M 326 -25.38 -21.61 -31.04
C TYR M 326 -26.27 -20.61 -30.31
N ARG M 327 -25.65 -19.63 -29.67
CA ARG M 327 -26.41 -18.53 -29.11
C ARG M 327 -25.97 -17.23 -29.76
N GLU M 328 -26.95 -16.54 -30.31
CA GLU M 328 -26.78 -15.20 -30.87
C GLU M 328 -26.25 -14.23 -29.80
N PRO M 329 -25.38 -13.29 -30.19
CA PRO M 329 -24.85 -12.31 -29.22
C PRO M 329 -25.90 -11.67 -28.31
N ALA M 330 -27.09 -11.36 -28.83
CA ALA M 330 -28.15 -10.75 -28.01
C ALA M 330 -28.67 -11.68 -26.91
N GLU M 331 -28.41 -12.97 -27.05
CA GLU M 331 -28.81 -13.94 -26.05
C GLU M 331 -27.68 -14.30 -25.08
N ARG M 332 -26.62 -13.49 -25.01
CA ARG M 332 -25.47 -13.83 -24.16
C ARG M 332 -25.29 -12.94 -22.93
N ASP M 333 -26.37 -12.38 -22.40
CA ASP M 333 -26.25 -11.55 -21.20
C ASP M 333 -25.86 -12.38 -19.98
N TRP M 334 -26.36 -13.62 -19.95
CA TRP M 334 -26.06 -14.55 -18.86
C TRP M 334 -25.68 -15.91 -19.41
N ASN N 10 -32.00 16.58 37.71
CA ASN N 10 -31.41 16.60 36.37
C ASN N 10 -31.91 17.82 35.60
N HIS N 11 -31.33 18.06 34.43
CA HIS N 11 -31.80 19.10 33.52
C HIS N 11 -31.65 18.66 32.06
N ASN N 12 -30.89 17.58 31.85
CA ASN N 12 -30.59 17.12 30.49
C ASN N 12 -30.97 15.68 30.22
N LEU N 13 -32.10 15.24 30.76
CA LEU N 13 -32.52 13.86 30.61
C LEU N 13 -32.74 13.49 29.16
N HIS N 14 -33.10 14.47 28.34
CA HIS N 14 -33.28 14.26 26.90
C HIS N 14 -31.97 13.79 26.24
N ILE N 15 -30.84 14.14 26.85
CA ILE N 15 -29.54 13.81 26.31
C ILE N 15 -28.94 12.58 26.99
N THR N 16 -28.83 12.62 28.31
CA THR N 16 -28.19 11.54 29.09
C THR N 16 -28.90 10.20 28.92
N GLU N 17 -30.14 10.28 28.47
CA GLU N 17 -30.96 9.11 28.16
C GLU N 17 -30.36 8.32 27.00
N LYS N 18 -30.04 9.03 25.92
CA LYS N 18 -29.47 8.41 24.74
C LYS N 18 -28.02 7.97 24.97
N LEU N 19 -27.30 8.71 25.79
CA LEU N 19 -25.88 8.43 26.03
C LEU N 19 -25.67 7.17 26.86
N GLU N 20 -26.56 6.93 27.82
CA GLU N 20 -26.49 5.74 28.66
C GLU N 20 -26.59 4.47 27.80
N VAL N 21 -27.44 4.52 26.78
CA VAL N 21 -27.58 3.42 25.85
C VAL N 21 -26.26 3.13 25.14
N LEU N 22 -25.61 4.17 24.64
CA LEU N 22 -24.29 4.04 24.01
C LEU N 22 -23.26 3.52 25.01
N ALA N 23 -23.29 4.10 26.21
CA ALA N 23 -22.36 3.72 27.27
C ALA N 23 -22.45 2.23 27.57
N LYS N 24 -23.67 1.74 27.77
CA LYS N 24 -23.90 0.32 28.04
C LYS N 24 -23.37 -0.55 26.90
N ALA N 25 -23.69 -0.17 25.66
CA ALA N 25 -23.28 -0.97 24.48
C ALA N 25 -21.77 -1.07 24.38
N TYR N 26 -21.07 0.04 24.61
CA TYR N 26 -19.61 0.02 24.60
C TYR N 26 -19.07 -0.86 25.73
N SER N 27 -19.67 -0.73 26.90
CA SER N 27 -19.26 -1.46 28.08
C SER N 27 -19.35 -2.98 27.85
N VAL N 28 -20.54 -3.45 27.47
CA VAL N 28 -20.77 -4.89 27.23
C VAL N 28 -19.91 -5.44 26.09
N GLN N 29 -19.46 -4.59 25.15
CA GLN N 29 -18.62 -5.06 24.05
C GLN N 29 -17.14 -5.09 24.43
N GLY N 30 -16.82 -4.64 25.65
CA GLY N 30 -15.46 -4.72 26.14
C GLY N 30 -14.67 -3.42 26.02
N ASP N 31 -15.28 -2.41 25.43
CA ASP N 31 -14.64 -1.11 25.29
C ASP N 31 -14.81 -0.32 26.59
N LYS N 32 -14.08 -0.71 27.63
CA LYS N 32 -14.32 -0.25 28.99
C LYS N 32 -13.95 1.23 29.22
N TRP N 33 -12.90 1.70 28.58
CA TRP N 33 -12.43 3.07 28.79
C TRP N 33 -13.32 4.08 28.05
N ARG N 34 -13.80 3.72 26.87
CA ARG N 34 -14.72 4.57 26.12
C ARG N 34 -16.02 4.69 26.90
N ALA N 35 -16.49 3.58 27.44
CA ALA N 35 -17.67 3.56 28.30
C ALA N 35 -17.46 4.47 29.53
N LEU N 36 -16.27 4.44 30.08
CA LEU N 36 -15.95 5.26 31.25
C LEU N 36 -16.08 6.74 30.91
N GLY N 37 -15.63 7.09 29.70
CA GLY N 37 -15.70 8.47 29.21
C GLY N 37 -17.15 8.91 29.06
N TYR N 38 -17.99 8.02 28.56
CA TYR N 38 -19.41 8.30 28.45
C TYR N 38 -20.03 8.47 29.84
N ALA N 39 -19.68 7.57 30.76
CA ALA N 39 -20.17 7.65 32.14
C ALA N 39 -19.86 9.02 32.77
N LYS N 40 -18.60 9.45 32.70
CA LYS N 40 -18.20 10.75 33.25
C LYS N 40 -18.89 11.90 32.54
N ALA N 41 -19.04 11.80 31.23
CA ALA N 41 -19.76 12.82 30.47
C ALA N 41 -21.23 12.92 30.91
N ILE N 42 -21.85 11.76 31.15
CA ILE N 42 -23.23 11.71 31.61
C ILE N 42 -23.38 12.35 33.00
N ASN N 43 -22.44 12.05 33.90
CA ASN N 43 -22.37 12.71 35.21
C ASN N 43 -22.40 14.23 35.08
N ALA N 44 -21.54 14.77 34.22
CA ALA N 44 -21.42 16.20 34.04
C ALA N 44 -22.71 16.87 33.56
N LEU N 45 -23.49 16.13 32.78
CA LEU N 45 -24.74 16.66 32.26
C LEU N 45 -25.87 16.61 33.29
N LYS N 46 -25.84 15.56 34.13
CA LYS N 46 -26.80 15.44 35.23
C LYS N 46 -26.56 16.54 36.26
N SER N 47 -25.29 16.82 36.50
CA SER N 47 -24.87 17.80 37.51
C SER N 47 -25.03 19.25 37.05
N PHE N 48 -25.07 19.46 35.74
CA PHE N 48 -25.14 20.81 35.19
C PHE N 48 -26.43 21.53 35.62
N HIS N 49 -26.32 22.84 35.84
CA HIS N 49 -27.39 23.60 36.48
C HIS N 49 -28.52 24.00 35.53
N LYS N 50 -28.27 23.93 34.23
CA LYS N 50 -29.29 24.31 33.26
C LYS N 50 -29.34 23.32 32.10
N PRO N 51 -30.40 23.38 31.28
CA PRO N 51 -30.39 22.59 30.05
C PRO N 51 -29.29 23.08 29.10
N VAL N 52 -28.44 22.17 28.65
CA VAL N 52 -27.43 22.51 27.65
C VAL N 52 -28.13 22.83 26.34
N THR N 53 -27.80 23.97 25.74
CA THR N 53 -28.55 24.47 24.60
C THR N 53 -27.70 24.76 23.36
N SER N 54 -26.38 24.66 23.48
CA SER N 54 -25.48 24.89 22.35
C SER N 54 -24.20 24.08 22.43
N TYR N 55 -23.57 23.91 21.26
CA TYR N 55 -22.27 23.25 21.14
C TYR N 55 -21.22 23.87 22.07
N GLN N 56 -21.10 25.20 22.00
CA GLN N 56 -20.07 25.90 22.78
C GLN N 56 -20.31 25.69 24.28
N GLU N 57 -21.55 25.77 24.70
CA GLU N 57 -21.89 25.56 26.11
C GLU N 57 -21.48 24.17 26.57
N ALA N 58 -21.82 23.16 25.76
CA ALA N 58 -21.42 21.79 26.06
C ALA N 58 -19.90 21.66 26.18
N CYS N 59 -19.17 22.27 25.26
CA CYS N 59 -17.71 22.26 25.28
C CYS N 59 -17.11 22.92 26.54
N SER N 60 -17.85 23.84 27.16
CA SER N 60 -17.37 24.50 28.37
C SER N 60 -17.51 23.64 29.62
N ILE N 61 -18.06 22.44 29.45
CA ILE N 61 -18.25 21.54 30.59
C ILE N 61 -17.14 20.50 30.67
N PRO N 62 -16.38 20.51 31.78
CA PRO N 62 -15.35 19.50 31.99
C PRO N 62 -15.92 18.09 31.88
N GLY N 63 -15.26 17.22 31.11
CA GLY N 63 -15.78 15.89 30.84
C GLY N 63 -16.47 15.77 29.49
N ILE N 64 -16.66 16.90 28.82
CA ILE N 64 -17.31 16.92 27.53
C ILE N 64 -16.46 17.65 26.50
N GLY N 65 -15.78 16.87 25.66
CA GLY N 65 -14.94 17.39 24.59
C GLY N 65 -15.77 17.58 23.34
N LYS N 66 -15.09 17.79 22.21
CA LYS N 66 -15.77 18.07 20.95
C LYS N 66 -16.72 16.94 20.54
N ARG N 67 -16.29 15.70 20.75
CA ARG N 67 -17.03 14.52 20.32
C ARG N 67 -18.37 14.40 21.06
N MET N 68 -18.32 14.55 22.39
CA MET N 68 -19.53 14.46 23.19
C MET N 68 -20.44 15.62 22.83
N ALA N 69 -19.86 16.78 22.56
CA ALA N 69 -20.64 17.97 22.19
C ALA N 69 -21.35 17.77 20.85
N GLU N 70 -20.69 17.09 19.90
CA GLU N 70 -21.29 16.80 18.60
C GLU N 70 -22.55 15.94 18.75
N LYS N 71 -22.51 15.01 19.69
CA LYS N 71 -23.66 14.14 19.95
C LYS N 71 -24.78 14.92 20.58
N ILE N 72 -24.42 15.75 21.56
CA ILE N 72 -25.38 16.60 22.27
C ILE N 72 -26.12 17.49 21.29
N ILE N 73 -25.37 18.21 20.47
CA ILE N 73 -25.99 19.15 19.54
C ILE N 73 -26.86 18.38 18.53
N GLU N 74 -26.49 17.14 18.22
CA GLU N 74 -27.26 16.34 17.28
C GLU N 74 -28.63 15.95 17.85
N ILE N 75 -28.64 15.53 19.11
CA ILE N 75 -29.86 15.17 19.82
C ILE N 75 -30.81 16.38 19.96
N LEU N 76 -30.25 17.54 20.28
CA LEU N 76 -31.03 18.76 20.43
C LEU N 76 -31.71 19.22 19.14
N GLU N 77 -31.00 19.11 18.02
CA GLU N 77 -31.49 19.68 16.79
C GLU N 77 -32.33 18.72 15.95
N SER N 78 -32.16 17.42 16.15
CA SER N 78 -32.87 16.45 15.33
C SER N 78 -33.81 15.58 16.16
N GLY N 79 -33.60 15.59 17.47
CA GLY N 79 -34.40 14.77 18.37
C GLY N 79 -33.78 13.41 18.60
N HIS N 80 -32.81 13.03 17.77
CA HIS N 80 -32.28 11.68 17.80
C HIS N 80 -30.75 11.58 17.68
N LEU N 81 -30.23 10.43 18.11
CA LEU N 81 -28.81 10.11 18.02
C LEU N 81 -28.61 8.95 17.05
N ARG N 82 -28.13 9.26 15.86
CA ARG N 82 -28.07 8.31 14.76
C ARG N 82 -27.21 7.08 15.07
N LYS N 83 -26.27 7.24 16.00
CA LYS N 83 -25.41 6.15 16.42
C LYS N 83 -26.23 5.00 17.02
N LEU N 84 -27.33 5.36 17.66
CA LEU N 84 -28.22 4.41 18.34
C LEU N 84 -28.94 3.47 17.38
N ASP N 85 -28.93 3.80 16.09
CA ASP N 85 -29.63 3.00 15.10
C ASP N 85 -28.68 2.03 14.39
N HIS N 86 -27.40 2.11 14.74
CA HIS N 86 -26.39 1.24 14.14
C HIS N 86 -25.68 0.38 15.17
N ILE N 87 -26.26 0.27 16.36
CA ILE N 87 -25.68 -0.53 17.42
C ILE N 87 -25.76 -2.02 17.08
N SER N 88 -24.63 -2.70 17.12
CA SER N 88 -24.53 -4.13 16.79
C SER N 88 -25.65 -4.97 17.41
N GLU N 89 -26.17 -5.91 16.61
CA GLU N 89 -27.28 -6.75 17.06
C GLU N 89 -26.84 -7.70 18.18
N SER N 90 -25.54 -7.88 18.32
CA SER N 90 -24.99 -8.77 19.35
C SER N 90 -25.20 -8.25 20.77
N VAL N 91 -25.24 -6.92 20.91
CA VAL N 91 -25.19 -6.26 22.23
C VAL N 91 -26.15 -6.86 23.28
N PRO N 92 -27.44 -7.04 22.93
CA PRO N 92 -28.32 -7.63 23.97
C PRO N 92 -27.90 -9.03 24.40
N VAL N 93 -27.36 -9.81 23.47
CA VAL N 93 -26.90 -11.17 23.81
C VAL N 93 -25.59 -11.09 24.62
N LEU N 94 -24.71 -10.17 24.28
CA LEU N 94 -23.48 -10.00 25.05
C LEU N 94 -23.81 -9.57 26.49
N GLU N 95 -24.78 -8.68 26.64
CA GLU N 95 -25.25 -8.26 27.96
C GLU N 95 -25.83 -9.44 28.76
N LEU N 96 -26.67 -10.23 28.10
CA LEU N 96 -27.23 -11.44 28.69
C LEU N 96 -26.13 -12.35 29.25
N PHE N 97 -25.14 -12.62 28.43
CA PHE N 97 -24.07 -13.53 28.82
C PHE N 97 -23.23 -12.95 29.98
N SER N 98 -22.90 -11.66 29.91
CA SER N 98 -22.04 -11.05 30.94
C SER N 98 -22.79 -10.69 32.23
N ASN N 99 -24.10 -10.93 32.28
CA ASN N 99 -24.84 -10.81 33.54
C ASN N 99 -24.71 -12.10 34.35
N ILE N 100 -24.02 -13.07 33.79
CA ILE N 100 -23.60 -14.26 34.53
C ILE N 100 -22.36 -13.90 35.33
N TRP N 101 -22.42 -14.09 36.65
CA TRP N 101 -21.28 -13.81 37.50
C TRP N 101 -20.11 -14.70 37.12
N GLY N 102 -18.99 -14.12 36.75
CA GLY N 102 -17.81 -14.89 36.39
C GLY N 102 -17.52 -14.87 34.90
N ALA N 103 -18.49 -14.36 34.15
CA ALA N 103 -18.32 -14.22 32.71
C ALA N 103 -18.26 -12.74 32.33
N GLY N 104 -17.10 -12.30 31.86
CA GLY N 104 -16.93 -10.93 31.40
C GLY N 104 -17.18 -10.80 29.91
N THR N 105 -16.66 -9.71 29.36
CA THR N 105 -16.88 -9.40 27.96
C THR N 105 -16.21 -10.43 27.03
N LYS N 106 -15.03 -10.91 27.40
CA LYS N 106 -14.26 -11.83 26.56
C LYS N 106 -14.96 -13.18 26.50
N THR N 107 -15.50 -13.63 27.63
CA THR N 107 -16.23 -14.89 27.66
C THR N 107 -17.53 -14.76 26.87
N ALA N 108 -18.25 -13.65 27.09
CA ALA N 108 -19.46 -13.34 26.34
C ALA N 108 -19.20 -13.34 24.82
N GLN N 109 -18.13 -12.69 24.38
CA GLN N 109 -17.77 -12.68 22.96
C GLN N 109 -17.48 -14.08 22.41
N MET N 110 -16.66 -14.85 23.13
CA MET N 110 -16.28 -16.20 22.70
C MET N 110 -17.53 -17.05 22.46
N TRP N 111 -18.47 -16.97 23.39
CA TRP N 111 -19.72 -17.71 23.32
C TRP N 111 -20.60 -17.24 22.15
N TYR N 112 -20.63 -15.93 21.88
CA TYR N 112 -21.41 -15.43 20.75
C TYR N 112 -20.80 -15.90 19.44
N GLN N 113 -19.46 -15.94 19.39
CA GLN N 113 -18.73 -16.44 18.24
C GLN N 113 -19.00 -17.93 17.97
N GLN N 114 -19.25 -18.70 19.04
CA GLN N 114 -19.57 -20.12 18.92
C GLN N 114 -21.01 -20.33 18.42
N GLY N 115 -21.79 -19.25 18.37
CA GLY N 115 -23.16 -19.32 17.91
C GLY N 115 -24.21 -19.28 19.00
N PHE N 116 -23.79 -19.28 20.26
CA PHE N 116 -24.75 -19.30 21.38
C PHE N 116 -25.54 -17.99 21.43
N ARG N 117 -26.82 -18.06 21.79
CA ARG N 117 -27.67 -16.88 21.81
C ARG N 117 -28.54 -16.77 23.07
N SER N 118 -28.75 -17.88 23.75
CA SER N 118 -29.61 -17.89 24.93
C SER N 118 -28.93 -18.58 26.10
N LEU N 119 -29.53 -18.49 27.27
CA LEU N 119 -28.98 -19.14 28.46
C LEU N 119 -29.01 -20.65 28.32
N GLU N 120 -30.08 -21.18 27.72
CA GLU N 120 -30.20 -22.60 27.44
C GLU N 120 -29.00 -23.08 26.64
N ASP N 121 -28.63 -22.30 25.62
CA ASP N 121 -27.46 -22.61 24.80
C ASP N 121 -26.21 -22.76 25.67
N ILE N 122 -25.99 -21.80 26.56
CA ILE N 122 -24.81 -21.83 27.44
C ILE N 122 -24.81 -23.08 28.31
N ARG N 123 -25.91 -23.30 29.02
CA ARG N 123 -26.04 -24.48 29.87
C ARG N 123 -25.73 -25.76 29.09
N SER N 124 -26.31 -25.87 27.90
CA SER N 124 -26.20 -27.06 27.07
C SER N 124 -24.80 -27.31 26.50
N GLN N 125 -24.14 -26.27 25.99
CA GLN N 125 -22.95 -26.51 25.18
C GLN N 125 -21.68 -25.76 25.60
N ALA N 126 -21.78 -24.82 26.54
CA ALA N 126 -20.59 -24.08 26.97
C ALA N 126 -19.93 -24.72 28.18
N SER N 127 -18.62 -24.90 28.10
CA SER N 127 -17.84 -25.26 29.27
C SER N 127 -17.97 -24.10 30.26
N LEU N 128 -18.20 -24.42 31.53
CA LEU N 128 -18.38 -23.39 32.55
C LEU N 128 -17.41 -23.60 33.68
N THR N 129 -16.77 -22.52 34.13
CA THR N 129 -15.98 -22.61 35.35
C THR N 129 -16.93 -22.83 36.51
N THR N 130 -16.38 -23.30 37.62
CA THR N 130 -17.20 -23.55 38.80
C THR N 130 -17.95 -22.30 39.23
N GLN N 131 -17.30 -21.13 39.14
CA GLN N 131 -17.92 -19.86 39.51
C GLN N 131 -19.06 -19.48 38.57
N GLN N 132 -18.83 -19.67 37.27
CA GLN N 132 -19.82 -19.34 36.27
C GLN N 132 -21.06 -20.23 36.41
N ALA N 133 -20.83 -21.49 36.76
CA ALA N 133 -21.95 -22.42 36.94
C ALA N 133 -22.86 -21.94 38.06
N ILE N 134 -22.25 -21.49 39.16
CA ILE N 134 -23.01 -20.87 40.24
C ILE N 134 -23.68 -19.61 39.74
N GLY N 135 -22.97 -18.83 38.93
CA GLY N 135 -23.54 -17.63 38.36
C GLY N 135 -24.75 -17.95 37.50
N LEU N 136 -24.62 -18.99 36.67
CA LEU N 136 -25.72 -19.38 35.78
C LEU N 136 -26.90 -19.88 36.59
N LYS N 137 -26.60 -20.75 37.54
CA LYS N 137 -27.61 -21.34 38.43
C LYS N 137 -28.53 -20.30 39.08
N HIS N 138 -27.94 -19.32 39.77
CA HIS N 138 -28.71 -18.26 40.41
C HIS N 138 -28.89 -17.02 39.53
N TYR N 139 -28.76 -17.19 38.21
CA TYR N 139 -28.82 -16.07 37.27
C TYR N 139 -29.98 -15.13 37.53
N SER N 140 -31.17 -15.70 37.74
CA SER N 140 -32.38 -14.91 37.92
C SER N 140 -32.34 -14.10 39.22
N ASP N 141 -32.00 -14.78 40.31
CA ASP N 141 -31.90 -14.12 41.61
C ASP N 141 -30.88 -12.98 41.60
N PHE N 142 -29.75 -13.18 40.91
CA PHE N 142 -28.67 -12.19 40.96
C PHE N 142 -29.00 -10.92 40.16
N LEU N 143 -29.95 -11.00 39.24
CA LEU N 143 -30.41 -9.78 38.58
C LEU N 143 -31.31 -8.95 39.51
N GLU N 144 -31.71 -9.53 40.63
CA GLU N 144 -32.63 -8.84 41.53
C GLU N 144 -31.89 -8.11 42.64
N ARG N 145 -32.20 -6.84 42.82
CA ARG N 145 -31.77 -6.12 44.02
C ARG N 145 -32.48 -6.71 45.25
N MET N 146 -32.22 -6.14 46.41
CA MET N 146 -32.90 -6.56 47.63
C MET N 146 -33.26 -5.33 48.47
N PRO N 147 -34.42 -5.35 49.15
CA PRO N 147 -34.76 -4.22 50.01
C PRO N 147 -33.81 -4.11 51.21
N ARG N 148 -33.61 -2.91 51.74
CA ARG N 148 -32.76 -2.70 52.91
C ARG N 148 -32.99 -3.73 54.00
N GLU N 149 -34.27 -3.99 54.27
CA GLU N 149 -34.65 -4.87 55.37
C GLU N 149 -33.98 -6.21 55.25
N GLU N 150 -33.97 -6.77 54.03
CA GLU N 150 -33.38 -8.07 53.80
C GLU N 150 -31.86 -7.98 53.95
N ALA N 151 -31.27 -6.90 53.43
CA ALA N 151 -29.84 -6.65 53.63
C ALA N 151 -29.53 -6.62 55.13
N THR N 152 -30.38 -5.93 55.89
CA THR N 152 -30.21 -5.85 57.35
C THR N 152 -30.24 -7.23 58.01
N GLU N 153 -31.23 -8.05 57.65
CA GLU N 153 -31.33 -9.41 58.19
C GLU N 153 -30.08 -10.23 57.87
N ILE N 154 -29.52 -10.01 56.68
CA ILE N 154 -28.34 -10.73 56.25
C ILE N 154 -27.10 -10.30 57.04
N GLU N 155 -26.97 -8.99 57.25
CA GLU N 155 -25.91 -8.45 58.10
C GLU N 155 -26.03 -9.00 59.52
N GLN N 156 -27.24 -8.95 60.06
CA GLN N 156 -27.50 -9.43 61.41
C GLN N 156 -27.15 -10.90 61.55
N THR N 157 -27.49 -11.68 60.52
CA THR N 157 -27.14 -13.09 60.48
C THR N 157 -25.63 -13.28 60.61
N VAL N 158 -24.87 -12.50 59.84
CA VAL N 158 -23.41 -12.57 59.89
C VAL N 158 -22.90 -12.05 61.24
N GLN N 159 -23.41 -10.90 61.66
CA GLN N 159 -23.00 -10.27 62.91
C GLN N 159 -23.14 -11.19 64.13
N LYS N 160 -24.34 -11.74 64.31
CA LYS N 160 -24.61 -12.65 65.44
C LYS N 160 -23.68 -13.86 65.45
N ALA N 161 -23.51 -14.48 64.29
CA ALA N 161 -22.63 -15.63 64.16
C ALA N 161 -21.19 -15.30 64.51
N ALA N 162 -20.78 -14.08 64.17
CA ALA N 162 -19.41 -13.62 64.41
C ALA N 162 -19.19 -13.32 65.87
N GLN N 163 -20.12 -12.56 66.45
CA GLN N 163 -20.05 -12.13 67.84
C GLN N 163 -20.16 -13.30 68.82
N ALA N 164 -20.68 -14.43 68.35
CA ALA N 164 -20.70 -15.65 69.13
C ALA N 164 -19.27 -16.10 69.48
N PHE N 165 -18.32 -15.80 68.61
CA PHE N 165 -16.92 -16.14 68.84
C PHE N 165 -16.21 -15.07 69.67
N ASN N 166 -16.59 -13.82 69.43
CA ASN N 166 -16.03 -12.70 70.17
C ASN N 166 -17.00 -11.51 70.14
N SER N 167 -17.54 -11.17 71.31
CA SER N 167 -18.59 -10.15 71.41
C SER N 167 -18.09 -8.76 71.03
N GLY N 168 -16.78 -8.57 71.08
CA GLY N 168 -16.15 -7.29 70.78
C GLY N 168 -15.96 -6.95 69.31
N LEU N 169 -16.24 -7.91 68.43
CA LEU N 169 -16.15 -7.72 66.98
C LEU N 169 -17.11 -6.64 66.44
N LEU N 170 -16.56 -5.67 65.73
CA LEU N 170 -17.36 -4.72 64.97
C LEU N 170 -17.73 -5.28 63.58
N CYS N 171 -19.03 -5.29 63.26
CA CYS N 171 -19.51 -5.79 61.98
C CYS N 171 -20.35 -4.72 61.30
N VAL N 172 -19.97 -4.37 60.08
CA VAL N 172 -20.56 -3.23 59.37
C VAL N 172 -20.88 -3.63 57.93
N ALA N 173 -22.13 -3.42 57.52
CA ALA N 173 -22.52 -3.63 56.13
C ALA N 173 -22.14 -2.38 55.37
N CYS N 174 -21.43 -2.54 54.25
CA CYS N 174 -20.98 -1.37 53.49
C CYS N 174 -21.75 -1.21 52.18
N GLY N 175 -21.03 -0.87 51.10
CA GLY N 175 -21.64 -0.73 49.78
C GLY N 175 -22.83 0.22 49.73
N SER N 176 -23.72 0.01 48.75
CA SER N 176 -24.93 0.81 48.56
C SER N 176 -25.77 0.89 49.84
N TYR N 177 -25.77 -0.20 50.61
CA TYR N 177 -26.49 -0.23 51.87
C TYR N 177 -26.03 0.89 52.81
N ARG N 178 -24.72 1.01 53.00
CA ARG N 178 -24.17 2.06 53.85
C ARG N 178 -24.40 3.45 53.25
N ARG N 179 -24.52 3.53 51.94
CA ARG N 179 -24.76 4.80 51.28
C ARG N 179 -26.25 5.19 51.32
N GLY N 180 -27.06 4.39 52.00
CA GLY N 180 -28.46 4.72 52.23
C GLY N 180 -29.45 4.39 51.13
N LYS N 181 -29.10 3.44 50.26
CA LYS N 181 -29.98 3.08 49.14
C LYS N 181 -31.18 2.22 49.57
N ALA N 182 -32.33 2.44 48.94
CA ALA N 182 -33.56 1.70 49.27
C ALA N 182 -33.44 0.21 48.95
N THR N 183 -32.70 -0.09 47.88
CA THR N 183 -32.40 -1.47 47.53
C THR N 183 -30.89 -1.66 47.30
N CYS N 184 -30.44 -2.90 47.47
CA CYS N 184 -29.02 -3.26 47.34
C CYS N 184 -28.82 -4.46 46.41
N GLY N 185 -27.80 -4.39 45.56
CA GLY N 185 -27.44 -5.49 44.67
C GLY N 185 -26.75 -6.64 45.38
N ASP N 186 -26.08 -6.32 46.49
CA ASP N 186 -25.39 -7.31 47.30
C ASP N 186 -25.21 -6.81 48.73
N VAL N 187 -24.64 -7.64 49.61
CA VAL N 187 -24.28 -7.20 50.94
C VAL N 187 -22.79 -7.46 51.24
N ASP N 188 -22.09 -6.41 51.63
CA ASP N 188 -20.68 -6.51 52.00
C ASP N 188 -20.53 -6.28 53.49
N VAL N 189 -20.28 -7.34 54.25
CA VAL N 189 -20.15 -7.20 55.71
C VAL N 189 -18.68 -7.10 56.12
N LEU N 190 -18.27 -5.91 56.54
CA LEU N 190 -16.90 -5.64 56.99
C LEU N 190 -16.74 -5.87 58.50
N ILE N 191 -15.73 -6.66 58.86
CA ILE N 191 -15.53 -7.07 60.23
C ILE N 191 -14.12 -6.78 60.75
N THR N 192 -14.04 -6.25 61.97
CA THR N 192 -12.76 -6.02 62.65
C THR N 192 -12.90 -6.12 64.17
N HIS N 193 -11.84 -5.81 64.89
CA HIS N 193 -11.87 -5.80 66.35
C HIS N 193 -10.96 -4.71 66.87
N PRO N 194 -11.49 -3.85 67.77
CA PRO N 194 -10.75 -2.66 68.21
C PRO N 194 -9.40 -2.94 68.91
N ASP N 195 -9.14 -4.15 69.38
CA ASP N 195 -7.89 -4.42 70.12
C ASP N 195 -6.69 -4.69 69.19
N GLY N 196 -6.96 -4.93 67.91
CA GLY N 196 -5.91 -5.06 66.91
C GLY N 196 -5.49 -6.49 66.60
N ARG N 197 -6.00 -7.45 67.35
CA ARG N 197 -5.53 -8.82 67.21
C ARG N 197 -6.65 -9.86 67.13
N SER N 198 -7.74 -9.64 67.86
CA SER N 198 -8.75 -10.69 67.99
C SER N 198 -9.67 -10.84 66.77
N HIS N 199 -9.38 -10.09 65.70
CA HIS N 199 -9.99 -10.36 64.41
C HIS N 199 -9.39 -11.62 63.79
N ARG N 200 -8.22 -12.01 64.30
CA ARG N 200 -7.50 -13.14 63.73
C ARG N 200 -8.13 -14.47 64.11
N GLY N 201 -8.13 -15.41 63.18
CA GLY N 201 -8.77 -16.70 63.38
C GLY N 201 -10.29 -16.71 63.23
N ILE N 202 -10.90 -15.53 63.19
CA ILE N 202 -12.35 -15.43 63.12
C ILE N 202 -12.95 -15.88 61.79
N PHE N 203 -12.45 -15.30 60.69
CA PHE N 203 -12.90 -15.56 59.32
C PHE N 203 -13.33 -17.00 59.06
N SER N 204 -12.37 -17.92 59.20
CA SER N 204 -12.56 -19.31 58.86
C SER N 204 -13.67 -20.01 59.65
N ARG N 205 -13.76 -19.76 60.95
CA ARG N 205 -14.80 -20.45 61.72
C ARG N 205 -16.13 -19.71 61.68
N LEU N 206 -16.11 -18.45 61.28
CA LEU N 206 -17.37 -17.74 61.02
C LEU N 206 -18.07 -18.34 59.80
N LEU N 207 -17.28 -18.67 58.77
CA LEU N 207 -17.86 -19.25 57.56
C LEU N 207 -18.41 -20.65 57.84
N ASP N 208 -17.69 -21.43 58.65
CA ASP N 208 -18.14 -22.75 59.07
C ASP N 208 -19.48 -22.69 59.77
N SER N 209 -19.59 -21.73 60.69
CA SER N 209 -20.83 -21.52 61.42
C SER N 209 -21.98 -21.16 60.48
N LEU N 210 -21.73 -20.21 59.60
CA LEU N 210 -22.74 -19.79 58.63
C LEU N 210 -23.08 -20.93 57.68
N ARG N 211 -22.11 -21.77 57.39
CA ARG N 211 -22.32 -22.88 56.46
C ARG N 211 -23.20 -23.96 57.11
N GLN N 212 -22.96 -24.22 58.39
CA GLN N 212 -23.75 -25.21 59.13
C GLN N 212 -25.20 -24.75 59.33
N GLU N 213 -25.40 -23.45 59.54
CA GLU N 213 -26.75 -22.91 59.69
C GLU N 213 -27.56 -23.05 58.39
N GLY N 214 -26.89 -23.44 57.31
CA GLY N 214 -27.49 -23.54 56.00
C GLY N 214 -27.58 -22.19 55.29
N PHE N 215 -26.99 -21.17 55.92
CA PHE N 215 -27.08 -19.80 55.44
C PHE N 215 -26.33 -19.59 54.13
N LEU N 216 -25.08 -20.07 54.06
CA LEU N 216 -24.28 -20.01 52.84
C LEU N 216 -24.66 -21.16 51.92
N THR N 217 -25.12 -20.84 50.73
CA THR N 217 -25.54 -21.87 49.78
C THR N 217 -24.42 -22.23 48.79
N ASP N 218 -23.59 -21.24 48.44
CA ASP N 218 -22.51 -21.45 47.48
C ASP N 218 -21.31 -20.54 47.79
N ASP N 219 -20.12 -21.03 47.51
CA ASP N 219 -18.92 -20.21 47.59
C ASP N 219 -18.43 -19.88 46.17
N LEU N 220 -18.21 -18.60 45.91
CA LEU N 220 -17.61 -18.16 44.66
C LEU N 220 -16.09 -18.08 44.81
N VAL N 221 -15.66 -17.38 45.86
CA VAL N 221 -14.28 -17.41 46.32
C VAL N 221 -14.30 -17.66 47.84
N SER N 222 -13.87 -18.83 48.27
CA SER N 222 -14.08 -19.21 49.67
C SER N 222 -13.12 -18.46 50.61
N GLN N 223 -11.93 -18.13 50.11
CA GLN N 223 -11.00 -17.25 50.82
C GLN N 223 -10.04 -16.56 49.86
N GLU N 224 -9.93 -15.25 50.04
CA GLU N 224 -8.95 -14.45 49.32
C GLU N 224 -8.10 -13.70 50.34
N GLU N 225 -6.80 -13.95 50.32
CA GLU N 225 -5.88 -13.25 51.23
C GLU N 225 -5.22 -12.08 50.53
N ASN N 226 -5.59 -10.87 50.95
CA ASN N 226 -4.97 -9.64 50.45
C ASN N 226 -4.28 -8.92 51.61
N GLY N 227 -2.95 -9.11 51.70
CA GLY N 227 -2.19 -8.66 52.86
C GLY N 227 -2.80 -9.29 54.11
N GLN N 228 -3.14 -8.44 55.07
CA GLN N 228 -3.78 -8.93 56.30
C GLN N 228 -5.30 -9.01 56.21
N GLN N 229 -5.89 -8.72 55.04
CA GLN N 229 -7.34 -8.83 54.88
C GLN N 229 -7.79 -10.18 54.33
N GLN N 230 -8.86 -10.72 54.91
CA GLN N 230 -9.44 -11.97 54.43
C GLN N 230 -10.80 -11.66 53.81
N LYS N 231 -11.00 -12.09 52.56
CA LYS N 231 -12.27 -11.84 51.90
C LYS N 231 -12.98 -13.11 51.40
N TYR N 232 -14.27 -13.17 51.67
CA TYR N 232 -15.15 -14.25 51.22
C TYR N 232 -16.11 -13.71 50.16
N LEU N 233 -16.18 -14.35 49.00
CA LEU N 233 -17.20 -14.01 48.02
C LEU N 233 -18.10 -15.22 47.85
N GLY N 234 -19.39 -15.04 48.13
CA GLY N 234 -20.30 -16.15 48.02
C GLY N 234 -21.78 -15.81 47.92
N VAL N 235 -22.59 -16.81 48.27
CA VAL N 235 -24.03 -16.76 48.08
C VAL N 235 -24.73 -17.19 49.35
N CYS N 236 -25.81 -16.49 49.70
CA CYS N 236 -26.55 -16.81 50.91
C CYS N 236 -28.05 -16.73 50.66
N ARG N 237 -28.82 -17.34 51.57
CA ARG N 237 -30.27 -17.25 51.50
C ARG N 237 -30.84 -17.30 52.91
N LEU N 238 -31.74 -16.37 53.22
CA LEU N 238 -32.37 -16.34 54.53
C LEU N 238 -33.28 -17.55 54.73
N PRO N 239 -33.58 -17.90 56.00
CA PRO N 239 -34.52 -18.99 56.27
C PRO N 239 -35.95 -18.66 55.85
N GLY N 240 -36.78 -19.68 55.70
CA GLY N 240 -38.18 -19.49 55.35
C GLY N 240 -38.39 -19.56 53.85
N PRO N 241 -39.65 -19.78 53.43
CA PRO N 241 -39.96 -19.83 52.01
C PRO N 241 -40.06 -18.42 51.40
N GLY N 242 -39.94 -18.34 50.07
CA GLY N 242 -40.07 -17.08 49.37
C GLY N 242 -38.80 -16.26 49.33
N ARG N 243 -37.70 -16.85 49.77
CA ARG N 243 -36.42 -16.15 49.83
C ARG N 243 -35.56 -16.46 48.60
N ARG N 244 -34.95 -15.41 48.05
CA ARG N 244 -34.04 -15.55 46.93
C ARG N 244 -32.60 -15.67 47.39
N HIS N 245 -31.73 -16.21 46.54
CA HIS N 245 -30.30 -16.22 46.84
C HIS N 245 -29.72 -14.82 46.68
N ARG N 246 -28.83 -14.44 47.60
CA ARG N 246 -28.23 -13.12 47.54
C ARG N 246 -26.70 -13.19 47.55
N ARG N 247 -26.08 -12.27 46.83
CA ARG N 247 -24.62 -12.09 46.82
C ARG N 247 -24.12 -11.49 48.14
N LEU N 248 -23.31 -12.25 48.87
CA LEU N 248 -22.76 -11.77 50.13
C LEU N 248 -21.24 -11.81 50.13
N ASP N 249 -20.61 -10.68 50.45
CA ASP N 249 -19.16 -10.63 50.66
C ASP N 249 -18.88 -10.41 52.14
N ILE N 250 -17.93 -11.16 52.69
CA ILE N 250 -17.49 -10.95 54.06
C ILE N 250 -16.01 -10.63 54.05
N ILE N 251 -15.64 -9.53 54.71
CA ILE N 251 -14.25 -9.09 54.78
C ILE N 251 -13.81 -8.86 56.23
N VAL N 252 -12.79 -9.61 56.66
CA VAL N 252 -12.23 -9.41 58.00
C VAL N 252 -10.90 -8.69 57.87
N VAL N 253 -10.76 -7.57 58.56
CA VAL N 253 -9.57 -6.73 58.42
C VAL N 253 -8.96 -6.37 59.78
N PRO N 254 -7.67 -6.01 59.80
CA PRO N 254 -7.14 -5.53 61.08
C PRO N 254 -7.63 -4.12 61.38
N TYR N 255 -7.73 -3.78 62.66
CA TYR N 255 -8.31 -2.50 63.09
C TYR N 255 -7.64 -1.30 62.42
N SER N 256 -6.32 -1.38 62.24
CA SER N 256 -5.57 -0.26 61.70
C SER N 256 -5.95 0.02 60.24
N GLU N 257 -6.57 -0.96 59.60
CA GLU N 257 -7.00 -0.77 58.20
C GLU N 257 -8.51 -0.55 58.07
N PHE N 258 -9.22 -0.45 59.19
CA PHE N 258 -10.69 -0.35 59.18
C PHE N 258 -11.23 0.89 58.46
N ALA N 259 -10.61 2.03 58.68
CA ALA N 259 -11.06 3.25 58.05
C ALA N 259 -10.93 3.12 56.54
N CYS N 260 -9.78 2.68 56.08
CA CYS N 260 -9.59 2.58 54.64
C CYS N 260 -10.45 1.45 54.05
N ALA N 261 -10.68 0.38 54.82
CA ALA N 261 -11.52 -0.70 54.31
C ALA N 261 -12.99 -0.22 54.19
N LEU N 262 -13.43 0.55 55.18
CA LEU N 262 -14.77 1.13 55.18
C LEU N 262 -14.95 2.02 53.99
N LEU N 263 -13.96 2.85 53.73
CA LEU N 263 -14.04 3.78 52.62
C LEU N 263 -14.19 2.98 51.31
N TYR N 264 -13.31 2.02 51.10
CA TYR N 264 -13.28 1.28 49.84
C TYR N 264 -14.57 0.50 49.59
N PHE N 265 -14.99 -0.29 50.58
CA PHE N 265 -16.11 -1.19 50.38
C PHE N 265 -17.43 -0.44 50.48
N THR N 266 -17.40 0.81 50.95
CA THR N 266 -18.61 1.62 50.91
C THR N 266 -18.76 2.24 49.52
N GLY N 267 -17.65 2.66 48.92
CA GLY N 267 -17.72 3.19 47.56
C GLY N 267 -18.45 4.52 47.50
N SER N 268 -19.09 4.85 46.37
CA SER N 268 -19.22 4.02 45.17
C SER N 268 -17.91 3.79 44.43
N ALA N 269 -17.97 3.00 43.36
CA ALA N 269 -16.78 2.69 42.57
C ALA N 269 -16.21 3.97 41.95
N HIS N 270 -17.09 4.87 41.51
CA HIS N 270 -16.66 6.14 40.94
CA HIS N 270 -16.62 6.14 40.96
C HIS N 270 -16.05 7.05 42.04
N PHE N 271 -16.64 7.01 43.22
CA PHE N 271 -16.13 7.81 44.33
C PHE N 271 -14.69 7.37 44.67
N ASN N 272 -14.50 6.05 44.83
CA ASN N 272 -13.19 5.46 45.06
C ASN N 272 -12.19 5.92 44.01
N ARG N 273 -12.62 5.90 42.75
CA ARG N 273 -11.78 6.29 41.62
C ARG N 273 -11.32 7.73 41.80
N SER N 274 -12.24 8.61 42.16
CA SER N 274 -11.89 10.02 42.27
C SER N 274 -11.02 10.28 43.52
N MET N 275 -11.23 9.51 44.58
CA MET N 275 -10.38 9.61 45.78
C MET N 275 -8.95 9.17 45.46
N ARG N 276 -8.79 8.10 44.68
CA ARG N 276 -7.46 7.64 44.29
C ARG N 276 -6.72 8.68 43.44
N ALA N 277 -7.48 9.35 42.56
CA ALA N 277 -6.92 10.40 41.71
C ALA N 277 -6.50 11.59 42.56
N LEU N 278 -7.31 11.95 43.54
CA LEU N 278 -6.95 13.05 44.41
C LEU N 278 -5.71 12.72 45.23
N ALA N 279 -5.66 11.51 45.79
CA ALA N 279 -4.48 11.07 46.53
C ALA N 279 -3.22 11.16 45.67
N LYS N 280 -3.34 10.76 44.41
CA LYS N 280 -2.22 10.81 43.47
C LYS N 280 -1.62 12.21 43.34
N THR N 281 -2.48 13.23 43.24
CA THR N 281 -2.04 14.60 43.07
C THR N 281 -1.26 15.07 44.30
N LYS N 282 -1.55 14.48 45.45
CA LYS N 282 -0.86 14.88 46.67
C LYS N 282 0.25 13.88 47.02
N GLY N 283 0.74 13.16 46.02
CA GLY N 283 1.85 12.23 46.19
C GLY N 283 1.52 11.07 47.10
N MET N 284 0.25 10.71 47.18
CA MET N 284 -0.18 9.60 48.00
C MET N 284 -0.89 8.54 47.18
N SER N 285 -1.11 7.38 47.79
CA SER N 285 -1.96 6.36 47.20
C SER N 285 -3.02 5.98 48.24
N LEU N 286 -4.20 5.63 47.76
CA LEU N 286 -5.28 5.18 48.63
C LEU N 286 -5.81 3.83 48.19
N SER N 287 -5.72 2.85 49.08
CA SER N 287 -6.23 1.50 48.82
C SER N 287 -7.19 1.09 49.92
N GLU N 288 -7.67 -0.15 49.89
CA GLU N 288 -8.54 -0.64 50.96
C GLU N 288 -7.72 -0.91 52.23
N HIS N 289 -6.40 -0.82 52.10
CA HIS N 289 -5.48 -1.01 53.23
C HIS N 289 -5.19 0.30 53.94
N ALA N 290 -4.86 1.32 53.18
CA ALA N 290 -4.21 2.48 53.75
C ALA N 290 -4.16 3.64 52.80
N LEU N 291 -4.06 4.82 53.40
CA LEU N 291 -3.53 5.99 52.73
C LEU N 291 -2.03 5.95 53.00
N SER N 292 -1.21 6.12 51.97
CA SER N 292 0.23 6.04 52.18
C SER N 292 0.97 6.97 51.23
N THR N 293 2.23 7.26 51.53
CA THR N 293 3.06 8.08 50.63
C THR N 293 3.36 7.25 49.39
N ALA N 294 3.69 7.92 48.29
CA ALA N 294 3.87 7.21 47.01
C ALA N 294 5.06 6.23 47.06
N VAL N 295 4.94 5.17 46.27
CA VAL N 295 5.95 4.12 46.15
C VAL N 295 7.31 4.70 45.72
N VAL N 296 8.40 4.09 46.18
CA VAL N 296 9.74 4.51 45.77
C VAL N 296 10.09 3.99 44.39
N ARG N 297 10.08 4.87 43.39
CA ARG N 297 10.40 4.48 42.01
C ARG N 297 11.82 4.88 41.64
N ASN N 298 12.56 3.94 41.04
CA ASN N 298 14.00 4.11 40.82
C ASN N 298 14.38 4.72 39.47
N THR N 299 15.58 4.38 39.02
CA THR N 299 16.21 5.01 37.85
C THR N 299 15.42 4.83 36.55
N HIS N 300 15.07 3.59 36.23
CA HIS N 300 14.28 3.33 35.03
C HIS N 300 12.80 3.66 35.26
N GLY N 301 12.46 3.90 36.52
CA GLY N 301 11.10 4.32 36.88
C GLY N 301 10.22 3.21 37.41
N CYS N 302 10.81 2.29 38.17
CA CYS N 302 10.10 1.11 38.64
C CYS N 302 9.79 1.15 40.14
N LYS N 303 8.58 0.77 40.52
CA LYS N 303 8.21 0.69 41.93
C LYS N 303 9.12 -0.30 42.66
N VAL N 304 10.13 0.23 43.33
CA VAL N 304 11.12 -0.59 44.01
C VAL N 304 10.93 -0.66 45.52
N GLY N 305 9.69 -0.83 45.96
CA GLY N 305 9.37 -0.93 47.38
C GLY N 305 8.27 0.03 47.83
N PRO N 306 7.33 -0.46 48.66
CA PRO N 306 6.07 0.22 49.03
C PRO N 306 6.26 1.55 49.75
N GLY N 307 5.23 2.38 49.75
CA GLY N 307 5.29 3.66 50.42
C GLY N 307 5.04 3.48 51.91
N ARG N 308 5.23 4.54 52.69
CA ARG N 308 4.92 4.48 54.11
C ARG N 308 3.45 4.82 54.38
N VAL N 309 2.82 4.04 55.25
CA VAL N 309 1.42 4.26 55.64
C VAL N 309 1.23 5.52 56.50
N LEU N 310 0.18 6.29 56.19
CA LEU N 310 -0.25 7.40 57.02
C LEU N 310 -1.45 6.94 57.84
N PRO N 311 -1.24 6.68 59.14
CA PRO N 311 -2.30 6.06 59.95
C PRO N 311 -3.59 6.88 59.93
N THR N 312 -4.70 6.18 59.73
CA THR N 312 -6.02 6.81 59.67
C THR N 312 -6.99 6.00 60.51
N PRO N 313 -7.19 6.44 61.78
CA PRO N 313 -8.09 5.72 62.66
C PRO N 313 -9.55 5.79 62.19
N THR N 314 -9.95 6.88 61.55
CA THR N 314 -11.34 7.00 61.07
C THR N 314 -11.36 7.45 59.62
N GLU N 315 -12.50 7.23 58.94
CA GLU N 315 -12.71 7.77 57.60
C GLU N 315 -12.39 9.27 57.54
N LYS N 316 -12.83 10.03 58.55
CA LYS N 316 -12.58 11.48 58.58
C LYS N 316 -11.08 11.80 58.51
N ASP N 317 -10.25 10.94 59.09
CA ASP N 317 -8.81 11.14 59.01
C ASP N 317 -8.29 11.06 57.57
N VAL N 318 -8.83 10.11 56.80
CA VAL N 318 -8.42 9.97 55.41
C VAL N 318 -8.72 11.25 54.65
N PHE N 319 -9.97 11.69 54.73
CA PHE N 319 -10.41 12.97 54.18
C PHE N 319 -9.52 14.12 54.66
N ARG N 320 -9.31 14.21 55.97
CA ARG N 320 -8.49 15.28 56.54
C ARG N 320 -7.11 15.30 55.92
N LEU N 321 -6.46 14.15 55.89
CA LEU N 321 -5.09 14.09 55.38
C LEU N 321 -5.02 14.33 53.87
N LEU N 322 -6.16 14.19 53.19
CA LEU N 322 -6.22 14.49 51.75
C LEU N 322 -6.60 15.95 51.50
N GLY N 323 -6.93 16.69 52.56
CA GLY N 323 -7.30 18.09 52.46
C GLY N 323 -8.76 18.27 52.01
N LEU N 324 -9.60 17.31 52.37
CA LEU N 324 -10.98 17.26 51.89
C LEU N 324 -12.00 17.41 53.00
N PRO N 325 -13.12 18.06 52.69
CA PRO N 325 -14.25 18.03 53.63
C PRO N 325 -14.75 16.60 53.74
N TYR N 326 -15.04 16.13 54.95
CA TYR N 326 -15.67 14.82 55.11
C TYR N 326 -16.96 14.76 54.28
N ARG N 327 -17.15 13.64 53.59
CA ARG N 327 -18.42 13.38 52.91
C ARG N 327 -19.09 12.19 53.58
N GLU N 328 -20.34 12.38 53.98
CA GLU N 328 -21.14 11.31 54.57
C GLU N 328 -21.28 10.17 53.56
N PRO N 329 -21.41 8.91 54.04
CA PRO N 329 -21.56 7.79 53.10
C PRO N 329 -22.69 7.99 52.09
N ALA N 330 -23.79 8.60 52.52
CA ALA N 330 -24.93 8.82 51.65
C ALA N 330 -24.63 9.84 50.55
N GLU N 331 -23.50 10.52 50.65
CA GLU N 331 -23.13 11.53 49.67
C GLU N 331 -21.98 11.08 48.75
N ARG N 332 -21.70 9.79 48.72
CA ARG N 332 -20.55 9.28 47.97
C ARG N 332 -20.91 8.50 46.69
N ASP N 333 -21.87 9.00 45.92
CA ASP N 333 -22.24 8.34 44.67
C ASP N 333 -21.21 8.56 43.56
N TRP N 334 -20.71 9.78 43.44
CA TRP N 334 -19.75 10.10 42.38
C TRP N 334 -18.59 10.90 42.94
N THR O 9 -8.30 32.15 -2.42
CA THR O 9 -8.91 33.27 -1.72
C THR O 9 -9.11 32.98 -0.22
N ASN O 10 -8.66 33.90 0.62
CA ASN O 10 -8.86 33.82 2.06
C ASN O 10 -10.23 34.39 2.44
N HIS O 11 -11.15 33.52 2.85
CA HIS O 11 -12.50 33.95 3.20
C HIS O 11 -12.62 34.40 4.66
N ASN O 12 -11.49 34.43 5.36
CA ASN O 12 -11.48 34.73 6.80
C ASN O 12 -10.45 35.77 7.22
N LEU O 13 -10.28 36.80 6.40
CA LEU O 13 -9.31 37.84 6.65
C LEU O 13 -9.59 38.60 7.95
N HIS O 14 -10.85 38.93 8.20
CA HIS O 14 -11.21 39.72 9.39
C HIS O 14 -10.85 38.99 10.67
N ILE O 15 -10.65 37.68 10.57
CA ILE O 15 -10.21 36.87 11.71
C ILE O 15 -8.70 36.71 11.76
N THR O 16 -8.12 36.28 10.64
CA THR O 16 -6.70 35.97 10.60
C THR O 16 -5.81 37.19 10.89
N GLU O 17 -6.20 38.35 10.38
CA GLU O 17 -5.36 39.54 10.54
C GLU O 17 -5.27 39.94 12.01
N LYS O 18 -6.32 39.65 12.77
CA LYS O 18 -6.28 39.88 14.22
C LYS O 18 -5.45 38.81 14.91
N LEU O 19 -5.59 37.55 14.47
CA LEU O 19 -4.84 36.45 15.08
C LEU O 19 -3.33 36.62 14.85
N GLU O 20 -2.98 37.14 13.66
CA GLU O 20 -1.58 37.37 13.31
C GLU O 20 -0.91 38.35 14.26
N VAL O 21 -1.63 39.40 14.65
CA VAL O 21 -1.09 40.36 15.61
C VAL O 21 -0.74 39.59 16.88
N LEU O 22 -1.65 38.71 17.29
CA LEU O 22 -1.44 37.89 18.48
C LEU O 22 -0.28 36.90 18.28
N ALA O 23 -0.21 36.30 17.10
CA ALA O 23 0.87 35.35 16.79
C ALA O 23 2.25 36.04 16.82
N LYS O 24 2.32 37.23 16.24
CA LYS O 24 3.57 37.98 16.14
C LYS O 24 4.06 38.37 17.54
N ALA O 25 3.13 38.88 18.36
CA ALA O 25 3.39 39.25 19.74
C ALA O 25 4.01 38.12 20.55
N TYR O 26 3.37 36.94 20.52
CA TYR O 26 3.91 35.75 21.18
C TYR O 26 5.32 35.40 20.67
N SER O 27 5.51 35.51 19.36
CA SER O 27 6.78 35.12 18.74
C SER O 27 7.97 36.00 19.18
N VAL O 28 7.80 37.32 19.18
CA VAL O 28 8.89 38.21 19.59
C VAL O 28 9.14 38.14 21.10
N GLN O 29 8.12 37.74 21.86
CA GLN O 29 8.28 37.56 23.29
C GLN O 29 8.96 36.22 23.61
N GLY O 30 9.23 35.44 22.56
CA GLY O 30 9.93 34.18 22.74
C GLY O 30 9.06 32.95 22.99
N ASP O 31 7.74 33.13 23.00
CA ASP O 31 6.81 32.03 23.18
C ASP O 31 6.67 31.29 21.84
N LYS O 32 7.73 30.55 21.54
CA LYS O 32 7.91 29.77 20.32
C LYS O 32 6.69 28.94 19.94
N TRP O 33 6.29 28.08 20.87
CA TRP O 33 5.30 27.06 20.56
C TRP O 33 3.88 27.61 20.53
N ARG O 34 3.60 28.62 21.35
CA ARG O 34 2.30 29.25 21.30
C ARG O 34 2.16 29.95 19.95
N ALA O 35 3.21 30.65 19.51
CA ALA O 35 3.16 31.31 18.19
C ALA O 35 2.99 30.29 17.06
N LEU O 36 3.66 29.15 17.18
CA LEU O 36 3.49 28.07 16.20
C LEU O 36 2.01 27.68 16.08
N GLY O 37 1.39 27.44 17.23
CA GLY O 37 -0.03 27.11 17.30
C GLY O 37 -0.94 28.11 16.61
N TYR O 38 -0.70 29.41 16.84
CA TYR O 38 -1.45 30.43 16.13
C TYR O 38 -1.18 30.39 14.62
N ALA O 39 0.08 30.23 14.22
CA ALA O 39 0.46 30.18 12.82
C ALA O 39 -0.30 29.07 12.08
N LYS O 40 -0.34 27.89 12.69
CA LYS O 40 -1.01 26.75 12.09
C LYS O 40 -2.53 26.95 12.04
N ALA O 41 -3.09 27.65 13.04
CA ALA O 41 -4.51 27.98 13.05
C ALA O 41 -4.84 28.96 11.92
N ILE O 42 -4.02 30.02 11.81
CA ILE O 42 -4.17 31.03 10.79
C ILE O 42 -4.14 30.42 9.40
N ASN O 43 -3.16 29.55 9.14
CA ASN O 43 -3.08 28.86 7.86
C ASN O 43 -4.32 28.02 7.59
N ALA O 44 -4.80 27.32 8.62
CA ALA O 44 -6.01 26.53 8.49
C ALA O 44 -7.20 27.41 8.14
N LEU O 45 -7.24 28.62 8.70
CA LEU O 45 -8.31 29.56 8.43
C LEU O 45 -8.25 30.11 7.00
N LYS O 46 -7.03 30.34 6.52
CA LYS O 46 -6.82 30.87 5.17
C LYS O 46 -7.21 29.89 4.06
N SER O 47 -6.99 28.60 4.29
CA SER O 47 -7.30 27.61 3.28
C SER O 47 -8.67 26.96 3.51
N PHE O 48 -9.53 27.63 4.29
CA PHE O 48 -10.90 27.18 4.48
C PHE O 48 -11.78 27.72 3.36
N HIS O 49 -12.64 26.87 2.81
CA HIS O 49 -13.38 27.18 1.58
C HIS O 49 -14.51 28.20 1.75
N LYS O 50 -14.82 28.56 2.99
CA LYS O 50 -15.88 29.55 3.25
C LYS O 50 -15.64 30.27 4.58
N PRO O 51 -16.28 31.45 4.75
CA PRO O 51 -16.16 32.16 6.04
C PRO O 51 -16.69 31.33 7.20
N VAL O 52 -15.91 31.23 8.28
CA VAL O 52 -16.35 30.53 9.48
C VAL O 52 -17.47 31.31 10.17
N THR O 53 -18.57 30.63 10.48
CA THR O 53 -19.75 31.31 10.99
C THR O 53 -20.14 30.91 12.42
N SER O 54 -19.57 29.84 12.94
CA SER O 54 -19.92 29.37 14.28
C SER O 54 -18.77 28.72 15.04
N TYR O 55 -18.93 28.63 16.35
CA TYR O 55 -17.98 27.95 17.23
C TYR O 55 -17.82 26.49 16.82
N GLN O 56 -18.95 25.82 16.60
CA GLN O 56 -18.95 24.43 16.22
C GLN O 56 -18.23 24.22 14.90
N GLU O 57 -18.45 25.13 13.95
CA GLU O 57 -17.77 25.03 12.67
C GLU O 57 -16.28 25.21 12.82
N ALA O 58 -15.89 26.18 13.65
CA ALA O 58 -14.48 26.47 13.88
C ALA O 58 -13.80 25.27 14.53
N CYS O 59 -14.49 24.63 15.47
CA CYS O 59 -13.94 23.47 16.17
C CYS O 59 -13.77 22.26 15.28
N SER O 60 -14.42 22.30 14.11
CA SER O 60 -14.36 21.22 13.14
C SER O 60 -13.12 21.28 12.26
N ILE O 61 -12.35 22.35 12.39
CA ILE O 61 -11.16 22.54 11.56
C ILE O 61 -9.90 22.10 12.27
N PRO O 62 -9.16 21.16 11.66
CA PRO O 62 -7.87 20.75 12.24
C PRO O 62 -6.95 21.96 12.41
N GLY O 63 -6.38 22.11 13.61
CA GLY O 63 -5.56 23.26 13.92
C GLY O 63 -6.32 24.27 14.77
N ILE O 64 -7.61 24.05 14.92
CA ILE O 64 -8.44 24.96 15.69
C ILE O 64 -9.14 24.22 16.84
N GLY O 65 -8.74 24.55 18.07
CA GLY O 65 -9.32 23.93 19.24
C GLY O 65 -10.28 24.88 19.93
N LYS O 66 -10.81 24.45 21.06
CA LYS O 66 -11.75 25.26 21.83
C LYS O 66 -11.25 26.68 22.10
N ARG O 67 -10.00 26.82 22.55
CA ARG O 67 -9.41 28.13 22.86
C ARG O 67 -9.40 29.05 21.63
N MET O 68 -8.94 28.52 20.50
CA MET O 68 -8.88 29.30 19.27
C MET O 68 -10.28 29.65 18.77
N ALA O 69 -11.21 28.70 18.89
CA ALA O 69 -12.58 28.93 18.45
C ALA O 69 -13.26 29.99 19.32
N GLU O 70 -12.90 30.00 20.61
CA GLU O 70 -13.40 31.00 21.55
C GLU O 70 -13.03 32.42 21.13
N LYS O 71 -11.89 32.57 20.46
CA LYS O 71 -11.43 33.86 19.99
C LYS O 71 -12.09 34.22 18.66
N ILE O 72 -12.31 33.21 17.83
CA ILE O 72 -12.94 33.40 16.53
C ILE O 72 -14.39 33.87 16.65
N ILE O 73 -15.15 33.31 17.60
CA ILE O 73 -16.54 33.74 17.79
C ILE O 73 -16.61 35.12 18.43
N GLU O 74 -15.60 35.46 19.23
CA GLU O 74 -15.55 36.79 19.81
C GLU O 74 -15.42 37.81 18.68
N ILE O 75 -14.56 37.49 17.71
CA ILE O 75 -14.36 38.35 16.55
C ILE O 75 -15.63 38.42 15.70
N LEU O 76 -16.31 37.29 15.54
CA LEU O 76 -17.54 37.21 14.75
C LEU O 76 -18.67 38.02 15.36
N GLU O 77 -18.71 38.10 16.68
CA GLU O 77 -19.82 38.75 17.37
C GLU O 77 -19.52 40.18 17.83
N SER O 78 -18.32 40.68 17.55
CA SER O 78 -17.99 42.04 17.95
C SER O 78 -17.07 42.77 16.96
N GLY O 79 -16.45 42.01 16.05
CA GLY O 79 -15.49 42.59 15.12
C GLY O 79 -14.21 43.01 15.82
N HIS O 80 -14.03 42.48 17.03
CA HIS O 80 -12.96 42.90 17.92
C HIS O 80 -12.37 41.71 18.68
N LEU O 81 -11.11 41.84 19.10
CA LEU O 81 -10.47 40.84 19.94
C LEU O 81 -9.85 41.55 21.13
N ARG O 82 -10.46 41.38 22.29
CA ARG O 82 -10.03 42.09 23.49
C ARG O 82 -8.58 41.82 23.87
N LYS O 83 -8.11 40.60 23.62
CA LYS O 83 -6.76 40.21 24.01
C LYS O 83 -5.72 41.13 23.36
N LEU O 84 -6.05 41.68 22.19
CA LEU O 84 -5.14 42.55 21.47
C LEU O 84 -4.94 43.92 22.13
N ASP O 85 -5.77 44.25 23.11
CA ASP O 85 -5.70 45.54 23.76
C ASP O 85 -4.92 45.48 25.06
N HIS O 86 -4.49 44.28 25.44
CA HIS O 86 -3.71 44.12 26.65
C HIS O 86 -2.28 43.68 26.34
N ILE O 87 -1.88 43.80 25.07
CA ILE O 87 -0.53 43.40 24.66
C ILE O 87 0.54 44.35 25.22
N SER O 88 1.59 43.76 25.80
CA SER O 88 2.65 44.55 26.43
C SER O 88 3.26 45.55 25.45
N GLU O 89 3.52 46.76 25.97
CA GLU O 89 4.05 47.86 25.17
C GLU O 89 5.48 47.59 24.72
N SER O 90 6.09 46.56 25.30
CA SER O 90 7.45 46.16 24.94
C SER O 90 7.49 45.42 23.59
N VAL O 91 6.36 44.87 23.16
CA VAL O 91 6.32 44.04 21.95
C VAL O 91 6.82 44.78 20.69
N PRO O 92 6.36 46.02 20.45
CA PRO O 92 6.91 46.68 19.25
C PRO O 92 8.44 46.85 19.24
N VAL O 93 9.07 47.09 20.39
CA VAL O 93 10.52 47.25 20.33
C VAL O 93 11.20 45.86 20.31
N LEU O 94 10.60 44.86 20.96
CA LEU O 94 11.11 43.50 20.82
C LEU O 94 11.07 43.06 19.34
N GLU O 95 10.02 43.46 18.63
CA GLU O 95 9.91 43.15 17.19
C GLU O 95 11.03 43.86 16.42
N LEU O 96 11.17 45.15 16.69
CA LEU O 96 12.24 45.95 16.13
C LEU O 96 13.60 45.28 16.27
N PHE O 97 13.93 44.83 17.47
CA PHE O 97 15.26 44.29 17.72
C PHE O 97 15.45 42.95 17.02
N SER O 98 14.45 42.07 17.08
CA SER O 98 14.58 40.77 16.43
C SER O 98 14.44 40.89 14.90
N ASN O 99 14.10 42.08 14.41
CA ASN O 99 14.16 42.32 12.96
C ASN O 99 15.59 42.40 12.43
N ILE O 100 16.55 42.47 13.36
CA ILE O 100 17.95 42.43 13.00
C ILE O 100 18.40 40.99 12.77
N TRP O 101 18.97 40.73 11.59
CA TRP O 101 19.45 39.39 11.30
C TRP O 101 20.53 39.01 12.30
N GLY O 102 20.33 37.91 13.04
CA GLY O 102 21.26 37.44 14.04
C GLY O 102 20.80 37.74 15.47
N ALA O 103 19.83 38.63 15.62
CA ALA O 103 19.28 38.90 16.95
C ALA O 103 17.92 38.23 17.08
N GLY O 104 17.81 37.28 18.01
CA GLY O 104 16.55 36.59 18.23
C GLY O 104 15.88 37.13 19.46
N THR O 105 14.89 36.41 19.97
CA THR O 105 14.11 36.88 21.10
C THR O 105 14.96 37.11 22.36
N LYS O 106 15.94 36.25 22.61
CA LYS O 106 16.75 36.40 23.82
C LYS O 106 17.60 37.67 23.77
N THR O 107 18.19 37.96 22.62
CA THR O 107 19.00 39.18 22.46
C THR O 107 18.09 40.42 22.51
N ALA O 108 16.93 40.34 21.87
CA ALA O 108 15.95 41.42 21.97
C ALA O 108 15.56 41.69 23.43
N GLN O 109 15.36 40.65 24.23
CA GLN O 109 14.95 40.83 25.64
C GLN O 109 16.09 41.39 26.48
N MET O 110 17.32 40.99 26.16
CA MET O 110 18.50 41.44 26.89
C MET O 110 18.72 42.93 26.63
N TRP O 111 18.63 43.31 25.36
CA TRP O 111 18.72 44.71 24.99
C TRP O 111 17.60 45.53 25.62
N TYR O 112 16.37 45.00 25.62
CA TYR O 112 15.25 45.71 26.24
C TYR O 112 15.52 45.90 27.73
N GLN O 113 16.05 44.88 28.39
CA GLN O 113 16.41 44.99 29.81
C GLN O 113 17.54 46.01 30.07
N GLN O 114 18.41 46.20 29.09
CA GLN O 114 19.49 47.18 29.23
C GLN O 114 19.00 48.61 29.00
N GLY O 115 17.71 48.76 28.74
CA GLY O 115 17.10 50.06 28.53
C GLY O 115 17.11 50.60 27.10
N PHE O 116 17.48 49.77 26.13
CA PHE O 116 17.50 50.22 24.73
C PHE O 116 16.08 50.11 24.14
N ARG O 117 15.71 51.07 23.29
CA ARG O 117 14.35 51.13 22.77
C ARG O 117 14.32 51.39 21.26
N SER O 118 15.45 51.85 20.71
CA SER O 118 15.52 52.21 19.31
C SER O 118 16.74 51.61 18.64
N LEU O 119 16.73 51.62 17.32
CA LEU O 119 17.85 51.11 16.54
C LEU O 119 19.07 51.98 16.77
N GLU O 120 18.86 53.28 16.92
CA GLU O 120 19.97 54.17 17.28
C GLU O 120 20.54 53.80 18.66
N ASP O 121 19.70 53.43 19.61
CA ASP O 121 20.23 52.93 20.88
C ASP O 121 21.14 51.70 20.67
N ILE O 122 20.76 50.82 19.75
CA ILE O 122 21.51 49.59 19.49
C ILE O 122 22.85 49.92 18.84
N ARG O 123 22.79 50.71 17.77
CA ARG O 123 23.99 51.20 17.09
C ARG O 123 24.99 51.85 18.07
N SER O 124 24.48 52.71 18.94
CA SER O 124 25.37 53.54 19.77
C SER O 124 25.84 52.87 21.05
N GLN O 125 25.06 51.95 21.60
CA GLN O 125 25.33 51.44 22.94
C GLN O 125 25.39 49.90 23.06
N ALA O 126 24.75 49.18 22.14
CA ALA O 126 24.62 47.73 22.27
C ALA O 126 25.88 46.99 21.86
N SER O 127 26.17 45.89 22.55
CA SER O 127 27.22 45.00 22.09
C SER O 127 26.67 44.13 20.98
N LEU O 128 27.30 44.19 19.80
CA LEU O 128 26.80 43.49 18.62
C LEU O 128 27.80 42.41 18.16
N THR O 129 27.29 41.22 17.88
CA THR O 129 28.11 40.19 17.23
C THR O 129 28.43 40.67 15.84
N THR O 130 29.41 40.05 15.20
CA THR O 130 29.76 40.39 13.84
C THR O 130 28.55 40.30 12.90
N GLN O 131 27.70 39.28 13.10
CA GLN O 131 26.56 39.08 12.22
C GLN O 131 25.49 40.15 12.42
N GLN O 132 25.21 40.45 13.70
CA GLN O 132 24.21 41.45 14.07
C GLN O 132 24.57 42.84 13.56
N ALA O 133 25.87 43.14 13.56
CA ALA O 133 26.39 44.38 13.00
C ALA O 133 25.99 44.52 11.54
N ILE O 134 26.20 43.45 10.77
CA ILE O 134 25.79 43.45 9.38
C ILE O 134 24.26 43.56 9.27
N GLY O 135 23.56 42.79 10.08
CA GLY O 135 22.10 42.85 10.13
C GLY O 135 21.55 44.24 10.41
N LEU O 136 22.14 44.92 11.38
CA LEU O 136 21.69 46.27 11.76
C LEU O 136 22.01 47.31 10.69
N LYS O 137 23.19 47.20 10.09
CA LYS O 137 23.62 48.19 9.11
C LYS O 137 22.80 48.09 7.81
N HIS O 138 22.25 46.92 7.52
CA HIS O 138 21.41 46.78 6.33
C HIS O 138 19.95 46.60 6.78
N TYR O 139 19.61 47.16 7.93
CA TYR O 139 18.32 46.93 8.55
C TYR O 139 17.16 47.18 7.58
N SER O 140 17.11 48.39 7.03
CA SER O 140 16.03 48.80 6.12
C SER O 140 15.94 47.96 4.86
N ASP O 141 17.08 47.75 4.20
CA ASP O 141 17.16 46.95 2.98
C ASP O 141 16.67 45.51 3.16
N PHE O 142 17.02 44.90 4.28
CA PHE O 142 16.67 43.50 4.55
C PHE O 142 15.19 43.35 4.87
N LEU O 143 14.54 44.45 5.21
CA LEU O 143 13.12 44.41 5.54
C LEU O 143 12.27 44.45 4.27
N GLU O 144 12.88 44.87 3.17
CA GLU O 144 12.17 45.03 1.91
C GLU O 144 12.01 43.72 1.14
N ARG O 145 10.91 43.61 0.42
CA ARG O 145 10.76 42.55 -0.58
C ARG O 145 11.20 43.11 -1.93
N MET O 146 12.19 42.46 -2.54
CA MET O 146 12.67 42.88 -3.84
C MET O 146 11.69 42.43 -4.93
N PRO O 147 11.60 43.20 -6.02
CA PRO O 147 10.77 42.79 -7.16
C PRO O 147 11.25 41.46 -7.71
N ARG O 148 10.33 40.66 -8.24
CA ARG O 148 10.70 39.38 -8.81
C ARG O 148 11.79 39.50 -9.86
N GLU O 149 11.73 40.56 -10.65
CA GLU O 149 12.72 40.83 -11.71
C GLU O 149 14.14 40.94 -11.17
N GLU O 150 14.29 41.58 -10.01
CA GLU O 150 15.61 41.78 -9.41
C GLU O 150 16.19 40.46 -8.91
N ALA O 151 15.35 39.61 -8.34
CA ALA O 151 15.78 38.29 -7.89
C ALA O 151 16.34 37.50 -9.07
N THR O 152 15.63 37.54 -10.20
CA THR O 152 16.10 36.92 -11.43
C THR O 152 17.50 37.44 -11.80
N GLU O 153 17.70 38.75 -11.68
CA GLU O 153 19.01 39.33 -11.96
C GLU O 153 20.11 38.74 -11.06
N ILE O 154 19.81 38.64 -9.77
CA ILE O 154 20.74 38.09 -8.79
C ILE O 154 21.08 36.62 -9.07
N GLU O 155 20.05 35.85 -9.43
CA GLU O 155 20.25 34.46 -9.81
C GLU O 155 21.18 34.38 -11.01
N GLN O 156 20.91 35.21 -12.02
CA GLN O 156 21.68 35.17 -13.25
C GLN O 156 23.13 35.57 -13.03
N THR O 157 23.36 36.44 -12.04
CA THR O 157 24.72 36.81 -11.65
C THR O 157 25.45 35.62 -11.06
N VAL O 158 24.73 34.88 -10.21
CA VAL O 158 25.27 33.68 -9.59
C VAL O 158 25.50 32.62 -10.65
N GLN O 159 24.48 32.40 -11.47
CA GLN O 159 24.52 31.35 -12.49
C GLN O 159 25.64 31.60 -13.49
N LYS O 160 25.69 32.82 -14.04
CA LYS O 160 26.77 33.18 -14.98
C LYS O 160 28.14 32.92 -14.36
N ALA O 161 28.37 33.39 -13.14
CA ALA O 161 29.64 33.17 -12.47
C ALA O 161 29.91 31.67 -12.29
N ALA O 162 28.88 30.93 -11.89
CA ALA O 162 29.01 29.50 -11.65
C ALA O 162 29.36 28.72 -12.92
N GLN O 163 28.61 28.95 -13.98
CA GLN O 163 28.76 28.19 -15.21
C GLN O 163 30.06 28.53 -15.94
N ALA O 164 30.69 29.63 -15.54
CA ALA O 164 32.01 29.98 -16.05
C ALA O 164 33.04 28.90 -15.69
N PHE O 165 32.92 28.33 -14.50
CA PHE O 165 33.83 27.28 -14.05
C PHE O 165 33.49 25.92 -14.64
N ASN O 166 32.21 25.70 -14.91
CA ASN O 166 31.73 24.46 -15.52
C ASN O 166 30.35 24.75 -16.09
N SER O 167 30.22 24.67 -17.42
CA SER O 167 28.97 25.03 -18.09
C SER O 167 27.84 24.03 -17.83
N GLY O 168 28.17 22.89 -17.22
CA GLY O 168 27.17 21.89 -16.93
C GLY O 168 26.47 22.05 -15.58
N LEU O 169 26.79 23.12 -14.85
CA LEU O 169 26.20 23.32 -13.53
C LEU O 169 24.76 23.77 -13.60
N LEU O 170 23.90 23.13 -12.82
CA LEU O 170 22.50 23.52 -12.72
C LEU O 170 22.33 24.51 -11.59
N CYS O 171 21.77 25.68 -11.90
CA CYS O 171 21.55 26.70 -10.89
C CYS O 171 20.08 27.08 -10.88
N VAL O 172 19.47 26.96 -9.72
CA VAL O 172 18.05 27.21 -9.56
C VAL O 172 17.82 28.10 -8.33
N ALA O 173 17.08 29.18 -8.53
CA ALA O 173 16.68 30.04 -7.42
C ALA O 173 15.44 29.45 -6.75
N CYS O 174 15.48 29.30 -5.43
CA CYS O 174 14.41 28.62 -4.70
C CYS O 174 13.56 29.60 -3.91
N GLY O 175 13.24 29.27 -2.66
CA GLY O 175 12.42 30.12 -1.81
C GLY O 175 11.12 30.62 -2.43
N SER O 176 10.72 31.82 -2.01
CA SER O 176 9.49 32.44 -2.49
C SER O 176 9.57 32.73 -3.99
N TYR O 177 10.78 32.86 -4.51
CA TYR O 177 10.99 33.04 -5.94
C TYR O 177 10.46 31.85 -6.74
N ARG O 178 10.93 30.65 -6.40
CA ARG O 178 10.48 29.42 -7.07
C ARG O 178 9.00 29.17 -6.85
N ARG O 179 8.46 29.63 -5.71
CA ARG O 179 7.03 29.48 -5.46
C ARG O 179 6.23 30.56 -6.20
N GLY O 180 6.92 31.33 -7.04
CA GLY O 180 6.27 32.23 -7.99
C GLY O 180 5.72 33.52 -7.44
N LYS O 181 6.33 34.02 -6.37
CA LYS O 181 5.84 35.25 -5.74
C LYS O 181 6.27 36.48 -6.54
N ALA O 182 5.48 37.55 -6.42
CA ALA O 182 5.78 38.79 -7.13
C ALA O 182 6.95 39.50 -6.48
N THR O 183 7.11 39.32 -5.18
CA THR O 183 8.25 39.87 -4.47
C THR O 183 8.89 38.81 -3.57
N CYS O 184 10.20 38.92 -3.38
CA CYS O 184 10.95 37.97 -2.59
C CYS O 184 11.69 38.68 -1.46
N GLY O 185 11.71 38.07 -0.27
CA GLY O 185 12.43 38.63 0.87
C GLY O 185 13.91 38.32 0.82
N ASP O 186 14.27 37.35 -0.03
CA ASP O 186 15.67 36.96 -0.22
C ASP O 186 15.79 36.06 -1.44
N VAL O 187 17.03 35.75 -1.80
CA VAL O 187 17.27 34.81 -2.88
C VAL O 187 18.12 33.65 -2.35
N ASP O 188 17.76 32.44 -2.76
CA ASP O 188 18.49 31.23 -2.41
C ASP O 188 18.86 30.50 -3.71
N VAL O 189 20.14 30.46 -4.05
CA VAL O 189 20.54 29.79 -5.28
C VAL O 189 21.14 28.42 -4.98
N LEU O 190 20.48 27.41 -5.53
CA LEU O 190 20.88 26.02 -5.37
C LEU O 190 21.64 25.58 -6.59
N ILE O 191 22.80 24.96 -6.36
CA ILE O 191 23.69 24.56 -7.44
C ILE O 191 24.10 23.09 -7.32
N THR O 192 24.00 22.35 -8.42
CA THR O 192 24.50 20.97 -8.46
C THR O 192 25.09 20.65 -9.84
N HIS O 193 25.59 19.43 -10.00
CA HIS O 193 26.02 18.95 -11.32
C HIS O 193 25.50 17.54 -11.56
N PRO O 194 24.88 17.31 -12.74
CA PRO O 194 24.24 16.01 -12.96
C PRO O 194 25.20 14.81 -13.05
N ASP O 195 26.52 15.03 -13.17
CA ASP O 195 27.45 13.91 -13.23
C ASP O 195 27.85 13.41 -11.84
N GLY O 196 27.34 14.07 -10.80
CA GLY O 196 27.54 13.59 -9.44
C GLY O 196 28.88 13.92 -8.77
N ARG O 197 29.81 14.49 -9.54
CA ARG O 197 31.16 14.75 -9.03
C ARG O 197 31.62 16.19 -9.29
N SER O 198 31.13 16.82 -10.36
CA SER O 198 31.69 18.09 -10.81
C SER O 198 31.21 19.31 -10.04
N HIS O 199 30.36 19.11 -9.04
CA HIS O 199 30.00 20.19 -8.13
C HIS O 199 31.12 20.47 -7.14
N ARG O 200 32.05 19.51 -7.00
CA ARG O 200 33.10 19.61 -6.01
C ARG O 200 34.12 20.68 -6.38
N GLY O 201 34.51 21.49 -5.39
CA GLY O 201 35.48 22.55 -5.61
C GLY O 201 34.88 23.82 -6.19
N ILE O 202 33.59 23.79 -6.50
CA ILE O 202 32.95 24.96 -7.15
C ILE O 202 32.60 26.06 -6.13
N PHE O 203 32.16 25.66 -4.93
CA PHE O 203 31.69 26.61 -3.92
C PHE O 203 32.70 27.73 -3.64
N SER O 204 33.92 27.35 -3.28
CA SER O 204 34.94 28.32 -2.91
C SER O 204 35.32 29.24 -4.07
N ARG O 205 35.46 28.67 -5.25
CA ARG O 205 35.81 29.45 -6.44
C ARG O 205 34.70 30.45 -6.79
N LEU O 206 33.44 30.01 -6.70
CA LEU O 206 32.30 30.87 -7.01
C LEU O 206 32.23 32.09 -6.10
N LEU O 207 32.41 31.90 -4.80
CA LEU O 207 32.33 33.00 -3.84
C LEU O 207 33.44 34.05 -4.06
N ASP O 208 34.66 33.58 -4.35
CA ASP O 208 35.77 34.48 -4.62
C ASP O 208 35.49 35.31 -5.87
N SER O 209 35.02 34.65 -6.91
CA SER O 209 34.67 35.32 -8.15
C SER O 209 33.62 36.41 -7.90
N LEU O 210 32.56 36.06 -7.18
CA LEU O 210 31.50 37.03 -6.88
C LEU O 210 32.00 38.13 -5.94
N ARG O 211 33.04 37.83 -5.18
CA ARG O 211 33.52 38.76 -4.17
C ARG O 211 34.41 39.86 -4.77
N GLN O 212 35.39 39.46 -5.58
CA GLN O 212 36.29 40.43 -6.21
C GLN O 212 35.55 41.26 -7.26
N GLU O 213 34.46 40.69 -7.77
CA GLU O 213 33.56 41.35 -8.73
C GLU O 213 32.68 42.41 -8.05
N GLY O 214 32.68 42.42 -6.72
CA GLY O 214 31.96 43.44 -5.97
C GLY O 214 30.52 43.10 -5.66
N PHE O 215 30.06 41.96 -6.18
CA PHE O 215 28.68 41.52 -6.01
C PHE O 215 28.35 41.22 -4.56
N LEU O 216 29.21 40.46 -3.89
CA LEU O 216 29.06 40.15 -2.47
C LEU O 216 29.65 41.25 -1.60
N THR O 217 28.84 41.87 -0.75
CA THR O 217 29.29 43.01 0.04
C THR O 217 29.58 42.61 1.48
N ASP O 218 28.89 41.60 1.99
CA ASP O 218 29.00 41.18 3.38
C ASP O 218 28.78 39.67 3.52
N ASP O 219 29.54 39.03 4.39
CA ASP O 219 29.35 37.62 4.73
C ASP O 219 28.71 37.46 6.11
N LEU O 220 27.59 36.74 6.17
CA LEU O 220 26.96 36.44 7.46
C LEU O 220 27.50 35.10 7.96
N VAL O 221 27.53 34.11 7.06
CA VAL O 221 28.23 32.84 7.29
C VAL O 221 28.90 32.47 5.97
N SER O 222 30.22 32.53 5.93
CA SER O 222 30.94 32.37 4.67
C SER O 222 30.96 30.92 4.17
N GLN O 223 30.94 29.97 5.10
CA GLN O 223 30.79 28.56 4.73
C GLN O 223 30.14 27.76 5.85
N GLU O 224 29.07 27.05 5.52
CA GLU O 224 28.54 26.05 6.42
C GLU O 224 28.58 24.68 5.74
N GLU O 225 29.22 23.73 6.40
CA GLU O 225 29.30 22.38 5.86
C GLU O 225 28.32 21.46 6.56
N ASN O 226 27.27 21.08 5.84
CA ASN O 226 26.30 20.11 6.35
C ASN O 226 26.33 18.88 5.48
N GLY O 227 26.96 17.83 5.99
CA GLY O 227 27.21 16.64 5.20
C GLY O 227 28.01 17.05 3.98
N GLN O 228 27.56 16.67 2.79
CA GLN O 228 28.25 17.07 1.57
C GLN O 228 27.69 18.36 0.96
N GLN O 229 26.82 19.06 1.68
CA GLN O 229 26.30 20.34 1.19
C GLN O 229 27.13 21.51 1.72
N GLN O 230 27.42 22.47 0.85
CA GLN O 230 28.07 23.71 1.27
C GLN O 230 27.09 24.84 1.13
N LYS O 231 26.93 25.61 2.20
CA LYS O 231 25.96 26.69 2.18
C LYS O 231 26.64 28.00 2.54
N TYR O 232 26.31 29.04 1.77
CA TYR O 232 26.76 30.40 2.03
C TYR O 232 25.56 31.26 2.39
N LEU O 233 25.70 32.06 3.45
CA LEU O 233 24.70 33.06 3.82
C LEU O 233 25.35 34.44 3.75
N GLY O 234 24.86 35.30 2.87
CA GLY O 234 25.49 36.60 2.76
C GLY O 234 24.62 37.73 2.26
N VAL O 235 25.31 38.72 1.73
CA VAL O 235 24.70 39.96 1.29
C VAL O 235 25.27 40.32 -0.05
N CYS O 236 24.40 40.65 -1.00
CA CYS O 236 24.84 41.05 -2.31
C CYS O 236 24.16 42.34 -2.70
N ARG O 237 24.71 42.99 -3.72
CA ARG O 237 24.08 44.17 -4.32
C ARG O 237 24.42 44.21 -5.81
N LEU O 238 23.39 44.35 -6.64
CA LEU O 238 23.59 44.45 -8.08
C LEU O 238 24.34 45.74 -8.44
N PRO O 239 25.12 45.71 -9.52
CA PRO O 239 25.91 46.86 -9.96
C PRO O 239 25.06 48.07 -10.37
N GLY O 240 25.64 49.26 -10.27
CA GLY O 240 24.98 50.46 -10.72
C GLY O 240 24.23 51.23 -9.64
N PRO O 241 23.64 52.37 -10.02
CA PRO O 241 22.94 53.30 -9.13
C PRO O 241 21.59 52.80 -8.63
N GLY O 242 21.18 53.25 -7.46
CA GLY O 242 19.86 52.97 -6.92
C GLY O 242 19.62 51.53 -6.51
N ARG O 243 20.68 50.82 -6.15
CA ARG O 243 20.58 49.41 -5.77
C ARG O 243 20.64 49.25 -4.26
N ARG O 244 19.78 48.37 -3.73
CA ARG O 244 19.81 48.03 -2.32
C ARG O 244 20.63 46.77 -2.10
N HIS O 245 21.11 46.58 -0.88
CA HIS O 245 21.70 45.31 -0.45
C HIS O 245 20.59 44.26 -0.23
N ARG O 246 20.83 43.04 -0.70
CA ARG O 246 19.86 41.94 -0.55
C ARG O 246 20.45 40.70 0.13
N ARG O 247 19.59 39.95 0.83
CA ARG O 247 20.02 38.68 1.39
C ARG O 247 20.15 37.61 0.29
N LEU O 248 21.32 36.99 0.22
CA LEU O 248 21.58 35.93 -0.75
C LEU O 248 22.16 34.69 -0.07
N ASP O 249 21.55 33.55 -0.35
CA ASP O 249 22.08 32.27 0.09
C ASP O 249 22.53 31.47 -1.14
N ILE O 250 23.66 30.78 -1.03
CA ILE O 250 24.12 29.93 -2.12
C ILE O 250 24.40 28.53 -1.57
N ILE O 251 23.76 27.52 -2.15
CA ILE O 251 23.97 26.15 -1.68
C ILE O 251 24.43 25.22 -2.81
N VAL O 252 25.54 24.54 -2.60
CA VAL O 252 26.05 23.56 -3.56
C VAL O 252 25.83 22.18 -2.97
N VAL O 253 25.23 21.28 -3.76
CA VAL O 253 24.84 19.94 -3.29
C VAL O 253 25.18 18.86 -4.33
N PRO O 254 25.44 17.61 -3.89
CA PRO O 254 25.62 16.50 -4.83
C PRO O 254 24.33 16.24 -5.57
N TYR O 255 24.41 15.68 -6.77
CA TYR O 255 23.21 15.47 -7.58
C TYR O 255 22.20 14.59 -6.86
N SER O 256 22.66 13.61 -6.10
CA SER O 256 21.73 12.66 -5.47
C SER O 256 20.81 13.33 -4.46
N GLU O 257 21.23 14.49 -3.94
CA GLU O 257 20.45 15.22 -2.94
C GLU O 257 19.70 16.41 -3.55
N PHE O 258 19.73 16.51 -4.88
CA PHE O 258 19.21 17.70 -5.54
C PHE O 258 17.71 17.88 -5.31
N ALA O 259 16.94 16.78 -5.44
CA ALA O 259 15.48 16.88 -5.30
C ALA O 259 15.05 17.30 -3.90
N CYS O 260 15.60 16.64 -2.87
CA CYS O 260 15.33 17.00 -1.47
C CYS O 260 15.84 18.40 -1.11
N ALA O 261 16.99 18.79 -1.66
CA ALA O 261 17.48 20.15 -1.45
C ALA O 261 16.53 21.15 -2.12
N LEU O 262 16.05 20.83 -3.33
CA LEU O 262 15.04 21.68 -4.00
C LEU O 262 13.80 21.83 -3.13
N LEU O 263 13.30 20.70 -2.65
CA LEU O 263 12.14 20.71 -1.77
C LEU O 263 12.40 21.57 -0.53
N TYR O 264 13.53 21.31 0.13
CA TYR O 264 13.82 22.05 1.37
C TYR O 264 13.88 23.56 1.17
N PHE O 265 14.72 23.99 0.24
CA PHE O 265 14.99 25.42 0.09
C PHE O 265 13.89 26.16 -0.66
N THR O 266 12.99 25.44 -1.31
CA THR O 266 11.81 26.06 -1.88
C THR O 266 10.80 26.34 -0.78
N GLY O 267 10.72 25.42 0.18
CA GLY O 267 9.81 25.63 1.29
C GLY O 267 8.35 25.56 0.83
N SER O 268 7.46 26.32 1.47
CA SER O 268 7.78 27.23 2.57
C SER O 268 8.19 26.51 3.85
N ALA O 269 8.61 27.30 4.84
CA ALA O 269 8.93 26.78 6.16
C ALA O 269 7.74 25.97 6.72
N HIS O 270 6.51 26.48 6.52
CA HIS O 270 5.33 25.76 6.98
C HIS O 270 5.11 24.47 6.21
N PHE O 271 5.33 24.51 4.90
CA PHE O 271 5.20 23.33 4.05
C PHE O 271 6.23 22.27 4.47
N ASN O 272 7.49 22.70 4.67
CA ASN O 272 8.55 21.79 5.11
C ASN O 272 8.17 21.10 6.42
N ARG O 273 7.64 21.87 7.36
CA ARG O 273 7.21 21.31 8.64
C ARG O 273 6.07 20.28 8.48
N SER O 274 5.12 20.58 7.60
CA SER O 274 4.05 19.62 7.32
C SER O 274 4.59 18.34 6.68
N MET O 275 5.53 18.48 5.76
CA MET O 275 6.11 17.32 5.10
C MET O 275 6.95 16.45 6.06
N ARG O 276 7.74 17.07 6.93
CA ARG O 276 8.47 16.29 7.92
C ARG O 276 7.48 15.53 8.82
N ALA O 277 6.39 16.17 9.21
CA ALA O 277 5.42 15.52 10.09
C ALA O 277 4.79 14.31 9.38
N LEU O 278 4.42 14.48 8.10
CA LEU O 278 3.88 13.38 7.31
C LEU O 278 4.89 12.23 7.21
N ALA O 279 6.13 12.55 6.85
CA ALA O 279 7.18 11.55 6.79
C ALA O 279 7.29 10.76 8.10
N LYS O 280 7.16 11.46 9.21
CA LYS O 280 7.26 10.82 10.51
C LYS O 280 6.18 9.76 10.70
N THR O 281 4.98 10.03 10.20
CA THR O 281 3.88 9.06 10.32
C THR O 281 4.19 7.81 9.50
N LYS O 282 4.92 7.97 8.40
CA LYS O 282 5.29 6.85 7.52
C LYS O 282 6.57 6.15 7.96
N GLY O 283 7.04 6.41 9.17
CA GLY O 283 8.30 5.86 9.63
C GLY O 283 9.52 6.38 8.88
N MET O 284 9.38 7.56 8.27
CA MET O 284 10.47 8.15 7.48
C MET O 284 10.94 9.49 8.03
N SER O 285 12.15 9.89 7.64
CA SER O 285 12.63 11.24 7.91
C SER O 285 12.88 11.97 6.57
N LEU O 286 12.65 13.27 6.57
CA LEU O 286 12.90 14.09 5.39
C LEU O 286 13.73 15.31 5.73
N SER O 287 14.86 15.47 5.06
CA SER O 287 15.69 16.65 5.26
C SER O 287 16.14 17.22 3.92
N GLU O 288 17.04 18.19 3.96
CA GLU O 288 17.52 18.79 2.72
C GLU O 288 18.45 17.83 1.99
N HIS O 289 18.88 16.76 2.66
CA HIS O 289 19.70 15.73 2.03
C HIS O 289 18.89 14.61 1.34
N ALA O 290 17.89 14.10 2.05
CA ALA O 290 17.29 12.84 1.65
C ALA O 290 15.94 12.58 2.30
N LEU O 291 15.16 11.72 1.64
CA LEU O 291 14.08 11.02 2.31
C LEU O 291 14.65 9.68 2.80
N SER O 292 14.57 9.43 4.10
CA SER O 292 15.17 8.21 4.67
C SER O 292 14.19 7.42 5.53
N THR O 293 14.49 6.14 5.76
CA THR O 293 13.77 5.40 6.80
C THR O 293 14.25 5.90 8.16
N ALA O 294 13.40 5.79 9.18
CA ALA O 294 13.71 6.30 10.51
C ALA O 294 15.02 5.74 11.07
N VAL O 295 15.60 6.48 12.01
CA VAL O 295 16.86 6.10 12.64
C VAL O 295 16.68 4.87 13.53
N VAL O 296 17.79 4.19 13.82
CA VAL O 296 17.75 3.02 14.68
C VAL O 296 17.66 3.41 16.15
N ARG O 297 16.90 2.64 16.92
CA ARG O 297 16.70 2.89 18.35
C ARG O 297 17.02 1.63 19.18
N ASN O 298 17.64 1.81 20.35
CA ASN O 298 18.02 0.66 21.18
C ASN O 298 16.86 0.08 22.00
N THR O 299 16.71 0.51 23.26
CA THR O 299 15.81 -0.22 24.16
C THR O 299 14.74 0.52 25.01
N HIS O 300 14.96 1.69 25.64
CA HIS O 300 15.99 2.72 25.47
C HIS O 300 16.01 3.27 24.05
N GLY O 301 15.06 4.14 23.75
CA GLY O 301 14.91 4.66 22.40
C GLY O 301 15.85 5.79 22.04
N CYS O 302 17.14 5.48 21.94
CA CYS O 302 18.16 6.47 21.57
C CYS O 302 18.58 6.26 20.12
N LYS O 303 19.17 7.28 19.50
CA LYS O 303 19.66 7.12 18.14
C LYS O 303 20.97 6.36 18.13
N VAL O 304 20.93 5.10 17.70
CA VAL O 304 22.12 4.27 17.62
C VAL O 304 22.63 4.12 16.19
N GLY O 305 22.43 5.15 15.38
CA GLY O 305 22.88 5.12 14.00
C GLY O 305 21.80 5.55 13.02
N PRO O 306 22.22 6.13 11.90
CA PRO O 306 21.30 6.67 10.88
C PRO O 306 20.40 5.60 10.26
N GLY O 307 19.38 6.06 9.53
CA GLY O 307 18.58 5.17 8.73
C GLY O 307 19.14 5.12 7.32
N ARG O 308 18.40 4.52 6.40
CA ARG O 308 18.87 4.42 5.02
C ARG O 308 18.06 5.29 4.06
N VAL O 309 18.74 5.82 3.04
CA VAL O 309 18.18 6.75 2.08
C VAL O 309 17.29 6.07 1.06
N LEU O 310 16.11 6.63 0.81
CA LEU O 310 15.30 6.20 -0.34
C LEU O 310 15.60 7.12 -1.51
N PRO O 311 16.23 6.59 -2.57
CA PRO O 311 16.67 7.44 -3.69
C PRO O 311 15.51 8.19 -4.33
N THR O 312 15.73 9.47 -4.64
CA THR O 312 14.69 10.34 -5.16
C THR O 312 15.31 11.30 -6.17
N PRO O 313 15.36 10.90 -7.44
CA PRO O 313 15.93 11.76 -8.49
C PRO O 313 15.13 13.05 -8.69
N THR O 314 13.83 13.02 -8.44
CA THR O 314 13.00 14.19 -8.66
C THR O 314 12.14 14.50 -7.43
N GLU O 315 11.71 15.75 -7.31
CA GLU O 315 10.76 16.15 -6.30
C GLU O 315 9.51 15.27 -6.31
N LYS O 316 9.02 14.94 -7.51
CA LYS O 316 7.85 14.06 -7.66
C LYS O 316 8.04 12.70 -6.98
N ASP O 317 9.25 12.16 -7.09
CA ASP O 317 9.60 10.92 -6.41
C ASP O 317 9.42 11.02 -4.90
N VAL O 318 9.83 12.15 -4.31
CA VAL O 318 9.67 12.33 -2.87
C VAL O 318 8.19 12.27 -2.52
N PHE O 319 7.38 13.02 -3.27
CA PHE O 319 5.93 13.01 -3.04
C PHE O 319 5.35 11.61 -3.18
N ARG O 320 5.72 10.92 -4.26
CA ARG O 320 5.24 9.55 -4.53
C ARG O 320 5.52 8.63 -3.32
N LEU O 321 6.75 8.62 -2.86
CA LEU O 321 7.14 7.73 -1.76
C LEU O 321 6.43 8.06 -0.45
N LEU O 322 6.05 9.32 -0.25
CA LEU O 322 5.22 9.69 0.90
C LEU O 322 3.73 9.46 0.68
N GLY O 323 3.37 8.78 -0.43
CA GLY O 323 1.97 8.58 -0.76
C GLY O 323 1.21 9.87 -1.03
N LEU O 324 1.92 10.88 -1.52
CA LEU O 324 1.35 12.21 -1.67
C LEU O 324 1.23 12.62 -3.13
N PRO O 325 0.18 13.38 -3.47
CA PRO O 325 0.14 13.98 -4.81
C PRO O 325 1.23 15.04 -4.98
N TYR O 326 1.81 15.17 -6.17
CA TYR O 326 2.80 16.22 -6.39
C TYR O 326 2.15 17.59 -6.20
N ARG O 327 2.87 18.50 -5.54
CA ARG O 327 2.40 19.87 -5.44
C ARG O 327 3.40 20.81 -6.09
N GLU O 328 2.89 21.69 -6.93
CA GLU O 328 3.71 22.69 -7.60
C GLU O 328 4.20 23.69 -6.55
N PRO O 329 5.41 24.24 -6.77
CA PRO O 329 5.97 25.25 -5.87
C PRO O 329 4.96 26.33 -5.46
N ALA O 330 4.18 26.87 -6.41
CA ALA O 330 3.24 27.95 -6.12
C ALA O 330 2.12 27.53 -5.16
N GLU O 331 1.99 26.23 -4.93
CA GLU O 331 0.97 25.70 -4.02
C GLU O 331 1.59 25.26 -2.69
N ARG O 332 2.81 25.73 -2.41
CA ARG O 332 3.56 25.25 -1.26
C ARG O 332 3.72 26.28 -0.17
N ASP O 333 2.76 27.21 -0.06
CA ASP O 333 2.88 28.27 0.93
C ASP O 333 2.65 27.72 2.33
N TRP O 334 1.91 26.62 2.41
CA TRP O 334 1.84 25.80 3.62
C TRP O 334 1.26 24.44 3.27
CA ALA P 8 42.11 -20.38 -22.67
C ALA P 8 42.73 -21.41 -23.61
N THR P 9 43.91 -21.92 -23.23
CA THR P 9 44.63 -22.91 -24.03
C THR P 9 44.33 -24.35 -23.57
N ASN P 10 43.96 -25.22 -24.53
CA ASN P 10 43.56 -26.59 -24.20
C ASN P 10 44.76 -27.51 -24.00
N HIS P 11 44.99 -27.90 -22.76
CA HIS P 11 46.09 -28.82 -22.43
C HIS P 11 45.69 -30.28 -22.54
N ASN P 12 44.46 -30.53 -22.99
CA ASN P 12 43.90 -31.89 -23.03
C ASN P 12 43.26 -32.26 -24.36
N LEU P 13 43.81 -31.69 -25.42
CA LEU P 13 43.30 -31.88 -26.77
C LEU P 13 43.30 -33.36 -27.19
N HIS P 14 44.33 -34.09 -26.77
CA HIS P 14 44.43 -35.52 -27.08
C HIS P 14 43.25 -36.29 -26.46
N ILE P 15 42.63 -35.72 -25.44
CA ILE P 15 41.43 -36.30 -24.82
C ILE P 15 40.14 -35.71 -25.38
N THR P 16 40.02 -34.39 -25.46
CA THR P 16 38.72 -33.83 -25.82
C THR P 16 38.33 -34.14 -27.28
N GLU P 17 39.32 -34.36 -28.14
CA GLU P 17 39.02 -34.66 -29.54
C GLU P 17 38.25 -35.97 -29.65
N LYS P 18 38.70 -36.96 -28.88
CA LYS P 18 38.08 -38.26 -28.92
C LYS P 18 36.72 -38.23 -28.24
N LEU P 19 36.62 -37.44 -27.17
CA LEU P 19 35.37 -37.35 -26.43
C LEU P 19 34.33 -36.63 -27.27
N GLU P 20 34.76 -35.66 -28.07
CA GLU P 20 33.81 -34.92 -28.91
C GLU P 20 33.15 -35.84 -29.93
N VAL P 21 33.90 -36.80 -30.45
CA VAL P 21 33.37 -37.77 -31.38
C VAL P 21 32.21 -38.52 -30.77
N LEU P 22 32.41 -38.89 -29.51
CA LEU P 22 31.45 -39.66 -28.75
C LEU P 22 30.23 -38.80 -28.38
N ALA P 23 30.49 -37.55 -27.99
CA ALA P 23 29.43 -36.58 -27.72
C ALA P 23 28.51 -36.39 -28.93
N LYS P 24 29.10 -36.14 -30.10
CA LYS P 24 28.33 -35.90 -31.31
C LYS P 24 27.50 -37.15 -31.64
N ALA P 25 28.10 -38.33 -31.44
CA ALA P 25 27.43 -39.59 -31.69
C ALA P 25 26.17 -39.74 -30.83
N TYR P 26 26.29 -39.53 -29.52
CA TYR P 26 25.12 -39.56 -28.65
C TYR P 26 24.10 -38.49 -29.05
N SER P 27 24.60 -37.30 -29.40
CA SER P 27 23.72 -36.21 -29.80
C SER P 27 22.84 -36.57 -30.99
N VAL P 28 23.42 -37.01 -32.10
CA VAL P 28 22.62 -37.24 -33.30
C VAL P 28 21.73 -38.47 -33.14
N GLN P 29 22.08 -39.34 -32.20
CA GLN P 29 21.24 -40.50 -31.92
C GLN P 29 20.10 -40.13 -30.99
N GLY P 30 20.14 -38.93 -30.46
CA GLY P 30 19.01 -38.46 -29.68
C GLY P 30 19.14 -38.63 -28.16
N ASP P 31 20.28 -39.15 -27.71
CA ASP P 31 20.55 -39.23 -26.27
C ASP P 31 21.07 -37.87 -25.80
N LYS P 32 20.17 -36.91 -25.64
CA LYS P 32 20.60 -35.53 -25.45
C LYS P 32 21.25 -35.29 -24.09
N TRP P 33 20.83 -36.00 -23.05
CA TRP P 33 21.38 -35.76 -21.71
C TRP P 33 22.74 -36.40 -21.55
N ARG P 34 22.97 -37.54 -22.18
CA ARG P 34 24.30 -38.12 -22.21
C ARG P 34 25.21 -37.20 -23.03
N ALA P 35 24.67 -36.67 -24.12
CA ALA P 35 25.42 -35.74 -24.95
C ALA P 35 25.78 -34.49 -24.16
N LEU P 36 24.83 -34.01 -23.35
CA LEU P 36 25.08 -32.84 -22.52
C LEU P 36 26.19 -33.09 -21.49
N GLY P 37 26.16 -34.23 -20.81
CA GLY P 37 27.20 -34.55 -19.84
C GLY P 37 28.58 -34.53 -20.47
N TYR P 38 28.68 -35.08 -21.66
CA TYR P 38 29.92 -35.04 -22.42
C TYR P 38 30.37 -33.62 -22.76
N ALA P 39 29.45 -32.76 -23.23
CA ALA P 39 29.81 -31.39 -23.57
C ALA P 39 30.40 -30.67 -22.36
N LYS P 40 29.76 -30.81 -21.21
CA LYS P 40 30.24 -30.16 -20.02
C LYS P 40 31.61 -30.71 -19.57
N ALA P 41 31.81 -32.00 -19.77
CA ALA P 41 33.07 -32.63 -19.39
C ALA P 41 34.16 -32.10 -20.31
N ILE P 42 33.83 -32.00 -21.59
CA ILE P 42 34.76 -31.49 -22.59
C ILE P 42 35.13 -30.04 -22.31
N ASN P 43 34.14 -29.24 -21.94
CA ASN P 43 34.42 -27.86 -21.56
C ASN P 43 35.31 -27.79 -20.34
N ALA P 44 35.02 -28.61 -19.34
CA ALA P 44 35.83 -28.65 -18.12
C ALA P 44 37.29 -29.00 -18.45
N LEU P 45 37.49 -29.96 -19.35
CA LEU P 45 38.84 -30.37 -19.73
C LEU P 45 39.61 -29.28 -20.48
N LYS P 46 38.91 -28.57 -21.36
CA LYS P 46 39.50 -27.46 -22.12
C LYS P 46 39.93 -26.34 -21.19
N SER P 47 39.18 -26.13 -20.12
CA SER P 47 39.44 -25.04 -19.20
C SER P 47 40.52 -25.37 -18.18
N PHE P 48 40.80 -26.64 -17.99
CA PHE P 48 41.71 -27.06 -16.93
C PHE P 48 43.13 -26.54 -17.21
N HIS P 49 43.83 -26.16 -16.14
CA HIS P 49 45.10 -25.46 -16.29
C HIS P 49 46.28 -26.37 -16.67
N LYS P 50 46.07 -27.67 -16.80
CA LYS P 50 47.20 -28.57 -17.08
C LYS P 50 46.72 -29.85 -17.74
N PRO P 51 47.65 -30.66 -18.28
CA PRO P 51 47.18 -31.97 -18.67
C PRO P 51 46.67 -32.73 -17.46
N VAL P 52 45.51 -33.35 -17.59
CA VAL P 52 45.02 -34.21 -16.53
C VAL P 52 45.94 -35.42 -16.52
N THR P 53 46.37 -35.88 -15.35
CA THR P 53 47.39 -36.94 -15.33
C THR P 53 47.02 -38.16 -14.49
N SER P 54 45.92 -38.09 -13.75
CA SER P 54 45.47 -39.23 -12.94
C SER P 54 43.95 -39.30 -12.83
N TYR P 55 43.49 -40.50 -12.49
CA TYR P 55 42.07 -40.77 -12.27
C TYR P 55 41.55 -39.90 -11.14
N GLN P 56 42.37 -39.72 -10.11
CA GLN P 56 41.94 -38.95 -8.95
C GLN P 56 41.81 -37.47 -9.29
N GLU P 57 42.77 -36.94 -10.03
CA GLU P 57 42.73 -35.55 -10.41
C GLU P 57 41.54 -35.30 -11.37
N ALA P 58 41.32 -36.24 -12.29
CA ALA P 58 40.16 -36.19 -13.19
C ALA P 58 38.87 -36.00 -12.40
N CYS P 59 38.67 -36.88 -11.42
CA CYS P 59 37.44 -36.91 -10.65
C CYS P 59 37.28 -35.67 -9.78
N SER P 60 38.35 -34.92 -9.59
CA SER P 60 38.28 -33.70 -8.78
C SER P 60 37.74 -32.52 -9.58
N ILE P 61 37.62 -32.66 -10.89
CA ILE P 61 37.10 -31.60 -11.74
C ILE P 61 35.56 -31.68 -11.82
N PRO P 62 34.88 -30.56 -11.53
CA PRO P 62 33.43 -30.55 -11.65
C PRO P 62 33.03 -30.82 -13.10
N GLY P 63 32.14 -31.76 -13.32
CA GLY P 63 31.77 -32.16 -14.66
C GLY P 63 32.37 -33.51 -15.05
N ILE P 64 33.35 -33.96 -14.27
CA ILE P 64 33.98 -35.24 -14.55
C ILE P 64 33.74 -36.22 -13.40
N GLY P 65 33.13 -37.35 -13.74
CA GLY P 65 32.80 -38.36 -12.76
C GLY P 65 33.61 -39.61 -13.03
N LYS P 66 33.23 -40.73 -12.42
CA LYS P 66 33.97 -41.97 -12.55
C LYS P 66 33.99 -42.45 -13.98
N ARG P 67 32.83 -42.42 -14.64
CA ARG P 67 32.72 -42.90 -16.01
C ARG P 67 33.62 -42.12 -16.95
N MET P 68 33.63 -40.80 -16.79
CA MET P 68 34.44 -39.92 -17.64
C MET P 68 35.93 -40.12 -17.33
N ALA P 69 36.27 -40.25 -16.04
CA ALA P 69 37.67 -40.43 -15.63
C ALA P 69 38.22 -41.72 -16.19
N GLU P 70 37.39 -42.77 -16.16
CA GLU P 70 37.77 -44.04 -16.75
C GLU P 70 38.19 -43.89 -18.20
N LYS P 71 37.49 -43.05 -18.96
CA LYS P 71 37.80 -42.90 -20.37
C LYS P 71 39.07 -42.10 -20.55
N ILE P 72 39.25 -41.07 -19.72
CA ILE P 72 40.47 -40.27 -19.74
C ILE P 72 41.73 -41.12 -19.49
N ILE P 73 41.68 -41.93 -18.43
CA ILE P 73 42.77 -42.86 -18.16
C ILE P 73 43.00 -43.81 -19.33
N GLU P 74 41.91 -44.30 -19.90
CA GLU P 74 42.02 -45.21 -21.03
C GLU P 74 42.76 -44.51 -22.16
N ILE P 75 42.37 -43.28 -22.45
CA ILE P 75 43.03 -42.52 -23.49
C ILE P 75 44.49 -42.25 -23.14
N LEU P 76 44.77 -41.91 -21.88
CA LEU P 76 46.12 -41.62 -21.44
C LEU P 76 47.02 -42.83 -21.61
N GLU P 77 46.57 -43.98 -21.12
CA GLU P 77 47.41 -45.19 -21.11
C GLU P 77 47.50 -45.91 -22.45
N SER P 78 46.53 -45.69 -23.34
CA SER P 78 46.45 -46.48 -24.59
C SER P 78 46.57 -45.63 -25.84
N GLY P 79 46.24 -44.35 -25.72
CA GLY P 79 46.21 -43.48 -26.87
C GLY P 79 44.94 -43.64 -27.68
N HIS P 80 44.09 -44.58 -27.28
CA HIS P 80 42.81 -44.79 -27.96
C HIS P 80 41.66 -44.85 -26.98
N LEU P 81 40.45 -44.81 -27.53
CA LEU P 81 39.25 -45.02 -26.76
C LEU P 81 38.43 -46.09 -27.48
N ARG P 82 38.31 -47.26 -26.89
CA ARG P 82 37.76 -48.41 -27.60
C ARG P 82 36.32 -48.17 -28.07
N LYS P 83 35.58 -47.37 -27.30
CA LYS P 83 34.18 -47.05 -27.65
C LYS P 83 34.05 -46.46 -29.05
N LEU P 84 35.08 -45.77 -29.51
CA LEU P 84 35.03 -45.13 -30.81
C LEU P 84 34.98 -46.13 -31.96
N ASP P 85 35.36 -47.38 -31.68
CA ASP P 85 35.39 -48.41 -32.69
C ASP P 85 34.05 -49.12 -32.77
N HIS P 86 33.16 -48.78 -31.86
CA HIS P 86 31.88 -49.47 -31.78
C HIS P 86 30.69 -48.53 -31.99
N ILE P 87 30.96 -47.36 -32.57
CA ILE P 87 29.93 -46.38 -32.89
C ILE P 87 29.09 -46.86 -34.08
N SER P 88 27.78 -46.95 -33.91
CA SER P 88 26.89 -47.39 -34.99
C SER P 88 27.21 -46.71 -36.31
N GLU P 89 27.16 -47.48 -37.39
CA GLU P 89 27.40 -46.97 -38.74
C GLU P 89 26.33 -45.98 -39.20
N SER P 90 25.23 -45.90 -38.46
CA SER P 90 24.16 -44.98 -38.80
C SER P 90 24.52 -43.53 -38.45
N VAL P 91 25.52 -43.35 -37.58
CA VAL P 91 25.79 -42.02 -37.01
C VAL P 91 26.14 -40.95 -38.05
N PRO P 92 27.02 -41.24 -39.02
CA PRO P 92 27.29 -40.18 -40.00
C PRO P 92 26.06 -39.81 -40.83
N VAL P 93 25.14 -40.76 -41.04
CA VAL P 93 23.94 -40.44 -41.81
C VAL P 93 22.99 -39.59 -40.96
N LEU P 94 22.85 -39.96 -39.69
CA LEU P 94 22.01 -39.17 -38.79
C LEU P 94 22.56 -37.76 -38.60
N GLU P 95 23.89 -37.61 -38.62
CA GLU P 95 24.51 -36.29 -38.50
C GLU P 95 24.21 -35.48 -39.76
N LEU P 96 24.34 -36.13 -40.90
CA LEU P 96 24.02 -35.55 -42.20
C LEU P 96 22.60 -34.98 -42.22
N PHE P 97 21.64 -35.78 -41.77
CA PHE P 97 20.23 -35.38 -41.82
C PHE P 97 19.91 -34.30 -40.79
N SER P 98 20.45 -34.41 -39.59
CA SER P 98 20.14 -33.39 -38.59
C SER P 98 20.97 -32.11 -38.79
N ASN P 99 21.92 -32.13 -39.72
CA ASN P 99 22.51 -30.87 -40.17
C ASN P 99 21.54 -30.00 -40.98
N ILE P 100 20.40 -30.54 -41.37
CA ILE P 100 19.37 -29.74 -42.04
C ILE P 100 18.60 -28.93 -41.01
N TRP P 101 18.53 -27.61 -41.20
CA TRP P 101 17.84 -26.77 -40.22
C TRP P 101 16.37 -27.16 -40.19
N GLY P 102 15.84 -27.45 -38.99
CA GLY P 102 14.45 -27.84 -38.86
C GLY P 102 14.28 -29.36 -38.81
N ALA P 103 15.34 -30.11 -39.05
CA ALA P 103 15.33 -31.56 -38.85
C ALA P 103 16.18 -31.90 -37.63
N GLY P 104 15.56 -32.41 -36.57
CA GLY P 104 16.33 -32.86 -35.42
C GLY P 104 16.49 -34.37 -35.41
N THR P 105 16.78 -34.93 -34.25
CA THR P 105 17.07 -36.36 -34.14
C THR P 105 15.90 -37.26 -34.53
N LYS P 106 14.67 -36.88 -34.20
CA LYS P 106 13.52 -37.75 -34.50
C LYS P 106 13.29 -37.84 -36.02
N THR P 107 13.42 -36.71 -36.70
CA THR P 107 13.27 -36.70 -38.15
C THR P 107 14.40 -37.47 -38.84
N ALA P 108 15.62 -37.28 -38.37
CA ALA P 108 16.74 -38.01 -38.91
C ALA P 108 16.53 -39.52 -38.76
N GLN P 109 16.08 -39.94 -37.59
CA GLN P 109 15.84 -41.35 -37.33
C GLN P 109 14.71 -41.89 -38.21
N MET P 110 13.68 -41.09 -38.41
CA MET P 110 12.56 -41.50 -39.29
C MET P 110 13.04 -41.72 -40.71
N TRP P 111 13.81 -40.75 -41.22
CA TRP P 111 14.29 -40.85 -42.59
C TRP P 111 15.24 -42.04 -42.74
N TYR P 112 16.06 -42.27 -41.74
CA TYR P 112 16.96 -43.41 -41.75
C TYR P 112 16.17 -44.71 -41.84
N GLN P 113 15.15 -44.80 -41.01
CA GLN P 113 14.24 -45.96 -41.00
C GLN P 113 13.56 -46.15 -42.36
N GLN P 114 13.33 -45.05 -43.05
CA GLN P 114 12.70 -45.11 -44.37
C GLN P 114 13.69 -45.50 -45.44
N GLY P 115 14.94 -45.77 -45.04
CA GLY P 115 15.94 -46.24 -45.99
C GLY P 115 16.74 -45.12 -46.64
N PHE P 116 16.53 -43.88 -46.20
CA PHE P 116 17.26 -42.77 -46.81
C PHE P 116 18.65 -42.71 -46.22
N ARG P 117 19.63 -42.42 -47.07
CA ARG P 117 21.02 -42.41 -46.67
C ARG P 117 21.78 -41.14 -47.14
N SER P 118 21.24 -40.45 -48.14
CA SER P 118 21.94 -39.30 -48.71
C SER P 118 21.02 -38.07 -48.78
N LEU P 119 21.61 -36.88 -48.99
CA LEU P 119 20.78 -35.69 -49.15
C LEU P 119 19.97 -35.76 -50.46
N GLU P 120 20.50 -36.47 -51.46
CA GLU P 120 19.77 -36.66 -52.71
C GLU P 120 18.52 -37.51 -52.46
N ASP P 121 18.68 -38.58 -51.67
CA ASP P 121 17.52 -39.33 -51.16
C ASP P 121 16.50 -38.41 -50.50
N ILE P 122 16.95 -37.55 -49.60
CA ILE P 122 16.04 -36.66 -48.91
C ILE P 122 15.32 -35.77 -49.93
N ARG P 123 16.09 -35.13 -50.80
CA ARG P 123 15.50 -34.25 -51.82
C ARG P 123 14.45 -34.99 -52.68
N SER P 124 14.77 -36.19 -53.16
CA SER P 124 13.89 -36.81 -54.13
C SER P 124 12.74 -37.58 -53.48
N GLN P 125 12.90 -38.05 -52.25
CA GLN P 125 11.89 -38.96 -51.68
C GLN P 125 11.29 -38.60 -50.32
N ALA P 126 11.98 -37.78 -49.53
CA ALA P 126 11.51 -37.48 -48.17
C ALA P 126 10.42 -36.45 -48.22
N SER P 127 9.50 -36.53 -47.28
CA SER P 127 8.56 -35.44 -47.10
C SER P 127 9.23 -34.42 -46.14
N LEU P 128 9.13 -33.14 -46.50
CA LEU P 128 9.88 -32.10 -45.83
C LEU P 128 8.96 -30.99 -45.42
N THR P 129 9.16 -30.46 -44.22
CA THR P 129 8.41 -29.28 -43.84
C THR P 129 8.90 -28.10 -44.67
N THR P 130 8.14 -27.01 -44.61
CA THR P 130 8.55 -25.79 -45.29
C THR P 130 9.96 -25.35 -44.82
N GLN P 131 10.19 -25.47 -43.52
CA GLN P 131 11.46 -25.08 -42.92
C GLN P 131 12.61 -25.98 -43.37
N GLN P 132 12.38 -27.28 -43.30
CA GLN P 132 13.38 -28.24 -43.72
C GLN P 132 13.74 -28.11 -45.20
N ALA P 133 12.76 -27.77 -46.05
CA ALA P 133 13.05 -27.60 -47.47
C ALA P 133 14.01 -26.43 -47.63
N ILE P 134 13.79 -25.37 -46.85
CA ILE P 134 14.71 -24.24 -46.87
C ILE P 134 16.07 -24.65 -46.31
N GLY P 135 16.07 -25.36 -45.20
CA GLY P 135 17.32 -25.87 -44.64
C GLY P 135 18.10 -26.74 -45.64
N LEU P 136 17.39 -27.58 -46.40
CA LEU P 136 18.06 -28.45 -47.38
C LEU P 136 18.69 -27.69 -48.55
N LYS P 137 17.97 -26.73 -49.13
CA LYS P 137 18.53 -26.06 -50.31
C LYS P 137 19.68 -25.11 -49.94
N HIS P 138 19.84 -24.83 -48.65
CA HIS P 138 20.97 -24.00 -48.20
C HIS P 138 21.94 -24.81 -47.34
N TYR P 139 21.87 -26.13 -47.47
CA TYR P 139 22.58 -27.05 -46.61
C TYR P 139 24.07 -26.67 -46.43
N SER P 140 24.76 -26.54 -47.56
CA SER P 140 26.18 -26.24 -47.53
C SER P 140 26.49 -24.83 -47.08
N ASP P 141 25.69 -23.86 -47.50
CA ASP P 141 25.90 -22.49 -47.02
C ASP P 141 25.79 -22.44 -45.50
N PHE P 142 24.76 -23.10 -44.94
CA PHE P 142 24.48 -22.99 -43.50
C PHE P 142 25.49 -23.72 -42.62
N LEU P 143 26.26 -24.62 -43.23
CA LEU P 143 27.35 -25.28 -42.51
C LEU P 143 28.66 -24.50 -42.55
N GLU P 144 28.75 -23.48 -43.41
CA GLU P 144 29.96 -22.65 -43.43
C GLU P 144 29.86 -21.63 -42.31
N ARG P 145 30.99 -21.26 -41.72
CA ARG P 145 31.01 -20.07 -40.89
C ARG P 145 31.49 -18.93 -41.77
N MET P 146 30.86 -17.78 -41.61
CA MET P 146 31.22 -16.61 -42.39
C MET P 146 32.35 -15.84 -41.73
N PRO P 147 33.15 -15.12 -42.52
CA PRO P 147 34.14 -14.23 -41.91
C PRO P 147 33.46 -13.17 -41.05
N ARG P 148 34.09 -12.83 -39.96
CA ARG P 148 33.59 -11.78 -39.08
C ARG P 148 33.15 -10.51 -39.82
N GLU P 149 33.88 -10.17 -40.88
CA GLU P 149 33.58 -8.96 -41.62
C GLU P 149 32.27 -9.06 -42.39
N GLU P 150 31.91 -10.25 -42.84
CA GLU P 150 30.62 -10.43 -43.50
C GLU P 150 29.48 -10.26 -42.48
N ALA P 151 29.69 -10.73 -41.26
CA ALA P 151 28.69 -10.53 -40.20
C ALA P 151 28.45 -9.04 -39.92
N THR P 152 29.54 -8.26 -39.89
CA THR P 152 29.45 -6.83 -39.68
C THR P 152 28.60 -6.19 -40.75
N GLU P 153 28.84 -6.58 -42.00
CA GLU P 153 28.08 -6.08 -43.14
C GLU P 153 26.60 -6.43 -43.01
N ILE P 154 26.33 -7.64 -42.53
CA ILE P 154 24.95 -8.08 -42.33
C ILE P 154 24.32 -7.24 -41.23
N GLU P 155 25.05 -7.04 -40.15
CA GLU P 155 24.56 -6.19 -39.05
C GLU P 155 24.28 -4.78 -39.53
N GLN P 156 25.18 -4.26 -40.35
CA GLN P 156 25.07 -2.88 -40.83
C GLN P 156 23.90 -2.76 -41.76
N THR P 157 23.61 -3.83 -42.50
CA THR P 157 22.47 -3.83 -43.41
C THR P 157 21.17 -3.68 -42.62
N VAL P 158 21.05 -4.45 -41.54
CA VAL P 158 19.85 -4.41 -40.69
C VAL P 158 19.75 -3.05 -39.98
N GLN P 159 20.86 -2.63 -39.39
CA GLN P 159 20.90 -1.39 -38.64
C GLN P 159 20.44 -0.20 -39.49
N LYS P 160 21.00 -0.08 -40.70
CA LYS P 160 20.64 1.06 -41.56
C LYS P 160 19.17 1.04 -41.96
N ALA P 161 18.62 -0.14 -42.26
CA ALA P 161 17.19 -0.21 -42.54
C ALA P 161 16.33 0.12 -41.32
N ALA P 162 16.78 -0.25 -40.13
CA ALA P 162 16.05 0.09 -38.90
C ALA P 162 16.11 1.59 -38.59
N GLN P 163 17.32 2.13 -38.62
CA GLN P 163 17.53 3.52 -38.26
C GLN P 163 16.91 4.47 -39.26
N ALA P 164 16.59 3.98 -40.45
CA ALA P 164 15.79 4.76 -41.41
C ALA P 164 14.40 5.05 -40.83
N PHE P 165 13.86 4.14 -40.01
CA PHE P 165 12.57 4.40 -39.38
C PHE P 165 12.72 5.25 -38.11
N ASN P 166 13.76 5.02 -37.33
CA ASN P 166 13.98 5.83 -36.14
C ASN P 166 15.46 5.83 -35.78
N SER P 167 16.08 7.00 -35.87
CA SER P 167 17.54 7.09 -35.77
C SER P 167 18.06 6.79 -34.38
N GLY P 168 17.19 6.78 -33.38
CA GLY P 168 17.60 6.44 -32.02
C GLY P 168 17.67 4.96 -31.70
N LEU P 169 17.24 4.11 -32.63
CA LEU P 169 17.25 2.66 -32.41
C LEU P 169 18.66 2.15 -32.14
N LEU P 170 18.82 1.25 -31.18
CA LEU P 170 20.12 0.63 -30.94
C LEU P 170 20.11 -0.77 -31.55
N CYS P 171 21.13 -1.07 -32.33
CA CYS P 171 21.21 -2.37 -33.01
C CYS P 171 22.55 -2.98 -32.69
N VAL P 172 22.53 -4.19 -32.15
CA VAL P 172 23.76 -4.86 -31.71
C VAL P 172 23.79 -6.30 -32.22
N ALA P 173 24.84 -6.68 -32.94
CA ALA P 173 24.93 -8.10 -33.33
C ALA P 173 25.42 -8.88 -32.11
N CYS P 174 24.87 -10.06 -31.85
CA CYS P 174 25.23 -10.78 -30.63
C CYS P 174 25.98 -12.08 -30.96
N GLY P 175 25.65 -13.17 -30.28
CA GLY P 175 26.21 -14.49 -30.59
C GLY P 175 27.73 -14.51 -30.62
N SER P 176 28.30 -15.36 -31.47
CA SER P 176 29.76 -15.50 -31.55
C SER P 176 30.43 -14.24 -32.06
N TYR P 177 29.72 -13.48 -32.89
CA TYR P 177 30.21 -12.20 -33.34
C TYR P 177 30.54 -11.32 -32.16
N ARG P 178 29.60 -11.22 -31.21
CA ARG P 178 29.80 -10.33 -30.08
C ARG P 178 30.86 -10.91 -29.17
N ARG P 179 30.99 -12.24 -29.19
CA ARG P 179 32.03 -12.87 -28.39
C ARG P 179 33.41 -12.80 -29.06
N GLY P 180 33.49 -12.10 -30.21
CA GLY P 180 34.76 -11.72 -30.79
C GLY P 180 35.38 -12.76 -31.69
N LYS P 181 34.60 -13.76 -32.10
CA LYS P 181 35.14 -14.82 -32.93
C LYS P 181 35.47 -14.29 -34.33
N ALA P 182 36.51 -14.84 -34.93
CA ALA P 182 36.90 -14.43 -36.28
C ALA P 182 35.92 -14.95 -37.35
N THR P 183 35.23 -16.06 -37.05
CA THR P 183 34.13 -16.53 -37.90
C THR P 183 32.84 -16.79 -37.09
N CYS P 184 31.71 -16.78 -37.80
CA CYS P 184 30.38 -16.83 -37.15
C CYS P 184 29.46 -17.75 -37.95
N GLY P 185 28.75 -18.64 -37.27
CA GLY P 185 27.85 -19.56 -37.96
C GLY P 185 26.55 -18.90 -38.36
N ASP P 186 26.20 -17.80 -37.69
CA ASP P 186 24.98 -17.07 -37.97
C ASP P 186 25.14 -15.66 -37.40
N VAL P 187 24.17 -14.79 -37.68
CA VAL P 187 24.13 -13.46 -37.07
C VAL P 187 22.78 -13.27 -36.37
N ASP P 188 22.83 -12.70 -35.17
CA ASP P 188 21.63 -12.30 -34.42
C ASP P 188 21.69 -10.81 -34.21
N VAL P 189 20.77 -10.03 -34.77
CA VAL P 189 20.77 -8.61 -34.46
C VAL P 189 19.67 -8.27 -33.45
N LEU P 190 20.07 -7.68 -32.34
CA LEU P 190 19.20 -7.28 -31.25
C LEU P 190 18.90 -5.81 -31.39
N ILE P 191 17.63 -5.44 -31.31
CA ILE P 191 17.22 -4.05 -31.48
C ILE P 191 16.35 -3.54 -30.34
N THR P 192 16.61 -2.31 -29.89
CA THR P 192 15.78 -1.70 -28.87
C THR P 192 15.83 -0.18 -29.01
N HIS P 193 15.15 0.52 -28.13
CA HIS P 193 15.17 1.98 -28.15
C HIS P 193 15.20 2.54 -26.74
N PRO P 194 16.14 3.46 -26.47
CA PRO P 194 16.34 3.93 -25.10
C PRO P 194 15.11 4.64 -24.50
N ASP P 195 14.17 5.12 -25.32
CA ASP P 195 13.02 5.82 -24.76
C ASP P 195 11.94 4.86 -24.22
N GLY P 196 12.11 3.56 -24.45
CA GLY P 196 11.15 2.57 -23.93
C GLY P 196 9.85 2.38 -24.72
N ARG P 197 9.68 3.11 -25.81
CA ARG P 197 8.44 3.02 -26.56
C ARG P 197 8.65 2.85 -28.05
N SER P 198 9.69 3.49 -28.56
CA SER P 198 9.78 3.66 -29.99
C SER P 198 10.31 2.41 -30.70
N HIS P 199 10.58 1.34 -29.96
CA HIS P 199 10.86 0.04 -30.59
C HIS P 199 9.57 -0.58 -31.13
N ARG P 200 8.42 -0.12 -30.63
CA ARG P 200 7.16 -0.70 -31.07
C ARG P 200 6.87 -0.29 -32.50
N GLY P 201 6.32 -1.20 -33.30
CA GLY P 201 5.94 -0.91 -34.66
C GLY P 201 7.14 -0.75 -35.60
N ILE P 202 8.23 -1.46 -35.31
CA ILE P 202 9.44 -1.40 -36.13
C ILE P 202 9.68 -2.75 -36.80
N PHE P 203 9.52 -3.81 -36.01
CA PHE P 203 9.74 -5.18 -36.47
C PHE P 203 9.13 -5.46 -37.84
N SER P 204 7.81 -5.29 -37.99
CA SER P 204 7.15 -5.64 -39.25
C SER P 204 7.64 -4.78 -40.41
N ARG P 205 7.81 -3.49 -40.16
CA ARG P 205 8.31 -2.53 -41.14
C ARG P 205 9.74 -2.84 -41.56
N LEU P 206 10.55 -3.21 -40.58
CA LEU P 206 11.95 -3.52 -40.85
C LEU P 206 12.03 -4.72 -41.78
N LEU P 207 11.28 -5.76 -41.48
CA LEU P 207 11.33 -6.96 -42.31
C LEU P 207 10.83 -6.66 -43.72
N ASP P 208 9.77 -5.86 -43.86
CA ASP P 208 9.31 -5.47 -45.21
C ASP P 208 10.39 -4.72 -45.97
N SER P 209 11.07 -3.81 -45.27
CA SER P 209 12.18 -3.07 -45.84
C SER P 209 13.30 -4.01 -46.35
N LEU P 210 13.68 -4.98 -45.53
CA LEU P 210 14.74 -5.90 -45.91
C LEU P 210 14.32 -6.85 -47.03
N ARG P 211 13.04 -7.18 -47.12
CA ARG P 211 12.56 -7.98 -48.25
C ARG P 211 12.63 -7.26 -49.57
N GLN P 212 12.14 -6.02 -49.60
CA GLN P 212 12.09 -5.22 -50.82
C GLN P 212 13.49 -5.04 -51.39
N GLU P 213 14.45 -4.93 -50.48
CA GLU P 213 15.86 -4.78 -50.82
C GLU P 213 16.41 -6.09 -51.41
N GLY P 214 15.67 -7.19 -51.25
CA GLY P 214 16.15 -8.49 -51.69
C GLY P 214 17.17 -9.09 -50.74
N PHE P 215 17.34 -8.45 -49.58
CA PHE P 215 18.26 -8.93 -48.54
C PHE P 215 17.79 -10.24 -47.87
N LEU P 216 16.52 -10.31 -47.46
CA LEU P 216 15.96 -11.55 -46.94
C LEU P 216 15.54 -12.44 -48.09
N THR P 217 16.00 -13.68 -48.14
CA THR P 217 15.67 -14.55 -49.27
C THR P 217 14.63 -15.61 -48.89
N ASP P 218 14.56 -15.96 -47.61
CA ASP P 218 13.62 -16.97 -47.11
C ASP P 218 13.30 -16.67 -45.63
N ASP P 219 12.08 -16.98 -45.19
CA ASP P 219 11.75 -16.95 -43.77
C ASP P 219 11.62 -18.34 -43.18
N LEU P 220 12.22 -18.54 -42.02
CA LEU P 220 12.07 -19.80 -41.29
C LEU P 220 10.95 -19.66 -40.25
N VAL P 221 11.00 -18.58 -39.48
CA VAL P 221 9.88 -18.18 -38.62
C VAL P 221 9.72 -16.66 -38.81
N SER P 222 8.66 -16.25 -39.50
CA SER P 222 8.43 -14.82 -39.87
C SER P 222 8.27 -13.91 -38.67
N GLN P 223 7.53 -14.39 -37.68
CA GLN P 223 7.44 -13.67 -36.44
C GLN P 223 7.17 -14.61 -35.28
N GLU P 224 7.91 -14.41 -34.21
CA GLU P 224 7.64 -15.11 -32.98
C GLU P 224 7.45 -14.09 -31.87
N GLU P 225 6.35 -14.21 -31.14
CA GLU P 225 6.07 -13.26 -30.09
C GLU P 225 6.27 -13.89 -28.72
N ASN P 226 7.25 -13.39 -27.98
CA ASN P 226 7.59 -13.92 -26.65
C ASN P 226 7.55 -12.75 -25.70
N GLY P 227 6.44 -12.66 -24.96
CA GLY P 227 6.14 -11.47 -24.18
C GLY P 227 6.16 -10.24 -25.09
N GLN P 228 6.90 -9.22 -24.67
CA GLN P 228 7.03 -8.03 -25.50
C GLN P 228 8.18 -8.12 -26.52
N GLN P 229 8.79 -9.29 -26.64
CA GLN P 229 9.87 -9.45 -27.62
C GLN P 229 9.31 -10.01 -28.95
N GLN P 230 9.81 -9.51 -30.08
CA GLN P 230 9.48 -10.02 -31.40
C GLN P 230 10.73 -10.59 -32.03
N LYS P 231 10.63 -11.81 -32.53
CA LYS P 231 11.80 -12.46 -33.08
C LYS P 231 11.53 -13.01 -34.49
N TYR P 232 12.49 -12.77 -35.37
CA TYR P 232 12.48 -13.23 -36.75
C TYR P 232 13.61 -14.25 -36.90
N LEU P 233 13.30 -15.41 -37.45
CA LEU P 233 14.35 -16.34 -37.86
C LEU P 233 14.28 -16.53 -39.38
N GLY P 234 15.36 -16.21 -40.10
CA GLY P 234 15.32 -16.36 -41.53
C GLY P 234 16.65 -16.48 -42.25
N VAL P 235 16.64 -16.10 -43.53
CA VAL P 235 17.77 -16.28 -44.43
C VAL P 235 18.08 -14.96 -45.14
N CYS P 236 19.32 -14.53 -45.05
CA CYS P 236 19.75 -13.33 -45.77
C CYS P 236 20.89 -13.60 -46.73
N ARG P 237 21.09 -12.67 -47.66
CA ARG P 237 22.20 -12.72 -48.61
C ARG P 237 22.63 -11.30 -49.00
N LEU P 238 23.87 -10.97 -48.73
CA LEU P 238 24.39 -9.64 -49.05
C LEU P 238 24.39 -9.47 -50.57
N PRO P 239 24.36 -8.22 -51.05
CA PRO P 239 24.46 -7.98 -52.49
C PRO P 239 25.83 -8.40 -53.00
N GLY P 240 25.93 -8.69 -54.28
CA GLY P 240 27.23 -8.96 -54.88
C GLY P 240 27.28 -10.36 -55.44
N PRO P 241 28.19 -10.60 -56.40
CA PRO P 241 28.25 -11.93 -57.02
C PRO P 241 28.84 -12.98 -56.10
N GLY P 242 28.26 -14.17 -56.15
CA GLY P 242 28.81 -15.31 -55.43
C GLY P 242 28.69 -15.24 -53.91
N ARG P 243 27.77 -14.43 -53.40
CA ARG P 243 27.52 -14.40 -51.95
C ARG P 243 26.75 -15.65 -51.50
N ARG P 244 27.11 -16.16 -50.33
CA ARG P 244 26.38 -17.24 -49.71
C ARG P 244 25.15 -16.73 -48.94
N HIS P 245 24.16 -17.60 -48.79
CA HIS P 245 23.03 -17.39 -47.91
C HIS P 245 23.45 -17.70 -46.46
N ARG P 246 23.06 -16.82 -45.54
CA ARG P 246 23.44 -16.89 -44.13
C ARG P 246 22.20 -16.88 -43.24
N ARG P 247 22.27 -17.62 -42.15
CA ARG P 247 21.25 -17.56 -41.12
C ARG P 247 21.26 -16.24 -40.38
N LEU P 248 20.13 -15.55 -40.41
CA LEU P 248 19.97 -14.28 -39.69
C LEU P 248 18.75 -14.35 -38.77
N ASP P 249 18.95 -13.95 -37.52
CA ASP P 249 17.85 -13.69 -36.60
C ASP P 249 17.81 -12.22 -36.27
N ILE P 250 16.60 -11.68 -36.14
CA ILE P 250 16.40 -10.30 -35.72
C ILE P 250 15.46 -10.27 -34.51
N ILE P 251 15.88 -9.62 -33.42
CA ILE P 251 15.07 -9.55 -32.20
C ILE P 251 14.86 -8.11 -31.78
N VAL P 252 13.59 -7.73 -31.60
CA VAL P 252 13.27 -6.38 -31.15
C VAL P 252 12.71 -6.49 -29.74
N VAL P 253 13.23 -5.70 -28.81
CA VAL P 253 12.90 -5.87 -27.39
C VAL P 253 12.72 -4.52 -26.71
N PRO P 254 11.91 -4.49 -25.65
CA PRO P 254 11.76 -3.22 -24.91
C PRO P 254 13.02 -2.92 -24.14
N TYR P 255 13.30 -1.63 -23.95
CA TYR P 255 14.56 -1.20 -23.33
C TYR P 255 14.86 -1.87 -21.99
N SER P 256 13.83 -2.10 -21.18
CA SER P 256 14.04 -2.65 -19.84
C SER P 256 14.57 -4.07 -19.88
N GLU P 257 14.41 -4.75 -21.03
CA GLU P 257 14.88 -6.12 -21.20
C GLU P 257 16.20 -6.21 -22.00
N PHE P 258 16.78 -5.06 -22.32
CA PHE P 258 17.93 -5.01 -23.22
C PHE P 258 19.12 -5.76 -22.64
N ALA P 259 19.45 -5.51 -21.37
CA ALA P 259 20.62 -6.17 -20.78
C ALA P 259 20.46 -7.68 -20.76
N CYS P 260 19.29 -8.18 -20.39
CA CYS P 260 19.11 -9.62 -20.31
C CYS P 260 19.00 -10.25 -21.70
N ALA P 261 18.40 -9.53 -22.63
CA ALA P 261 18.39 -10.02 -24.01
C ALA P 261 19.81 -10.07 -24.59
N LEU P 262 20.59 -9.04 -24.35
CA LEU P 262 22.01 -9.01 -24.77
C LEU P 262 22.74 -10.23 -24.24
N LEU P 263 22.50 -10.50 -22.96
CA LEU P 263 23.19 -11.59 -22.29
C LEU P 263 22.81 -12.89 -22.95
N TYR P 264 21.50 -13.08 -23.08
CA TYR P 264 20.98 -14.32 -23.63
C TYR P 264 21.44 -14.59 -25.06
N PHE P 265 21.26 -13.59 -25.93
CA PHE P 265 21.59 -13.78 -27.34
C PHE P 265 23.08 -13.72 -27.61
N THR P 266 23.86 -13.19 -26.68
CA THR P 266 25.31 -13.28 -26.82
C THR P 266 25.76 -14.70 -26.47
N GLY P 267 25.09 -15.34 -25.51
CA GLY P 267 25.46 -16.71 -25.17
C GLY P 267 26.88 -16.81 -24.60
N SER P 268 27.59 -17.93 -24.81
CA SER P 268 27.12 -19.10 -25.55
C SER P 268 26.00 -19.83 -24.82
N ALA P 269 25.40 -20.79 -25.52
CA ALA P 269 24.37 -21.64 -24.95
C ALA P 269 24.90 -22.33 -23.68
N HIS P 270 26.17 -22.76 -23.68
CA HIS P 270 26.78 -23.37 -22.48
C HIS P 270 26.82 -22.37 -21.33
N PHE P 271 27.23 -21.14 -21.65
CA PHE P 271 27.32 -20.05 -20.68
C PHE P 271 25.96 -19.72 -20.11
N ASN P 272 24.97 -19.59 -20.98
CA ASN P 272 23.60 -19.38 -20.53
C ASN P 272 23.15 -20.48 -19.57
N ARG P 273 23.42 -21.72 -19.92
CA ARG P 273 23.02 -22.84 -19.08
C ARG P 273 23.62 -22.70 -17.68
N SER P 274 24.89 -22.31 -17.61
CA SER P 274 25.57 -22.14 -16.32
C SER P 274 25.01 -20.97 -15.53
N MET P 275 24.69 -19.86 -16.22
CA MET P 275 24.08 -18.72 -15.54
C MET P 275 22.71 -19.05 -14.97
N ARG P 276 21.89 -19.82 -15.71
CA ARG P 276 20.57 -20.20 -15.21
C ARG P 276 20.72 -21.07 -13.97
N ALA P 277 21.62 -22.06 -14.02
CA ALA P 277 21.84 -22.92 -12.85
C ALA P 277 22.30 -22.12 -11.64
N LEU P 278 23.21 -21.18 -11.87
CA LEU P 278 23.67 -20.30 -10.80
C LEU P 278 22.53 -19.47 -10.22
N ALA P 279 21.66 -18.97 -11.10
CA ALA P 279 20.52 -18.18 -10.66
C ALA P 279 19.60 -19.02 -9.78
N LYS P 280 19.36 -20.25 -10.23
CA LYS P 280 18.53 -21.19 -9.49
C LYS P 280 19.04 -21.40 -8.04
N THR P 281 20.35 -21.56 -7.87
CA THR P 281 20.93 -21.68 -6.53
C THR P 281 20.62 -20.48 -5.67
N LYS P 282 20.35 -19.34 -6.28
CA LYS P 282 20.04 -18.13 -5.53
C LYS P 282 18.56 -17.84 -5.50
N GLY P 283 17.76 -18.86 -5.81
CA GLY P 283 16.32 -18.71 -5.85
C GLY P 283 15.91 -17.61 -6.83
N MET P 284 16.61 -17.55 -7.96
CA MET P 284 16.29 -16.60 -9.02
C MET P 284 16.15 -17.32 -10.35
N SER P 285 15.60 -16.63 -11.34
CA SER P 285 15.52 -17.21 -12.68
C SER P 285 16.09 -16.20 -13.64
N LEU P 286 16.74 -16.67 -14.69
CA LEU P 286 17.28 -15.75 -15.70
C LEU P 286 16.81 -16.18 -17.09
N SER P 287 16.15 -15.27 -17.80
CA SER P 287 15.72 -15.50 -19.17
C SER P 287 16.20 -14.37 -20.06
N GLU P 288 15.80 -14.39 -21.34
CA GLU P 288 16.10 -13.25 -22.21
C GLU P 288 15.30 -12.00 -21.83
N HIS P 289 14.27 -12.14 -20.99
CA HIS P 289 13.52 -10.97 -20.50
C HIS P 289 14.13 -10.30 -19.27
N ALA P 290 14.60 -11.11 -18.32
CA ALA P 290 14.75 -10.60 -16.97
C ALA P 290 15.45 -11.56 -16.04
N LEU P 291 16.15 -10.97 -15.07
CA LEU P 291 16.51 -11.67 -13.84
C LEU P 291 15.36 -11.48 -12.87
N SER P 292 14.79 -12.57 -12.37
CA SER P 292 13.61 -12.47 -11.50
C SER P 292 13.79 -13.31 -10.23
N THR P 293 13.10 -12.91 -9.16
CA THR P 293 13.01 -13.76 -7.99
C THR P 293 12.20 -15.02 -8.36
N ALA P 294 12.28 -16.06 -7.53
CA ALA P 294 11.61 -17.33 -7.83
C ALA P 294 10.09 -17.20 -8.00
N VAL P 295 9.51 -18.13 -8.76
CA VAL P 295 8.07 -18.14 -9.04
C VAL P 295 7.21 -18.47 -7.83
N VAL P 296 5.92 -18.17 -7.92
CA VAL P 296 4.95 -18.47 -6.87
C VAL P 296 4.51 -19.93 -6.88
N ARG P 297 4.86 -20.68 -5.84
CA ARG P 297 4.46 -22.09 -5.76
C ARG P 297 3.48 -22.34 -4.61
N ASN P 298 2.36 -22.99 -4.92
CA ASN P 298 1.25 -23.17 -3.98
C ASN P 298 1.52 -24.16 -2.85
N THR P 299 0.45 -24.59 -2.18
CA THR P 299 0.54 -25.53 -1.07
C THR P 299 1.13 -26.86 -1.54
N HIS P 300 0.65 -27.34 -2.68
CA HIS P 300 1.13 -28.58 -3.26
C HIS P 300 2.39 -28.35 -4.10
N GLY P 301 2.97 -27.15 -3.98
CA GLY P 301 4.23 -26.84 -4.60
C GLY P 301 4.21 -26.83 -6.12
N CYS P 302 3.56 -25.84 -6.70
CA CYS P 302 3.49 -25.72 -8.15
C CYS P 302 3.33 -24.27 -8.58
N LYS P 303 3.92 -23.93 -9.72
CA LYS P 303 3.89 -22.57 -10.26
C LYS P 303 2.48 -22.04 -10.36
N VAL P 304 2.18 -21.01 -9.56
CA VAL P 304 0.89 -20.35 -9.59
C VAL P 304 1.09 -18.85 -9.54
N GLY P 305 2.01 -18.35 -10.37
CA GLY P 305 2.32 -16.93 -10.41
C GLY P 305 3.79 -16.67 -10.68
N PRO P 306 4.09 -15.62 -11.45
CA PRO P 306 5.47 -15.29 -11.82
C PRO P 306 6.23 -14.66 -10.66
N GLY P 307 7.56 -14.73 -10.67
CA GLY P 307 8.37 -14.03 -9.69
C GLY P 307 8.35 -12.55 -10.00
N ARG P 308 9.22 -11.77 -9.37
CA ARG P 308 9.25 -10.33 -9.65
C ARG P 308 10.56 -9.92 -10.31
N VAL P 309 10.48 -9.04 -11.31
CA VAL P 309 11.68 -8.66 -12.05
C VAL P 309 12.65 -7.84 -11.18
N LEU P 310 13.92 -8.26 -11.12
CA LEU P 310 14.96 -7.41 -10.54
C LEU P 310 15.53 -6.53 -11.65
N PRO P 311 15.37 -5.21 -11.55
CA PRO P 311 15.80 -4.33 -12.63
C PRO P 311 17.30 -4.43 -12.90
N THR P 312 17.65 -4.58 -14.18
CA THR P 312 19.04 -4.73 -14.58
C THR P 312 19.29 -3.85 -15.80
N PRO P 313 19.67 -2.60 -15.58
CA PRO P 313 19.96 -1.66 -16.67
C PRO P 313 21.08 -2.14 -17.59
N THR P 314 22.09 -2.80 -17.03
CA THR P 314 23.21 -3.28 -17.85
C THR P 314 23.50 -4.73 -17.56
N GLU P 315 24.29 -5.36 -18.44
CA GLU P 315 24.79 -6.70 -18.18
C GLU P 315 25.56 -6.80 -16.85
N LYS P 316 26.32 -5.76 -16.49
CA LYS P 316 27.10 -5.78 -15.25
C LYS P 316 26.18 -5.92 -14.03
N ASP P 317 25.03 -5.27 -14.08
CA ASP P 317 24.01 -5.41 -13.05
C ASP P 317 23.51 -6.83 -12.85
N VAL P 318 23.37 -7.58 -13.94
CA VAL P 318 22.94 -8.97 -13.81
C VAL P 318 24.00 -9.80 -13.09
N PHE P 319 25.26 -9.62 -13.48
CA PHE P 319 26.37 -10.35 -12.87
C PHE P 319 26.47 -10.01 -11.39
N ARG P 320 26.38 -8.72 -11.11
CA ARG P 320 26.41 -8.20 -9.75
C ARG P 320 25.38 -8.91 -8.90
N LEU P 321 24.12 -8.85 -9.34
CA LEU P 321 23.02 -9.41 -8.57
C LEU P 321 23.15 -10.90 -8.40
N LEU P 322 23.97 -11.53 -9.24
CA LEU P 322 24.22 -12.97 -9.11
C LEU P 322 25.48 -13.26 -8.29
N GLY P 323 26.12 -12.21 -7.79
CA GLY P 323 27.32 -12.37 -6.98
C GLY P 323 28.52 -12.76 -7.81
N LEU P 324 28.47 -12.39 -9.09
CA LEU P 324 29.51 -12.72 -10.05
C LEU P 324 30.24 -11.47 -10.52
N PRO P 325 31.54 -11.62 -10.83
CA PRO P 325 32.25 -10.58 -11.55
C PRO P 325 31.78 -10.53 -12.99
N TYR P 326 31.85 -9.34 -13.60
CA TYR P 326 31.52 -9.18 -15.00
C TYR P 326 32.40 -10.06 -15.84
N ARG P 327 31.80 -10.68 -16.85
CA ARG P 327 32.58 -11.39 -17.84
C ARG P 327 32.43 -10.72 -19.18
N GLU P 328 33.55 -10.37 -19.79
CA GLU P 328 33.53 -9.78 -21.12
C GLU P 328 32.94 -10.84 -22.04
N PRO P 329 32.22 -10.41 -23.07
CA PRO P 329 31.65 -11.38 -24.04
C PRO P 329 32.67 -12.38 -24.54
N ALA P 330 33.90 -11.94 -24.80
CA ALA P 330 34.95 -12.85 -25.30
C ALA P 330 35.25 -14.01 -24.35
N GLU P 331 34.91 -13.87 -23.07
CA GLU P 331 35.18 -14.93 -22.11
C GLU P 331 33.93 -15.73 -21.76
N ARG P 332 32.93 -15.72 -22.64
CA ARG P 332 31.68 -16.43 -22.37
C ARG P 332 31.45 -17.66 -23.24
N ASP P 333 32.51 -18.36 -23.62
CA ASP P 333 32.32 -19.55 -24.45
C ASP P 333 31.65 -20.66 -23.64
N TRP P 334 31.88 -20.64 -22.33
CA TRP P 334 31.14 -21.50 -21.41
C TRP P 334 31.36 -21.00 -20.00
NA NA Q . -12.62 1.64 -10.50
NA NA R . -30.65 -24.06 -5.41
NA NA S . -20.36 -11.29 34.55
NA NA T . 16.36 38.39 14.00
NA NA U . 18.79 -29.78 -37.65
NA NA V . 33.90 -34.43 -10.55
#